data_5IGQ
#
_entry.id   5IGQ
#
_cell.length_a   247.646
_cell.length_b   249.576
_cell.length_c   124.512
_cell.angle_alpha   90.00
_cell.angle_beta   90.00
_cell.angle_gamma   90.00
#
_symmetry.space_group_name_H-M   'C 2 2 2'
#
loop_
_entity.id
_entity.type
_entity.pdbx_description
1 polymer 'E3 ubiquitin-protein ligase RFWD2'
2 polymer 'Tribbles homolog 1'
3 polymer 'Tribbles homolog 1'
#
loop_
_entity_poly.entity_id
_entity_poly.type
_entity_poly.pdbx_seq_one_letter_code
_entity_poly.pdbx_strand_id
1 'polypeptide(L)'
;MHHHHHHASQLDEFQECLSKFTRYNSVRPLATLSYASDLYNGSSIVSSIEFDRDCDYFAIAGVTKKIKVYEYDTVIQDAV
DIHYPENEMTCNSKISCISWSSYHKNLLASSDYEGTVILWDGFTGQRSKVYQEHEKRCWSVDFNLMDPKLLASGSDDAKV
KLWSTNLDNSVASIEAKANVCCVKFSPSSRYHLAFGCADHCVHYYDLRNTKQPIMVFKGHRKAVSYAKFVSGEEIVSAST
DSQLKLWNVGKPYCLRSFKGHINEKNFVGLASNGDYIACGSENNSLYLYYKGLSKTLLTFKFDTVKSVLDKDRKEDDTNE
FVSAVCWRALPDGESNVLIAANSQGTIKVLELV
;
A,B,C,D,E,F
2 'polypeptide(L)' SDQIVPEYQED U
3 'polypeptide(L)' SDQIVPEY V,W,X,Y,Z
#
# COMPACT_ATOMS: atom_id res chain seq x y z
N GLU A 13 -23.09 -19.13 -27.68
CA GLU A 13 -22.48 -19.79 -26.52
C GLU A 13 -23.28 -19.49 -25.26
N PHE A 14 -24.35 -18.72 -25.40
CA PHE A 14 -25.19 -18.37 -24.25
C PHE A 14 -25.92 -19.60 -23.72
N GLN A 15 -26.43 -20.45 -24.61
CA GLN A 15 -27.16 -21.64 -24.19
C GLN A 15 -26.27 -22.58 -23.40
N GLU A 16 -25.01 -22.71 -23.80
CA GLU A 16 -24.07 -23.54 -23.03
C GLU A 16 -23.81 -22.95 -21.66
N CYS A 17 -23.69 -21.63 -21.58
CA CYS A 17 -23.59 -20.97 -20.27
C CYS A 17 -24.78 -21.31 -19.40
N LEU A 18 -25.98 -21.31 -19.98
CA LEU A 18 -27.18 -21.66 -19.22
C LEU A 18 -27.13 -23.10 -18.73
N SER A 19 -26.95 -24.06 -19.66
CA SER A 19 -26.95 -25.47 -19.28
C SER A 19 -25.87 -25.77 -18.25
N LYS A 20 -24.74 -25.07 -18.32
CA LYS A 20 -23.69 -25.27 -17.32
C LYS A 20 -24.03 -24.63 -15.98
N PHE A 21 -24.75 -23.51 -15.99
CA PHE A 21 -25.08 -22.85 -14.73
C PHE A 21 -26.17 -23.60 -13.96
N THR A 22 -27.06 -24.31 -14.67
CA THR A 22 -28.14 -25.05 -14.04
C THR A 22 -27.83 -26.54 -13.91
N ARG A 23 -26.58 -26.95 -14.16
CA ARG A 23 -26.22 -28.36 -14.08
C ARG A 23 -26.48 -28.93 -12.69
N TYR A 24 -26.18 -28.16 -11.64
CA TYR A 24 -26.38 -28.60 -10.27
C TYR A 24 -27.37 -27.68 -9.58
N ASN A 25 -28.19 -28.27 -8.70
CA ASN A 25 -29.16 -27.51 -7.93
C ASN A 25 -29.20 -27.90 -6.46
N SER A 26 -28.42 -28.90 -6.03
CA SER A 26 -28.45 -29.37 -4.65
C SER A 26 -27.08 -29.91 -4.27
N VAL A 27 -26.89 -30.12 -2.98
CA VAL A 27 -25.65 -30.65 -2.43
C VAL A 27 -26.00 -31.75 -1.43
N ARG A 28 -25.17 -32.78 -1.38
CA ARG A 28 -25.38 -33.90 -0.47
C ARG A 28 -24.09 -34.20 0.27
N PRO A 29 -24.09 -34.12 1.61
CA PRO A 29 -22.88 -34.48 2.38
C PRO A 29 -22.72 -36.00 2.43
N LEU A 30 -21.49 -36.46 2.20
CA LEU A 30 -21.18 -37.88 2.21
C LEU A 30 -20.46 -38.33 3.48
N ALA A 31 -19.75 -37.42 4.15
CA ALA A 31 -19.02 -37.77 5.36
C ALA A 31 -18.78 -36.50 6.16
N THR A 32 -18.33 -36.69 7.41
CA THR A 32 -18.05 -35.58 8.31
C THR A 32 -16.95 -36.02 9.27
N LEU A 33 -15.83 -35.30 9.27
CA LEU A 33 -14.69 -35.60 10.13
C LEU A 33 -14.32 -34.36 10.93
N SER A 34 -13.42 -34.56 11.88
CA SER A 34 -12.90 -33.49 12.72
C SER A 34 -11.38 -33.55 12.70
N TYR A 35 -10.75 -32.43 12.34
CA TYR A 35 -9.29 -32.35 12.31
C TYR A 35 -8.68 -32.40 13.70
N ALA A 36 -9.47 -32.15 14.74
CA ALA A 36 -8.98 -32.20 16.10
C ALA A 36 -9.28 -33.55 16.74
N LEU A 39 -9.31 -30.78 20.18
CA LEU A 39 -8.21 -30.98 21.12
C LEU A 39 -8.07 -29.79 22.08
N TYR A 40 -8.48 -30.02 23.34
CA TYR A 40 -8.38 -29.01 24.40
C TYR A 40 -9.05 -27.70 24.01
N ASN A 41 -10.05 -27.78 23.14
CA ASN A 41 -10.78 -26.63 22.60
C ASN A 41 -9.85 -25.63 21.90
N GLY A 42 -8.65 -26.06 21.54
CA GLY A 42 -7.72 -25.18 20.86
C GLY A 42 -8.10 -24.99 19.40
N SER A 43 -7.35 -24.12 18.74
CA SER A 43 -7.59 -23.84 17.33
C SER A 43 -7.32 -25.08 16.50
N SER A 44 -8.24 -25.37 15.57
CA SER A 44 -8.14 -26.55 14.71
C SER A 44 -8.46 -26.18 13.27
N ILE A 45 -8.00 -25.01 12.83
CA ILE A 45 -8.29 -24.53 11.49
C ILE A 45 -7.54 -25.39 10.47
N VAL A 46 -8.23 -25.78 9.41
CA VAL A 46 -7.65 -26.63 8.38
C VAL A 46 -7.14 -25.73 7.26
N SER A 47 -5.82 -25.75 7.04
CA SER A 47 -5.24 -24.82 6.08
C SER A 47 -5.24 -25.41 4.67
N SER A 48 -5.09 -26.72 4.53
CA SER A 48 -4.91 -27.31 3.21
C SER A 48 -5.51 -28.71 3.16
N ILE A 49 -6.08 -29.04 1.99
CA ILE A 49 -6.64 -30.35 1.70
C ILE A 49 -6.25 -30.69 0.27
N GLU A 50 -5.62 -31.85 0.06
CA GLU A 50 -5.17 -32.21 -1.28
C GLU A 50 -5.32 -33.70 -1.52
N PHE A 51 -5.65 -34.06 -2.75
CA PHE A 51 -5.77 -35.45 -3.15
C PHE A 51 -4.47 -35.95 -3.75
N ASP A 52 -4.16 -37.23 -3.53
CA ASP A 52 -3.02 -37.83 -4.20
C ASP A 52 -3.31 -37.98 -5.69
N ARG A 53 -2.33 -38.51 -6.43
CA ARG A 53 -2.44 -38.55 -7.89
C ARG A 53 -3.64 -39.38 -8.33
N ASP A 54 -3.85 -40.55 -7.72
CA ASP A 54 -4.95 -41.42 -8.10
C ASP A 54 -6.26 -41.05 -7.42
N CYS A 55 -6.28 -39.99 -6.61
CA CYS A 55 -7.43 -39.62 -5.79
C CYS A 55 -7.86 -40.73 -4.83
N ASP A 56 -6.95 -41.68 -4.56
CA ASP A 56 -7.24 -42.75 -3.62
C ASP A 56 -7.21 -42.25 -2.18
N TYR A 57 -6.36 -41.27 -1.89
CA TYR A 57 -6.16 -40.75 -0.55
C TYR A 57 -6.17 -39.23 -0.60
N PHE A 58 -6.57 -38.61 0.51
CA PHE A 58 -6.49 -37.17 0.65
C PHE A 58 -5.83 -36.81 1.97
N ALA A 59 -5.05 -35.74 1.95
CA ALA A 59 -4.32 -35.26 3.11
C ALA A 59 -4.86 -33.92 3.57
N ILE A 60 -4.83 -33.72 4.89
CA ILE A 60 -5.39 -32.56 5.57
C ILE A 60 -4.32 -31.99 6.49
N ALA A 61 -4.10 -30.68 6.40
CA ALA A 61 -3.07 -30.02 7.20
C ALA A 61 -3.60 -28.69 7.72
N GLY A 62 -3.18 -28.34 8.93
CA GLY A 62 -3.66 -27.12 9.55
C GLY A 62 -2.79 -26.59 10.67
N VAL A 63 -3.43 -26.01 11.69
CA VAL A 63 -2.72 -25.33 12.76
C VAL A 63 -2.25 -26.25 13.88
N THR A 64 -2.82 -27.46 13.98
CA THR A 64 -2.42 -28.38 15.04
C THR A 64 -1.06 -29.03 14.78
N LYS A 65 -0.37 -28.62 13.72
CA LYS A 65 0.97 -29.13 13.39
C LYS A 65 0.94 -30.61 13.03
N LYS A 66 -0.13 -31.05 12.35
CA LYS A 66 -0.30 -32.46 12.02
C LYS A 66 -0.84 -32.60 10.61
N ILE A 67 -0.23 -33.50 9.83
CA ILE A 67 -0.74 -33.88 8.52
C ILE A 67 -1.46 -35.23 8.67
N LYS A 68 -2.75 -35.25 8.37
CA LYS A 68 -3.55 -36.45 8.52
C LYS A 68 -3.98 -36.95 7.14
N VAL A 69 -3.66 -38.20 6.84
CA VAL A 69 -3.98 -38.81 5.55
C VAL A 69 -5.14 -39.78 5.74
N TYR A 70 -6.08 -39.75 4.80
CA TYR A 70 -7.26 -40.61 4.85
C TYR A 70 -7.48 -41.28 3.50
N GLU A 71 -7.96 -42.52 3.55
CA GLU A 71 -8.38 -43.25 2.36
C GLU A 71 -9.83 -42.88 2.04
N TYR A 72 -10.05 -42.42 0.80
CA TYR A 72 -11.36 -41.86 0.43
C TYR A 72 -12.47 -42.90 0.58
N ASP A 73 -12.24 -44.11 0.08
CA ASP A 73 -13.30 -45.13 0.10
C ASP A 73 -13.67 -45.54 1.52
N THR A 74 -12.70 -45.57 2.44
CA THR A 74 -13.00 -45.94 3.81
C THR A 74 -13.80 -44.84 4.51
N VAL A 75 -13.60 -43.57 4.13
CA VAL A 75 -14.22 -42.46 4.83
C VAL A 75 -15.72 -42.41 4.54
N ILE A 76 -16.11 -42.58 3.29
CA ILE A 76 -17.50 -42.41 2.88
C ILE A 76 -18.33 -43.64 3.21
N GLN A 77 -17.82 -44.48 4.11
CA GLN A 77 -18.52 -45.68 4.56
C GLN A 77 -18.39 -45.78 6.07
N ASP A 78 -19.53 -45.93 6.75
CA ASP A 78 -19.68 -45.94 8.21
C ASP A 78 -19.63 -44.54 8.77
N ALA A 79 -19.84 -44.41 10.09
CA ALA A 79 -19.89 -43.10 10.74
C ALA A 79 -18.90 -43.01 11.87
N ILE A 82 -16.45 -41.99 13.76
CA ILE A 82 -15.53 -43.10 13.63
C ILE A 82 -14.77 -43.01 12.31
N HIS A 83 -13.67 -42.25 12.33
CA HIS A 83 -12.83 -42.07 11.14
C HIS A 83 -11.39 -41.91 11.62
N TYR A 84 -10.58 -42.95 11.45
CA TYR A 84 -9.19 -42.85 11.86
C TYR A 84 -8.27 -42.74 10.65
N PRO A 85 -7.27 -41.85 10.70
CA PRO A 85 -6.43 -41.62 9.53
C PRO A 85 -5.58 -42.84 9.19
N GLU A 86 -5.39 -43.07 7.89
CA GLU A 86 -4.51 -44.13 7.43
C GLU A 86 -3.08 -43.91 7.91
N ASN A 87 -2.67 -42.65 8.00
CA ASN A 87 -1.34 -42.31 8.51
C ASN A 87 -1.35 -40.86 8.97
N GLU A 88 -0.79 -40.62 10.15
CA GLU A 88 -0.73 -39.29 10.74
C GLU A 88 0.73 -38.93 10.99
N MET A 89 1.13 -37.74 10.55
CA MET A 89 2.50 -37.26 10.66
C MET A 89 2.51 -35.99 11.52
N THR A 90 3.20 -36.06 12.65
CA THR A 90 3.36 -34.90 13.51
C THR A 90 4.52 -34.03 13.01
N CYS A 91 4.31 -32.72 13.00
CA CYS A 91 5.29 -31.77 12.51
C CYS A 91 5.78 -30.87 13.63
N ASN A 92 6.79 -30.05 13.31
CA ASN A 92 7.38 -29.17 14.31
C ASN A 92 6.58 -27.88 14.47
N SER A 93 5.98 -27.38 13.39
CA SER A 93 5.29 -26.09 13.43
C SER A 93 3.96 -26.20 12.69
N LYS A 94 3.18 -25.14 12.78
CA LYS A 94 1.89 -25.08 12.11
C LYS A 94 2.06 -25.07 10.60
N ILE A 95 1.20 -25.80 9.91
CA ILE A 95 1.33 -26.05 8.48
C ILE A 95 0.36 -25.15 7.72
N SER A 96 0.84 -24.59 6.60
CA SER A 96 0.03 -23.69 5.78
C SER A 96 -0.44 -24.30 4.47
N CYS A 97 0.26 -25.31 3.94
CA CYS A 97 -0.10 -25.86 2.64
C CYS A 97 0.52 -27.24 2.49
N ILE A 98 -0.09 -28.04 1.62
CA ILE A 98 0.43 -29.34 1.21
C ILE A 98 0.14 -29.51 -0.28
N SER A 99 0.87 -30.44 -0.90
CA SER A 99 0.71 -30.69 -2.32
C SER A 99 1.27 -32.06 -2.65
N TRP A 100 0.45 -32.90 -3.28
CA TRP A 100 0.90 -34.21 -3.73
C TRP A 100 1.62 -34.10 -5.06
N SER A 101 2.55 -35.02 -5.29
CA SER A 101 3.23 -35.11 -6.57
C SER A 101 2.35 -35.78 -7.61
N SER A 102 2.35 -35.24 -8.81
CA SER A 102 1.60 -35.85 -9.90
C SER A 102 2.32 -37.03 -10.54
N TYR A 103 3.59 -37.24 -10.20
CA TYR A 103 4.39 -38.34 -10.74
C TYR A 103 4.54 -39.49 -9.75
N HIS A 104 4.76 -39.19 -8.47
CA HIS A 104 5.02 -40.20 -7.45
C HIS A 104 3.85 -40.21 -6.48
N LYS A 105 3.18 -41.37 -6.38
CA LYS A 105 1.94 -41.46 -5.62
C LYS A 105 2.15 -41.20 -4.14
N ASN A 106 3.34 -41.46 -3.62
CA ASN A 106 3.61 -41.31 -2.20
C ASN A 106 4.31 -40.00 -1.84
N LEU A 107 4.69 -39.20 -2.84
CA LEU A 107 5.43 -37.96 -2.59
C LEU A 107 4.45 -36.84 -2.26
N LEU A 108 4.63 -36.20 -1.10
CA LEU A 108 3.73 -35.17 -0.62
C LEU A 108 4.52 -34.11 0.12
N ALA A 109 4.44 -32.87 -0.35
CA ALA A 109 5.20 -31.76 0.21
C ALA A 109 4.36 -31.00 1.26
N SER A 110 5.07 -30.24 2.10
CA SER A 110 4.41 -29.46 3.13
C SER A 110 5.24 -28.21 3.43
N SER A 111 4.55 -27.10 3.69
CA SER A 111 5.17 -25.85 4.11
C SER A 111 4.58 -25.43 5.44
N ASP A 112 5.44 -24.87 6.31
CA ASP A 112 5.04 -24.51 7.66
C ASP A 112 5.42 -23.06 7.94
N TYR A 113 5.13 -22.61 9.17
CA TYR A 113 5.37 -21.23 9.56
C TYR A 113 6.85 -20.94 9.79
N GLU A 114 7.68 -21.98 9.99
CA GLU A 114 9.12 -21.77 10.09
C GLU A 114 9.75 -21.40 8.76
N GLY A 115 9.02 -21.49 7.66
CA GLY A 115 9.60 -21.37 6.34
C GLY A 115 10.15 -22.66 5.79
N THR A 116 9.97 -23.77 6.48
CA THR A 116 10.50 -25.05 6.05
C THR A 116 9.62 -25.66 4.96
N VAL A 117 10.26 -26.31 4.00
CA VAL A 117 9.58 -27.03 2.93
C VAL A 117 10.02 -28.48 3.04
N ILE A 118 9.17 -29.33 3.60
CA ILE A 118 9.50 -30.72 3.87
C ILE A 118 8.87 -31.61 2.82
N LEU A 119 9.66 -32.54 2.30
CA LEU A 119 9.15 -33.59 1.40
C LEU A 119 8.90 -34.85 2.19
N TRP A 120 7.70 -35.40 2.06
CA TRP A 120 7.25 -36.55 2.83
C TRP A 120 6.91 -37.71 1.91
N ASP A 121 7.14 -38.92 2.42
CA ASP A 121 6.44 -40.11 1.94
C ASP A 121 5.15 -40.16 2.76
N GLY A 122 4.05 -39.71 2.15
CA GLY A 122 2.79 -39.55 2.84
C GLY A 122 2.31 -40.76 3.61
N PHE A 123 2.90 -41.93 3.32
CA PHE A 123 2.57 -43.17 4.01
C PHE A 123 3.55 -43.49 5.12
N THR A 124 4.83 -43.71 4.77
CA THR A 124 5.82 -44.08 5.78
C THR A 124 6.12 -42.93 6.75
N GLY A 125 5.79 -41.70 6.39
CA GLY A 125 6.14 -40.55 7.21
C GLY A 125 7.59 -40.16 7.19
N GLN A 126 8.42 -40.83 6.38
CA GLN A 126 9.84 -40.52 6.30
C GLN A 126 10.05 -39.15 5.66
N ARG A 127 11.19 -38.56 5.95
CA ARG A 127 11.61 -37.29 5.38
C ARG A 127 12.79 -37.53 4.45
N SER A 128 12.60 -37.26 3.16
CA SER A 128 13.69 -37.37 2.19
C SER A 128 14.38 -36.05 1.91
N LYS A 129 13.69 -34.93 2.13
CA LYS A 129 14.28 -33.60 1.94
C LYS A 129 13.66 -32.64 2.93
N VAL A 130 14.50 -31.85 3.59
CA VAL A 130 14.07 -30.80 4.51
C VAL A 130 14.71 -29.50 4.01
N TYR A 131 13.94 -28.67 3.33
CA TYR A 131 14.44 -27.43 2.76
C TYR A 131 14.27 -26.30 3.77
N GLN A 132 15.38 -25.69 4.18
CA GLN A 132 15.40 -24.63 5.18
C GLN A 132 16.19 -23.44 4.62
N GLU A 133 15.54 -22.63 3.79
CA GLU A 133 16.15 -21.41 3.28
C GLU A 133 15.25 -20.20 3.50
N HIS A 134 13.93 -20.40 3.54
CA HIS A 134 13.01 -19.29 3.80
C HIS A 134 13.23 -18.73 5.19
N GLU A 135 13.34 -17.41 5.28
CA GLU A 135 13.67 -16.74 6.53
C GLU A 135 12.43 -16.34 7.33
N LYS A 136 11.24 -16.46 6.77
CA LYS A 136 10.01 -16.15 7.49
C LYS A 136 8.95 -17.18 7.13
N ARG A 137 7.70 -16.88 7.47
CA ARG A 137 6.62 -17.84 7.33
C ARG A 137 6.37 -18.18 5.86
N CYS A 138 6.25 -19.48 5.58
CA CYS A 138 5.96 -19.98 4.25
C CYS A 138 4.46 -20.23 4.11
N TRP A 139 3.88 -19.71 3.03
CA TRP A 139 2.43 -19.80 2.82
C TRP A 139 2.02 -20.90 1.85
N SER A 140 2.87 -21.26 0.89
CA SER A 140 2.40 -22.13 -0.18
C SER A 140 3.54 -22.91 -0.82
N VAL A 141 3.20 -24.13 -1.25
CA VAL A 141 4.08 -25.00 -2.03
C VAL A 141 3.25 -25.64 -3.13
N ASP A 142 3.92 -26.08 -4.19
CA ASP A 142 3.24 -26.77 -5.27
C ASP A 142 4.25 -27.51 -6.14
N PHE A 143 3.89 -28.73 -6.54
CA PHE A 143 4.74 -29.51 -7.43
C PHE A 143 4.52 -29.10 -8.87
N ASN A 144 5.60 -29.14 -9.65
CA ASN A 144 5.49 -28.91 -11.09
C ASN A 144 4.72 -30.07 -11.72
N LEU A 145 3.68 -29.74 -12.49
CA LEU A 145 2.83 -30.76 -13.09
C LEU A 145 3.42 -31.37 -14.35
N MET A 146 4.54 -30.85 -14.84
CA MET A 146 5.18 -31.37 -16.03
C MET A 146 6.67 -31.66 -15.83
N ASP A 147 7.16 -31.59 -14.60
CA ASP A 147 8.54 -31.96 -14.29
C ASP A 147 8.55 -32.70 -12.96
N PRO A 148 8.96 -33.98 -12.95
CA PRO A 148 8.86 -34.76 -11.72
C PRO A 148 9.78 -34.29 -10.61
N LYS A 149 10.91 -33.68 -10.93
CA LYS A 149 11.89 -33.32 -9.92
C LYS A 149 11.64 -31.96 -9.28
N LEU A 150 10.84 -31.09 -9.91
CA LEU A 150 10.72 -29.71 -9.49
C LEU A 150 9.51 -29.48 -8.60
N LEU A 151 9.66 -28.50 -7.70
CA LEU A 151 8.56 -27.97 -6.91
C LEU A 151 8.89 -26.53 -6.57
N ALA A 152 7.95 -25.83 -5.96
CA ALA A 152 8.14 -24.42 -5.66
C ALA A 152 7.46 -24.06 -4.35
N SER A 153 7.99 -23.02 -3.71
CA SER A 153 7.43 -22.51 -2.46
C SER A 153 7.52 -20.99 -2.45
N GLY A 154 6.61 -20.36 -1.73
CA GLY A 154 6.63 -18.91 -1.58
C GLY A 154 6.45 -18.52 -0.13
N SER A 155 7.17 -17.48 0.28
CA SER A 155 7.16 -17.12 1.70
C SER A 155 6.90 -15.63 1.90
N ASP A 156 6.74 -15.26 3.18
CA ASP A 156 6.60 -13.87 3.61
C ASP A 156 7.88 -13.07 3.45
N ASP A 157 8.99 -13.72 3.06
CA ASP A 157 10.24 -13.04 2.79
C ASP A 157 10.29 -12.40 1.40
N ALA A 158 9.13 -12.27 0.74
CA ALA A 158 9.05 -11.74 -0.63
C ALA A 158 9.90 -12.56 -1.58
N LYS A 159 9.82 -13.89 -1.45
CA LYS A 159 10.62 -14.78 -2.28
C LYS A 159 9.82 -16.00 -2.70
N VAL A 160 10.05 -16.41 -3.95
CA VAL A 160 9.53 -17.66 -4.51
C VAL A 160 10.75 -18.51 -4.85
N LYS A 161 10.94 -19.61 -4.12
CA LYS A 161 12.09 -20.47 -4.29
C LYS A 161 11.72 -21.75 -5.02
N LEU A 162 12.61 -22.19 -5.89
CA LEU A 162 12.43 -23.40 -6.69
C LEU A 162 13.31 -24.51 -6.14
N TRP A 163 12.73 -25.69 -5.95
CA TRP A 163 13.42 -26.83 -5.39
C TRP A 163 13.43 -27.99 -6.37
N SER A 164 14.52 -28.76 -6.35
CA SER A 164 14.61 -30.01 -7.08
C SER A 164 14.70 -31.14 -6.07
N THR A 165 13.88 -32.18 -6.28
CA THR A 165 13.85 -33.30 -5.34
C THR A 165 15.20 -34.01 -5.24
N ASN A 166 16.07 -33.85 -6.24
CA ASN A 166 17.37 -34.49 -6.25
C ASN A 166 18.49 -33.57 -5.77
N LEU A 167 18.15 -32.44 -5.14
CA LEU A 167 19.13 -31.48 -4.67
C LEU A 167 18.75 -30.96 -3.30
N ASP A 168 19.75 -30.57 -2.52
CA ASP A 168 19.52 -30.12 -1.15
C ASP A 168 19.15 -28.64 -1.09
N ASN A 169 19.70 -27.81 -1.98
CA ASN A 169 19.48 -26.38 -1.96
C ASN A 169 18.68 -25.95 -3.18
N SER A 170 18.14 -24.74 -3.10
CA SER A 170 17.26 -24.23 -4.15
C SER A 170 18.03 -24.01 -5.45
N VAL A 171 17.33 -24.15 -6.57
CA VAL A 171 17.94 -23.99 -7.88
C VAL A 171 17.74 -22.59 -8.46
N ALA A 172 16.73 -21.86 -8.02
CA ALA A 172 16.46 -20.51 -8.50
C ALA A 172 15.50 -19.84 -7.53
N SER A 173 15.44 -18.51 -7.61
CA SER A 173 14.56 -17.73 -6.75
C SER A 173 14.12 -16.48 -7.47
N ILE A 174 12.82 -16.19 -7.37
CA ILE A 174 12.23 -14.96 -7.88
C ILE A 174 11.99 -14.03 -6.70
N GLU A 175 12.45 -12.79 -6.82
CA GLU A 175 12.34 -11.79 -5.76
C GLU A 175 11.14 -10.90 -6.05
N ALA A 176 10.12 -10.98 -5.21
CA ALA A 176 8.91 -10.19 -5.37
C ALA A 176 9.02 -8.88 -4.57
N LYS A 177 8.01 -8.04 -4.73
CA LYS A 177 7.99 -6.73 -4.08
C LYS A 177 7.33 -6.76 -2.70
N ALA A 178 6.62 -7.82 -2.37
CA ALA A 178 5.95 -7.92 -1.07
C ALA A 178 5.75 -9.40 -0.75
N ASN A 179 4.93 -9.67 0.27
CA ASN A 179 4.73 -11.04 0.73
C ASN A 179 4.10 -11.90 -0.37
N VAL A 180 4.56 -13.14 -0.47
CA VAL A 180 4.00 -14.12 -1.39
C VAL A 180 3.07 -15.02 -0.60
N CYS A 181 1.81 -15.10 -1.03
CA CYS A 181 0.79 -15.82 -0.28
C CYS A 181 0.35 -17.13 -0.94
N CYS A 182 0.59 -17.31 -2.24
CA CYS A 182 0.18 -18.52 -2.94
CA CYS A 182 0.17 -18.51 -2.94
C CYS A 182 1.00 -18.66 -4.21
N VAL A 183 1.37 -19.91 -4.52
CA VAL A 183 2.11 -20.22 -5.73
C VAL A 183 1.42 -21.39 -6.43
N LYS A 184 1.64 -21.49 -7.74
CA LYS A 184 1.04 -22.57 -8.51
C LYS A 184 1.74 -22.69 -9.85
N PHE A 185 1.98 -23.93 -10.27
CA PHE A 185 2.51 -24.23 -11.59
C PHE A 185 1.38 -24.35 -12.60
N SER A 186 1.68 -24.00 -13.84
CA SER A 186 0.70 -24.15 -14.91
C SER A 186 0.48 -25.63 -15.20
N PRO A 187 -0.75 -26.03 -15.48
CA PRO A 187 -1.02 -27.42 -15.90
C PRO A 187 -0.78 -27.67 -17.38
N SER A 188 -0.16 -26.72 -18.09
CA SER A 188 0.07 -26.84 -19.51
C SER A 188 1.51 -26.53 -19.91
N SER A 189 2.40 -26.30 -18.93
CA SER A 189 3.79 -26.00 -19.23
C SER A 189 4.63 -26.21 -17.98
N ARG A 190 5.81 -26.79 -18.17
CA ARG A 190 6.76 -26.99 -17.07
C ARG A 190 7.57 -25.75 -16.76
N TYR A 191 7.37 -24.66 -17.50
CA TYR A 191 8.16 -23.44 -17.34
C TYR A 191 7.31 -22.23 -16.98
N HIS A 192 6.01 -22.38 -16.79
CA HIS A 192 5.11 -21.27 -16.48
C HIS A 192 4.65 -21.40 -15.03
N LEU A 193 4.71 -20.29 -14.30
CA LEU A 193 4.35 -20.29 -12.89
C LEU A 193 3.60 -19.00 -12.57
N ALA A 194 2.77 -19.04 -11.53
CA ALA A 194 2.05 -17.86 -11.09
C ALA A 194 2.01 -17.82 -9.57
N PHE A 195 1.98 -16.60 -9.02
CA PHE A 195 1.90 -16.45 -7.58
C PHE A 195 1.15 -15.17 -7.24
N GLY A 196 0.40 -15.22 -6.13
CA GLY A 196 -0.32 -14.06 -5.64
C GLY A 196 0.46 -13.39 -4.53
N CYS A 197 0.63 -12.07 -4.68
CA CYS A 197 1.49 -11.29 -3.80
C CYS A 197 0.66 -10.38 -2.91
N ALA A 198 1.33 -9.85 -1.86
CA ALA A 198 0.68 -8.90 -0.97
C ALA A 198 0.43 -7.56 -1.64
N ASP A 199 1.06 -7.29 -2.78
CA ASP A 199 0.88 -6.05 -3.52
C ASP A 199 -0.43 -6.01 -4.32
N HIS A 200 -1.40 -6.84 -3.95
CA HIS A 200 -2.74 -6.87 -4.53
C HIS A 200 -2.77 -7.34 -5.98
N CYS A 201 -1.70 -7.98 -6.45
CA CYS A 201 -1.58 -8.36 -7.85
C CYS A 201 -1.25 -9.83 -7.97
N VAL A 202 -1.39 -10.36 -9.18
CA VAL A 202 -1.05 -11.74 -9.48
C VAL A 202 0.07 -11.75 -10.52
N HIS A 203 1.21 -12.32 -10.17
CA HIS A 203 2.38 -12.29 -11.05
C HIS A 203 2.52 -13.61 -11.79
N TYR A 204 2.86 -13.51 -13.08
CA TYR A 204 2.94 -14.65 -13.98
C TYR A 204 4.33 -14.64 -14.63
N TYR A 205 5.09 -15.70 -14.38
CA TYR A 205 6.50 -15.79 -14.74
C TYR A 205 6.77 -16.99 -15.62
N ASP A 206 7.78 -16.84 -16.49
CA ASP A 206 8.39 -17.94 -17.23
C ASP A 206 9.76 -18.19 -16.59
N LEU A 207 9.87 -19.29 -15.84
CA LEU A 207 11.02 -19.50 -14.97
C LEU A 207 12.35 -19.45 -15.72
N ARG A 208 12.34 -19.53 -17.06
CA ARG A 208 13.57 -19.36 -17.81
C ARG A 208 14.18 -17.98 -17.59
N ASN A 209 13.34 -16.96 -17.43
CA ASN A 209 13.78 -15.61 -17.13
C ASN A 209 12.96 -15.11 -15.94
N THR A 210 13.65 -14.71 -14.87
CA THR A 210 13.00 -14.28 -13.64
C THR A 210 13.32 -12.83 -13.31
N LYS A 211 13.48 -11.98 -14.32
CA LYS A 211 14.00 -10.65 -14.06
C LYS A 211 12.95 -9.53 -13.85
N GLN A 212 11.90 -9.28 -14.67
CA GLN A 212 11.28 -9.92 -15.87
C GLN A 212 10.20 -10.93 -15.54
N PRO A 213 9.01 -10.43 -15.21
CA PRO A 213 7.80 -11.26 -15.26
C PRO A 213 7.15 -11.22 -16.63
N ILE A 214 6.33 -12.24 -16.90
CA ILE A 214 5.55 -12.22 -18.13
C ILE A 214 4.36 -11.29 -17.98
N MET A 215 3.63 -11.39 -16.86
CA MET A 215 2.46 -10.56 -16.66
C MET A 215 2.34 -10.19 -15.19
N VAL A 216 1.68 -9.06 -14.93
CA VAL A 216 1.30 -8.63 -13.58
C VAL A 216 -0.16 -8.20 -13.66
N PHE A 217 -1.04 -8.99 -13.06
CA PHE A 217 -2.47 -8.77 -13.11
C PHE A 217 -2.90 -7.89 -11.96
N LYS A 218 -3.49 -6.74 -12.29
CA LYS A 218 -3.94 -5.74 -11.33
C LYS A 218 -5.46 -5.68 -11.31
N GLY A 219 -6.02 -5.43 -10.13
CA GLY A 219 -7.46 -5.31 -9.99
C GLY A 219 -7.91 -5.42 -8.55
N HIS A 220 -7.22 -6.26 -7.78
CA HIS A 220 -7.59 -6.45 -6.38
C HIS A 220 -7.17 -5.25 -5.54
N ARG A 221 -7.89 -5.04 -4.44
CA ARG A 221 -7.58 -3.96 -3.51
C ARG A 221 -6.87 -4.46 -2.25
N LYS A 222 -6.94 -5.75 -1.97
CA LYS A 222 -6.21 -6.37 -0.88
C LYS A 222 -5.33 -7.49 -1.42
N ALA A 223 -4.51 -8.05 -0.52
CA ALA A 223 -3.54 -9.07 -0.92
C ALA A 223 -4.23 -10.26 -1.55
N VAL A 224 -3.64 -10.79 -2.62
CA VAL A 224 -4.18 -11.95 -3.33
C VAL A 224 -3.87 -13.17 -2.48
N SER A 225 -4.89 -13.69 -1.78
CA SER A 225 -4.69 -14.84 -0.91
C SER A 225 -4.53 -16.13 -1.70
N TYR A 226 -5.32 -16.32 -2.75
CA TYR A 226 -5.29 -17.57 -3.51
C TYR A 226 -5.20 -17.30 -5.00
N ALA A 227 -4.68 -18.30 -5.72
CA ALA A 227 -4.54 -18.23 -7.17
C ALA A 227 -4.39 -19.64 -7.70
N LYS A 228 -5.35 -20.09 -8.49
CA LYS A 228 -5.36 -21.41 -9.09
C LYS A 228 -5.49 -21.30 -10.61
N PHE A 229 -5.05 -22.34 -11.29
CA PHE A 229 -5.17 -22.44 -12.75
C PHE A 229 -6.49 -23.12 -13.08
N VAL A 230 -7.44 -22.35 -13.64
CA VAL A 230 -8.64 -22.97 -14.20
C VAL A 230 -8.27 -23.85 -15.39
N SER A 231 -7.25 -23.45 -16.15
CA SER A 231 -6.72 -24.21 -17.26
C SER A 231 -5.35 -23.62 -17.60
N GLY A 232 -4.86 -23.91 -18.79
CA GLY A 232 -3.63 -23.28 -19.25
C GLY A 232 -3.80 -21.87 -19.77
N GLU A 233 -5.04 -21.38 -19.83
CA GLU A 233 -5.34 -20.07 -20.39
C GLU A 233 -6.05 -19.14 -19.43
N GLU A 234 -6.55 -19.63 -18.29
CA GLU A 234 -7.32 -18.81 -17.37
C GLU A 234 -6.89 -19.08 -15.94
N ILE A 235 -6.76 -18.01 -15.16
CA ILE A 235 -6.40 -18.08 -13.76
C ILE A 235 -7.55 -17.51 -12.93
N VAL A 236 -7.76 -18.07 -11.74
CA VAL A 236 -8.74 -17.53 -10.80
C VAL A 236 -8.00 -17.16 -9.52
N SER A 237 -8.26 -15.96 -9.01
CA SER A 237 -7.62 -15.48 -7.80
C SER A 237 -8.66 -15.10 -6.76
N ALA A 238 -8.28 -15.25 -5.50
CA ALA A 238 -9.13 -14.89 -4.37
C ALA A 238 -8.38 -13.87 -3.51
N SER A 239 -9.01 -12.73 -3.22
CA SER A 239 -8.37 -11.77 -2.35
C SER A 239 -9.33 -11.32 -1.25
N THR A 240 -8.75 -10.70 -0.22
CA THR A 240 -9.53 -10.30 0.95
C THR A 240 -10.30 -9.00 0.72
N ASP A 241 -10.96 -8.91 -0.44
CA ASP A 241 -11.90 -7.83 -0.74
C ASP A 241 -13.26 -8.41 -1.14
N SER A 242 -13.58 -9.59 -0.61
CA SER A 242 -14.80 -10.33 -0.97
C SER A 242 -14.90 -10.51 -2.48
N GLN A 243 -13.76 -10.80 -3.11
CA GLN A 243 -13.71 -10.84 -4.56
C GLN A 243 -12.86 -11.99 -5.06
N LEU A 244 -13.45 -12.76 -5.97
CA LEU A 244 -12.74 -13.65 -6.88
C LEU A 244 -12.58 -12.95 -8.22
N LYS A 245 -11.48 -13.21 -8.91
CA LYS A 245 -11.21 -12.57 -10.19
C LYS A 245 -10.70 -13.59 -11.19
N LEU A 246 -11.30 -13.59 -12.38
CA LEU A 246 -10.92 -14.47 -13.47
C LEU A 246 -10.09 -13.69 -14.48
N TRP A 247 -8.91 -14.21 -14.80
CA TRP A 247 -7.95 -13.55 -15.68
C TRP A 247 -7.60 -14.46 -16.85
N ASN A 248 -7.32 -13.83 -17.99
CA ASN A 248 -6.72 -14.48 -19.13
C ASN A 248 -5.21 -14.21 -19.11
N VAL A 249 -4.44 -15.20 -19.58
CA VAL A 249 -2.99 -15.08 -19.57
C VAL A 249 -2.54 -13.87 -20.39
N GLY A 250 -3.27 -13.53 -21.44
CA GLY A 250 -2.88 -12.44 -22.31
C GLY A 250 -3.42 -11.09 -21.90
N LYS A 251 -4.51 -11.06 -21.13
CA LYS A 251 -5.10 -9.78 -20.77
C LYS A 251 -4.65 -9.37 -19.38
N PRO A 252 -4.09 -8.16 -19.21
CA PRO A 252 -3.56 -7.76 -17.90
C PRO A 252 -4.64 -7.42 -16.88
N TYR A 253 -5.91 -7.35 -17.28
CA TYR A 253 -7.00 -7.04 -16.37
C TYR A 253 -8.08 -8.10 -16.47
N CYS A 254 -8.84 -8.24 -15.37
CA CYS A 254 -9.70 -9.41 -15.19
C CYS A 254 -10.80 -9.47 -16.24
N LEU A 255 -11.23 -10.70 -16.53
CA LEU A 255 -12.35 -10.95 -17.43
C LEU A 255 -13.69 -10.91 -16.73
N ARG A 256 -13.71 -11.17 -15.42
CA ARG A 256 -14.95 -11.29 -14.68
C ARG A 256 -14.65 -11.32 -13.18
N SER A 257 -15.50 -10.69 -12.39
CA SER A 257 -15.38 -10.67 -10.94
C SER A 257 -16.53 -11.44 -10.34
N PHE A 258 -16.21 -12.33 -9.38
CA PHE A 258 -17.20 -13.11 -8.67
C PHE A 258 -17.38 -12.55 -7.27
N LYS A 259 -18.61 -12.14 -6.97
CA LYS A 259 -19.01 -11.60 -5.68
C LYS A 259 -20.18 -12.41 -5.13
N GLY A 260 -20.47 -12.21 -3.85
CA GLY A 260 -21.57 -12.90 -3.21
C GLY A 260 -21.17 -13.54 -1.90
N HIS A 261 -19.89 -13.82 -1.75
CA HIS A 261 -19.33 -14.37 -0.53
C HIS A 261 -18.66 -13.28 0.28
N ILE A 262 -18.27 -13.64 1.51
CA ILE A 262 -17.65 -12.71 2.45
C ILE A 262 -16.24 -13.23 2.73
N ASN A 263 -15.23 -12.57 2.15
CA ASN A 263 -13.82 -12.92 2.36
C ASN A 263 -13.06 -11.61 2.47
N GLU A 264 -12.95 -11.10 3.71
CA GLU A 264 -12.28 -9.84 3.98
C GLU A 264 -11.04 -9.99 4.84
N LYS A 265 -10.73 -11.20 5.30
CA LYS A 265 -9.66 -11.35 6.30
C LYS A 265 -8.84 -12.62 6.15
N ASN A 266 -9.51 -13.78 6.03
CA ASN A 266 -8.85 -15.06 6.21
C ASN A 266 -8.57 -15.76 4.88
N PHE A 267 -7.61 -16.68 4.93
CA PHE A 267 -7.44 -17.69 3.88
C PHE A 267 -8.61 -18.64 3.88
N VAL A 268 -9.62 -18.39 3.05
CA VAL A 268 -10.83 -19.19 3.08
C VAL A 268 -10.83 -20.30 2.03
N GLY A 269 -9.77 -20.45 1.27
CA GLY A 269 -9.71 -21.56 0.33
C GLY A 269 -10.23 -21.20 -1.04
N LEU A 270 -9.60 -21.78 -2.06
CA LEU A 270 -10.03 -21.63 -3.44
C LEU A 270 -9.68 -22.90 -4.18
N ALA A 271 -10.64 -23.40 -4.97
CA ALA A 271 -10.45 -24.62 -5.74
C ALA A 271 -11.18 -24.51 -7.06
N SER A 272 -10.58 -25.05 -8.12
CA SER A 272 -11.13 -24.98 -9.46
C SER A 272 -11.07 -26.35 -10.12
N ASN A 273 -12.17 -26.75 -10.75
CA ASN A 273 -12.21 -27.98 -11.54
C ASN A 273 -12.92 -27.68 -12.86
N GLY A 274 -12.18 -27.77 -13.96
CA GLY A 274 -12.74 -27.53 -15.28
C GLY A 274 -13.40 -26.18 -15.40
N ASP A 275 -14.72 -26.15 -15.26
CA ASP A 275 -15.51 -24.93 -15.46
C ASP A 275 -16.13 -24.42 -14.16
N TYR A 276 -15.77 -24.98 -13.01
CA TYR A 276 -16.43 -24.63 -11.75
C TYR A 276 -15.42 -24.18 -10.70
N ILE A 277 -15.80 -23.17 -9.94
CA ILE A 277 -14.97 -22.56 -8.92
C ILE A 277 -15.69 -22.63 -7.59
N ALA A 278 -14.96 -23.00 -6.53
CA ALA A 278 -15.52 -23.08 -5.19
C ALA A 278 -14.58 -22.40 -4.21
N CYS A 279 -15.16 -21.64 -3.28
CA CYS A 279 -14.34 -20.93 -2.30
C CYS A 279 -15.12 -20.79 -1.01
N GLY A 280 -14.38 -20.73 0.10
CA GLY A 280 -14.98 -20.59 1.40
C GLY A 280 -15.46 -19.17 1.67
N SER A 281 -16.18 -19.03 2.78
CA SER A 281 -16.75 -17.74 3.14
C SER A 281 -16.79 -17.63 4.67
N GLU A 282 -16.82 -16.38 5.15
CA GLU A 282 -16.76 -16.11 6.58
C GLU A 282 -18.12 -16.17 7.26
N ASN A 283 -19.19 -16.50 6.52
CA ASN A 283 -20.45 -16.88 7.15
C ASN A 283 -20.53 -18.40 7.33
N ASN A 284 -19.38 -19.07 7.47
CA ASN A 284 -19.30 -20.50 7.71
C ASN A 284 -20.00 -21.29 6.60
N SER A 285 -19.66 -20.96 5.35
CA SER A 285 -20.33 -21.55 4.21
C SER A 285 -19.38 -21.61 3.02
N LEU A 286 -19.65 -22.56 2.13
CA LEU A 286 -18.94 -22.73 0.89
C LEU A 286 -19.78 -22.24 -0.28
N TYR A 287 -19.15 -21.49 -1.19
CA TYR A 287 -19.82 -20.92 -2.36
C TYR A 287 -19.28 -21.56 -3.64
N LEU A 288 -20.19 -21.84 -4.57
CA LEU A 288 -19.86 -22.46 -5.85
C LEU A 288 -20.39 -21.60 -6.99
N TYR A 289 -19.48 -21.24 -7.91
CA TYR A 289 -19.71 -20.40 -9.06
C TYR A 289 -19.38 -21.15 -10.33
N TYR A 290 -20.02 -20.75 -11.43
CA TYR A 290 -19.59 -21.11 -12.78
C TYR A 290 -18.73 -19.99 -13.34
N LYS A 291 -17.60 -20.35 -13.94
CA LYS A 291 -16.57 -19.37 -14.29
C LYS A 291 -16.99 -18.38 -15.37
N GLY A 292 -18.14 -18.59 -16.00
CA GLY A 292 -18.61 -17.66 -17.02
C GLY A 292 -19.83 -16.87 -16.60
N LEU A 293 -20.06 -16.78 -15.28
CA LEU A 293 -21.18 -16.01 -14.76
C LEU A 293 -20.84 -15.56 -13.34
N SER A 294 -21.07 -14.28 -13.07
CA SER A 294 -20.62 -13.67 -11.81
C SER A 294 -21.47 -14.09 -10.61
N LYS A 295 -22.71 -14.49 -10.81
CA LYS A 295 -23.59 -14.73 -9.69
C LYS A 295 -23.36 -16.13 -9.10
N THR A 296 -23.75 -16.27 -7.83
CA THR A 296 -23.55 -17.53 -7.12
C THR A 296 -24.38 -18.64 -7.73
N LEU A 297 -23.73 -19.78 -8.04
CA LEU A 297 -24.48 -20.95 -8.48
C LEU A 297 -25.17 -21.61 -7.29
N LEU A 298 -24.42 -21.96 -6.24
CA LEU A 298 -25.08 -22.50 -5.06
C LEU A 298 -24.18 -22.34 -3.83
N THR A 299 -24.78 -22.57 -2.67
CA THR A 299 -24.14 -22.36 -1.38
C THR A 299 -24.45 -23.53 -0.46
N PHE A 300 -23.44 -23.97 0.30
CA PHE A 300 -23.61 -24.97 1.35
C PHE A 300 -23.26 -24.33 2.68
N LYS A 301 -24.14 -24.49 3.67
CA LYS A 301 -23.95 -23.87 4.97
C LYS A 301 -23.48 -24.92 5.98
N PHE A 302 -22.28 -24.72 6.51
CA PHE A 302 -21.79 -25.55 7.59
C PHE A 302 -22.63 -25.33 8.84
N ASP A 303 -22.89 -26.41 9.57
CA ASP A 303 -23.48 -26.28 10.89
C ASP A 303 -22.43 -25.74 11.86
N THR A 304 -22.87 -25.40 13.07
CA THR A 304 -21.95 -24.87 14.07
C THR A 304 -22.43 -25.28 15.46
N VAL A 305 -21.47 -25.46 16.37
CA VAL A 305 -21.77 -25.90 17.72
C VAL A 305 -20.98 -25.09 18.74
N ASN A 319 -17.68 -15.94 13.82
CA ASN A 319 -16.24 -15.87 13.62
C ASN A 319 -15.70 -17.15 12.97
N GLU A 320 -16.61 -18.08 12.68
CA GLU A 320 -16.23 -19.32 12.01
C GLU A 320 -16.20 -19.10 10.51
N PHE A 321 -15.11 -19.53 9.87
CA PHE A 321 -14.93 -19.36 8.45
C PHE A 321 -14.47 -20.67 7.82
N VAL A 322 -15.00 -20.99 6.64
CA VAL A 322 -14.44 -22.08 5.85
C VAL A 322 -12.99 -21.73 5.52
N SER A 323 -12.12 -22.74 5.62
CA SER A 323 -10.69 -22.49 5.52
C SER A 323 -9.96 -23.26 4.42
N ALA A 324 -10.52 -24.35 3.92
CA ALA A 324 -9.84 -25.06 2.83
C ALA A 324 -10.83 -25.85 2.00
N VAL A 325 -10.65 -25.84 0.68
CA VAL A 325 -11.49 -26.59 -0.24
C VAL A 325 -10.61 -27.21 -1.32
N CYS A 326 -11.06 -28.34 -1.86
CA CYS A 326 -10.32 -29.01 -2.92
C CYS A 326 -11.26 -29.92 -3.69
N TRP A 327 -11.09 -29.93 -5.01
CA TRP A 327 -11.85 -30.82 -5.87
C TRP A 327 -11.23 -32.20 -5.90
N ARG A 328 -12.08 -33.23 -5.89
CA ARG A 328 -11.65 -34.59 -6.20
C ARG A 328 -11.63 -34.72 -7.72
N ALA A 329 -10.56 -34.19 -8.31
CA ALA A 329 -10.42 -34.13 -9.76
C ALA A 329 -10.01 -35.52 -10.28
N LEU A 330 -10.99 -36.41 -10.31
CA LEU A 330 -10.76 -37.76 -10.80
C LEU A 330 -10.56 -37.71 -12.32
N PRO A 331 -9.40 -38.11 -12.83
CA PRO A 331 -9.20 -38.08 -14.28
C PRO A 331 -10.17 -39.00 -15.00
N ASP A 332 -10.72 -38.50 -16.10
CA ASP A 332 -11.72 -39.21 -16.90
C ASP A 332 -12.92 -39.60 -16.03
N GLY A 333 -13.72 -38.60 -15.73
CA GLY A 333 -14.90 -38.81 -14.90
C GLY A 333 -15.64 -37.51 -14.68
N GLU A 334 -16.59 -37.56 -13.75
CA GLU A 334 -17.44 -36.42 -13.39
C GLU A 334 -16.99 -35.89 -12.04
N SER A 335 -16.33 -34.73 -12.05
CA SER A 335 -15.89 -34.10 -10.81
C SER A 335 -17.08 -33.57 -10.03
N ASN A 336 -17.94 -34.46 -9.55
CA ASN A 336 -19.15 -34.09 -8.84
C ASN A 336 -18.94 -33.97 -7.34
N VAL A 337 -17.73 -34.21 -6.84
CA VAL A 337 -17.46 -34.29 -5.42
C VAL A 337 -16.23 -33.46 -5.08
N LEU A 338 -16.28 -32.77 -3.94
CA LEU A 338 -15.14 -32.02 -3.42
C LEU A 338 -15.12 -32.17 -1.90
N ILE A 339 -14.11 -31.58 -1.27
CA ILE A 339 -13.96 -31.61 0.17
C ILE A 339 -13.74 -30.18 0.66
N ALA A 340 -14.46 -29.81 1.72
CA ALA A 340 -14.33 -28.49 2.33
C ALA A 340 -14.10 -28.66 3.83
N ALA A 341 -13.53 -27.62 4.45
CA ALA A 341 -13.20 -27.65 5.86
C ALA A 341 -13.20 -26.23 6.42
N ASN A 342 -13.87 -26.05 7.55
CA ASN A 342 -14.04 -24.74 8.18
C ASN A 342 -13.03 -24.55 9.30
N SER A 343 -13.08 -23.37 9.94
CA SER A 343 -12.13 -23.05 11.00
C SER A 343 -12.38 -23.87 12.27
N GLN A 344 -13.59 -24.38 12.46
CA GLN A 344 -13.88 -25.23 13.61
C GLN A 344 -13.25 -26.61 13.52
N GLY A 345 -12.49 -26.89 12.46
CA GLY A 345 -11.97 -28.21 12.23
C GLY A 345 -12.95 -29.16 11.56
N THR A 346 -14.20 -28.75 11.37
CA THR A 346 -15.17 -29.61 10.72
C THR A 346 -14.84 -29.74 9.23
N ILE A 347 -14.75 -30.99 8.78
CA ILE A 347 -14.43 -31.33 7.39
C ILE A 347 -15.62 -32.11 6.83
N LYS A 348 -15.97 -31.81 5.59
CA LYS A 348 -17.12 -32.45 4.94
C LYS A 348 -16.79 -32.74 3.49
N VAL A 349 -17.08 -33.97 3.08
CA VAL A 349 -17.06 -34.37 1.67
C VAL A 349 -18.44 -34.11 1.11
N LEU A 350 -18.50 -33.45 -0.05
CA LEU A 350 -19.77 -32.98 -0.61
C LEU A 350 -19.89 -33.42 -2.06
N GLU A 351 -21.05 -33.95 -2.42
CA GLU A 351 -21.36 -34.34 -3.78
C GLU A 351 -22.41 -33.39 -4.35
N LEU A 352 -22.17 -32.90 -5.56
CA LEU A 352 -23.08 -31.97 -6.21
C LEU A 352 -24.16 -32.75 -6.94
N VAL A 353 -25.42 -32.53 -6.55
CA VAL A 353 -26.55 -33.21 -7.18
C VAL A 353 -27.29 -32.24 -8.09
N SER B 1 -4.92 -14.60 16.01
CA SER B 1 -4.88 -16.03 15.75
C SER B 1 -3.95 -16.36 14.58
N ASP B 2 -4.37 -17.29 13.73
CA ASP B 2 -3.60 -17.70 12.57
C ASP B 2 -4.48 -17.60 11.32
N GLN B 3 -3.91 -18.01 10.18
CA GLN B 3 -4.57 -17.95 8.87
C GLN B 3 -5.00 -16.52 8.52
N ILE B 4 -4.22 -15.54 8.97
CA ILE B 4 -4.49 -14.14 8.69
C ILE B 4 -3.70 -13.74 7.45
N VAL B 5 -4.43 -13.41 6.39
CA VAL B 5 -3.88 -12.85 5.16
C VAL B 5 -3.06 -11.61 5.52
N PRO B 6 -1.88 -11.39 4.91
CA PRO B 6 -1.12 -10.17 5.19
C PRO B 6 -1.79 -8.92 4.62
N GLU B 7 -1.08 -7.81 4.58
CA GLU B 7 -1.63 -6.58 4.04
C GLU B 7 -0.49 -5.64 3.66
N TYR B 8 -0.68 -4.91 2.57
CA TYR B 8 0.31 -3.97 2.06
C TYR B 8 -0.29 -2.57 2.13
N GLN B 9 0.56 -1.58 2.40
CA GLN B 9 0.06 -0.25 2.74
C GLN B 9 -0.69 0.39 1.52
N GLU B 10 -0.06 0.88 0.44
CA GLU B 10 1.37 1.21 0.29
C GLU B 10 1.53 2.73 0.32
N ASP B 11 2.22 3.23 1.36
CA ASP B 11 2.34 4.67 1.61
C ASP B 11 3.00 5.42 0.46
N GLU C 13 26.80 46.32 -11.31
CA GLU C 13 26.73 44.93 -10.87
C GLU C 13 28.12 44.35 -10.63
N PHE C 14 29.14 45.13 -10.98
CA PHE C 14 30.52 44.67 -10.79
C PHE C 14 30.83 44.43 -9.33
N GLN C 15 30.35 45.31 -8.44
CA GLN C 15 30.63 45.17 -7.02
C GLN C 15 30.05 43.88 -6.47
N GLU C 16 28.85 43.50 -6.92
CA GLU C 16 28.24 42.25 -6.48
C GLU C 16 29.05 41.04 -6.97
N CYS C 17 29.58 41.14 -8.20
CA CYS C 17 30.46 40.08 -8.70
C CYS C 17 31.69 39.93 -7.82
N LEU C 18 32.31 41.06 -7.46
CA LEU C 18 33.47 41.03 -6.56
C LEU C 18 33.11 40.39 -5.23
N SER C 19 32.05 40.88 -4.58
CA SER C 19 31.67 40.39 -3.27
C SER C 19 31.36 38.89 -3.29
N LYS C 20 30.63 38.45 -4.31
CA LYS C 20 30.29 37.04 -4.40
C LYS C 20 31.50 36.18 -4.71
N PHE C 21 32.49 36.72 -5.44
CA PHE C 21 33.68 35.94 -5.72
C PHE C 21 34.59 35.83 -4.50
N THR C 22 34.62 36.85 -3.64
CA THR C 22 35.45 36.83 -2.44
C THR C 22 34.67 36.40 -1.20
N ARG C 23 33.49 35.81 -1.38
CA ARG C 23 32.67 35.41 -0.24
C ARG C 23 33.35 34.29 0.56
N TYR C 24 33.96 33.33 -0.12
CA TYR C 24 34.65 32.24 0.54
C TYR C 24 36.13 32.27 0.17
N ASN C 25 36.97 31.87 1.11
CA ASN C 25 38.41 31.86 0.90
C ASN C 25 39.12 30.63 1.43
N SER C 26 38.46 29.77 2.20
CA SER C 26 39.08 28.57 2.74
C SER C 26 38.07 27.44 2.76
N VAL C 27 38.56 26.24 3.06
CA VAL C 27 37.75 25.03 3.05
C VAL C 27 38.05 24.24 4.32
N ARG C 28 37.00 23.79 5.00
CA ARG C 28 37.13 23.04 6.25
C ARG C 28 36.50 21.67 6.11
N PRO C 29 37.27 20.59 6.17
CA PRO C 29 36.67 19.24 6.11
C PRO C 29 35.89 18.93 7.39
N LEU C 30 34.68 18.42 7.21
CA LEU C 30 33.82 18.03 8.33
C LEU C 30 33.84 16.54 8.60
N ALA C 31 34.11 15.71 7.60
CA ALA C 31 34.11 14.27 7.79
C ALA C 31 34.91 13.62 6.66
N THR C 32 35.21 12.34 6.85
CA THR C 32 35.93 11.55 5.85
C THR C 32 35.45 10.11 5.93
N LEU C 33 35.03 9.56 4.79
CA LEU C 33 34.50 8.22 4.72
C LEU C 33 35.12 7.47 3.54
N SER C 34 34.86 6.17 3.49
CA SER C 34 35.36 5.31 2.42
C SER C 34 34.22 4.48 1.86
N TYR C 35 34.03 4.56 0.55
CA TYR C 35 32.99 3.80 -0.13
C TYR C 35 33.26 2.29 -0.12
N ALA C 36 34.48 1.88 0.21
CA ALA C 36 34.84 0.47 0.24
C ALA C 36 34.91 -0.05 1.66
N LEU C 39 37.72 -2.59 -0.39
CA LEU C 39 37.43 -4.01 -0.53
C LEU C 39 38.37 -4.65 -1.53
N TYR C 40 39.24 -5.52 -1.03
CA TYR C 40 40.16 -6.31 -1.86
C TYR C 40 40.96 -5.42 -2.82
N ASN C 41 41.19 -4.16 -2.42
CA ASN C 41 41.91 -3.19 -3.24
C ASN C 41 41.26 -2.99 -4.61
N GLY C 42 39.97 -3.32 -4.73
CA GLY C 42 39.27 -3.17 -5.98
C GLY C 42 38.85 -1.74 -6.25
N SER C 43 38.36 -1.52 -7.47
CA SER C 43 37.92 -0.18 -7.86
C SER C 43 36.74 0.27 -7.02
N SER C 44 36.86 1.45 -6.43
CA SER C 44 35.84 2.02 -5.56
C SER C 44 35.48 3.44 -5.98
N ILE C 45 35.36 3.66 -7.29
CA ILE C 45 35.02 4.98 -7.79
C ILE C 45 33.56 5.30 -7.47
N VAL C 46 33.31 6.51 -6.99
CA VAL C 46 31.97 6.95 -6.62
C VAL C 46 31.38 7.73 -7.79
N SER C 47 30.33 7.20 -8.38
CA SER C 47 29.74 7.83 -9.56
C SER C 47 28.66 8.85 -9.23
N SER C 48 28.02 8.76 -8.07
CA SER C 48 26.89 9.63 -7.77
C SER C 48 26.74 9.83 -6.27
N ILE C 49 26.48 11.07 -5.89
CA ILE C 49 26.16 11.45 -4.51
C ILE C 49 24.96 12.39 -4.57
N GLU C 50 23.90 12.06 -3.83
CA GLU C 50 22.72 12.92 -3.84
C GLU C 50 22.05 12.94 -2.47
N PHE C 51 21.55 14.11 -2.09
CA PHE C 51 20.80 14.27 -0.86
C PHE C 51 19.33 13.96 -1.08
N ASP C 52 18.65 13.55 -0.01
CA ASP C 52 17.22 13.40 -0.05
C ASP C 52 16.55 14.79 -0.03
N ARG C 53 15.22 14.80 0.03
CA ARG C 53 14.50 16.07 -0.08
C ARG C 53 14.82 17.00 1.08
N ASP C 54 14.92 16.46 2.29
CA ASP C 54 15.13 17.28 3.48
C ASP C 54 16.60 17.42 3.86
N CYS C 55 17.52 16.89 3.05
CA CYS C 55 18.96 16.91 3.32
C CYS C 55 19.31 16.23 4.64
N ASP C 56 18.44 15.34 5.13
CA ASP C 56 18.75 14.58 6.34
C ASP C 56 19.67 13.40 6.01
N TYR C 57 19.45 12.75 4.88
CA TYR C 57 20.25 11.60 4.46
C TYR C 57 20.84 11.88 3.09
N PHE C 58 21.95 11.22 2.79
CA PHE C 58 22.52 11.28 1.46
C PHE C 58 22.94 9.89 1.03
N ALA C 59 22.89 9.67 -0.29
CA ALA C 59 23.15 8.37 -0.90
C ALA C 59 24.37 8.46 -1.81
N ILE C 60 25.14 7.38 -1.81
CA ILE C 60 26.39 7.27 -2.55
C ILE C 60 26.33 5.98 -3.37
N ALA C 61 26.65 6.08 -4.66
CA ALA C 61 26.61 4.93 -5.55
C ALA C 61 27.78 4.98 -6.51
N GLY C 62 28.37 3.82 -6.77
CA GLY C 62 29.52 3.74 -7.63
C GLY C 62 29.69 2.38 -8.30
N VAL C 63 30.95 1.98 -8.49
CA VAL C 63 31.26 0.77 -9.26
C VAL C 63 31.22 -0.50 -8.43
N THR C 64 31.18 -0.39 -7.10
CA THR C 64 31.07 -1.60 -6.29
C THR C 64 29.67 -2.19 -6.29
N LYS C 65 28.78 -1.66 -7.15
CA LYS C 65 27.41 -2.15 -7.29
C LYS C 65 26.62 -2.01 -5.99
N LYS C 66 26.95 -1.00 -5.18
CA LYS C 66 26.30 -0.82 -3.88
C LYS C 66 25.83 0.62 -3.73
N ILE C 67 24.59 0.78 -3.25
CA ILE C 67 24.05 2.08 -2.89
C ILE C 67 24.06 2.18 -1.38
N LYS C 68 24.82 3.14 -0.85
CA LYS C 68 24.98 3.31 0.59
C LYS C 68 24.32 4.62 1.03
N VAL C 69 23.40 4.52 1.98
CA VAL C 69 22.62 5.66 2.45
C VAL C 69 23.02 5.96 3.89
N TYR C 70 23.50 7.18 4.10
CA TYR C 70 24.01 7.66 5.38
C TYR C 70 23.15 8.80 5.91
N GLU C 71 23.18 8.97 7.23
CA GLU C 71 22.49 10.06 7.91
C GLU C 71 23.48 11.20 8.17
N TYR C 72 23.09 12.41 7.81
CA TYR C 72 24.04 13.53 7.79
C TYR C 72 24.58 13.85 9.18
N ASP C 73 23.68 14.07 10.15
CA ASP C 73 24.12 14.50 11.47
C ASP C 73 24.97 13.44 12.16
N THR C 74 24.71 12.16 11.88
CA THR C 74 25.51 11.10 12.49
C THR C 74 26.92 11.08 11.92
N VAL C 75 27.10 11.50 10.68
CA VAL C 75 28.41 11.42 10.03
C VAL C 75 29.34 12.51 10.58
N ILE C 76 28.83 13.74 10.71
CA ILE C 76 29.66 14.88 11.07
C ILE C 76 29.95 14.90 12.56
N GLN C 77 29.71 13.78 13.24
CA GLN C 77 29.99 13.65 14.66
C GLN C 77 30.66 12.32 14.90
N ASP C 78 31.85 12.36 15.53
CA ASP C 78 32.75 11.24 15.76
C ASP C 78 33.55 10.90 14.51
N ALA C 79 34.43 9.90 14.61
CA ALA C 79 35.31 9.54 13.50
C ALA C 79 35.22 8.05 13.19
N ILE C 82 35.07 5.23 11.63
CA ILE C 82 33.86 4.70 12.23
C ILE C 82 32.63 5.37 11.64
N HIS C 83 32.14 4.83 10.53
CA HIS C 83 30.96 5.37 9.86
C HIS C 83 30.24 4.22 9.18
N TYR C 84 29.09 3.82 9.72
CA TYR C 84 28.34 2.74 9.12
C TYR C 84 27.04 3.25 8.51
N PRO C 85 26.65 2.72 7.35
CA PRO C 85 25.49 3.29 6.63
C PRO C 85 24.20 3.04 7.37
N GLU C 86 23.31 4.04 7.33
CA GLU C 86 21.94 3.82 7.79
C GLU C 86 21.29 2.68 7.02
N ASN C 87 21.57 2.57 5.73
CA ASN C 87 21.09 1.41 4.99
C ASN C 87 21.96 1.17 3.77
N GLU C 88 22.28 -0.10 3.52
CA GLU C 88 23.10 -0.50 2.38
C GLU C 88 22.27 -1.40 1.49
N MET C 89 22.29 -1.13 0.19
CA MET C 89 21.53 -1.90 -0.79
C MET C 89 22.49 -2.41 -1.86
N THR C 90 22.62 -3.73 -1.94
CA THR C 90 23.45 -4.35 -2.96
C THR C 90 22.67 -4.44 -4.28
N CYS C 91 23.33 -4.07 -5.37
CA CYS C 91 22.71 -4.06 -6.69
C CYS C 91 23.36 -5.11 -7.59
N ASN C 92 22.81 -5.25 -8.79
CA ASN C 92 23.28 -6.26 -9.72
C ASN C 92 24.52 -5.81 -10.47
N SER C 93 24.55 -4.56 -10.94
CA SER C 93 25.63 -4.08 -11.78
C SER C 93 26.12 -2.73 -11.27
N LYS C 94 27.18 -2.25 -11.92
CA LYS C 94 27.83 -1.00 -11.52
C LYS C 94 26.90 0.18 -11.78
N ILE C 95 26.78 1.05 -10.79
CA ILE C 95 25.80 2.14 -10.78
C ILE C 95 26.48 3.41 -11.27
N SER C 96 25.80 4.14 -12.16
CA SER C 96 26.34 5.35 -12.75
C SER C 96 25.72 6.63 -12.19
N CYS C 97 24.50 6.57 -11.66
CA CYS C 97 23.84 7.78 -11.18
C CYS C 97 22.67 7.40 -10.26
N ILE C 98 22.33 8.33 -9.37
CA ILE C 98 21.17 8.21 -8.49
C ILE C 98 20.50 9.57 -8.40
N SER C 99 19.27 9.58 -7.89
CA SER C 99 18.50 10.81 -7.76
C SER C 99 17.34 10.57 -6.80
N TRP C 100 17.27 11.39 -5.75
CA TRP C 100 16.16 11.34 -4.83
C TRP C 100 14.98 12.12 -5.39
N SER C 101 13.79 11.77 -4.94
CA SER C 101 12.57 12.46 -5.33
C SER C 101 12.34 13.66 -4.42
N SER C 102 11.91 14.77 -5.03
CA SER C 102 11.60 15.99 -4.28
C SER C 102 10.21 15.96 -3.66
N TYR C 103 9.47 14.87 -3.82
CA TYR C 103 8.12 14.73 -3.29
C TYR C 103 8.02 13.69 -2.19
N HIS C 104 8.56 12.49 -2.43
CA HIS C 104 8.49 11.38 -1.48
C HIS C 104 9.88 11.19 -0.86
N LYS C 105 9.95 11.30 0.47
CA LYS C 105 11.24 11.37 1.14
C LYS C 105 12.05 10.08 0.98
N ASN C 106 11.39 8.95 0.79
CA ASN C 106 12.08 7.67 0.72
C ASN C 106 12.41 7.23 -0.70
N LEU C 107 11.87 7.89 -1.71
CA LEU C 107 12.04 7.46 -3.09
C LEU C 107 13.45 7.80 -3.58
N LEU C 108 14.12 6.82 -4.18
CA LEU C 108 15.49 7.00 -4.65
C LEU C 108 15.72 6.11 -5.86
N ALA C 109 15.94 6.72 -7.01
CA ALA C 109 16.16 5.98 -8.24
C ALA C 109 17.65 5.74 -8.48
N SER C 110 17.95 4.77 -9.34
CA SER C 110 19.33 4.43 -9.66
C SER C 110 19.42 3.91 -11.07
N SER C 111 20.51 4.24 -11.76
CA SER C 111 20.82 3.70 -13.07
C SER C 111 22.13 2.93 -12.99
N ASP C 112 22.20 1.81 -13.72
CA ASP C 112 23.38 0.96 -13.69
C ASP C 112 23.83 0.66 -15.12
N TYR C 113 24.93 -0.10 -15.23
CA TYR C 113 25.52 -0.37 -16.53
C TYR C 113 24.71 -1.33 -17.38
N GLU C 114 23.82 -2.11 -16.76
CA GLU C 114 22.90 -2.94 -17.54
C GLU C 114 21.91 -2.13 -18.34
N GLY C 115 21.80 -0.82 -18.08
CA GLY C 115 20.73 -0.03 -18.62
C GLY C 115 19.46 -0.05 -17.80
N THR C 116 19.51 -0.59 -16.58
CA THR C 116 18.34 -0.73 -15.73
C THR C 116 18.13 0.52 -14.90
N VAL C 117 16.88 0.96 -14.82
CA VAL C 117 16.47 2.09 -14.00
C VAL C 117 15.61 1.55 -12.87
N ILE C 118 16.15 1.53 -11.66
CA ILE C 118 15.51 0.90 -10.51
C ILE C 118 14.97 1.99 -9.59
N LEU C 119 13.75 1.78 -9.10
CA LEU C 119 13.14 2.65 -8.10
C LEU C 119 13.25 1.98 -6.74
N TRP C 120 13.87 2.67 -5.78
CA TRP C 120 14.12 2.14 -4.46
C TRP C 120 13.40 2.95 -3.39
N ASP C 121 13.09 2.29 -2.28
CA ASP C 121 12.82 2.96 -1.02
C ASP C 121 14.17 3.05 -0.31
N GLY C 122 14.70 4.27 -0.18
CA GLY C 122 16.06 4.47 0.29
C GLY C 122 16.36 3.95 1.69
N PHE C 123 15.37 3.36 2.35
CA PHE C 123 15.54 2.86 3.70
C PHE C 123 15.24 1.38 3.84
N THR C 124 14.14 0.90 3.25
CA THR C 124 13.77 -0.51 3.37
C THR C 124 14.53 -1.41 2.41
N GLY C 125 15.04 -0.87 1.30
CA GLY C 125 15.69 -1.67 0.29
C GLY C 125 14.75 -2.32 -0.70
N GLN C 126 13.46 -2.03 -0.64
CA GLN C 126 12.49 -2.63 -1.55
C GLN C 126 12.54 -1.96 -2.92
N ARG C 127 12.21 -2.74 -3.94
CA ARG C 127 12.11 -2.25 -5.31
C ARG C 127 10.65 -2.18 -5.70
N SER C 128 10.17 -0.96 -6.00
CA SER C 128 8.80 -0.79 -6.45
C SER C 128 8.67 -0.87 -7.97
N LYS C 129 9.71 -0.50 -8.70
CA LYS C 129 9.71 -0.55 -10.15
C LYS C 129 11.10 -0.89 -10.65
N VAL C 130 11.16 -1.79 -11.64
CA VAL C 130 12.40 -2.16 -12.31
C VAL C 130 12.19 -1.92 -13.80
N TYR C 131 12.78 -0.84 -14.32
CA TYR C 131 12.64 -0.47 -15.72
C TYR C 131 13.80 -1.06 -16.51
N GLN C 132 13.49 -1.91 -17.49
CA GLN C 132 14.47 -2.57 -18.34
C GLN C 132 14.07 -2.36 -19.80
N GLU C 133 14.41 -1.20 -20.34
CA GLU C 133 14.20 -0.89 -21.75
C GLU C 133 15.46 -0.47 -22.48
N HIS C 134 16.35 0.26 -21.80
CA HIS C 134 17.58 0.71 -22.43
C HIS C 134 18.44 -0.48 -22.86
N GLU C 135 18.90 -0.46 -24.11
CA GLU C 135 19.65 -1.57 -24.67
C GLU C 135 21.13 -1.53 -24.32
N LYS C 136 21.64 -0.42 -23.80
CA LYS C 136 23.05 -0.29 -23.48
C LYS C 136 23.21 0.44 -22.15
N ARG C 137 24.46 0.80 -21.84
CA ARG C 137 24.79 1.38 -20.54
C ARG C 137 24.05 2.69 -20.33
N CYS C 138 23.40 2.81 -19.17
CA CYS C 138 22.68 4.01 -18.78
C CYS C 138 23.56 4.88 -17.90
N TRP C 139 23.68 6.16 -18.25
CA TRP C 139 24.59 7.06 -17.55
C TRP C 139 23.91 7.93 -16.50
N SER C 140 22.65 8.32 -16.70
CA SER C 140 22.08 9.31 -15.81
C SER C 140 20.57 9.14 -15.70
N VAL C 141 20.06 9.48 -14.51
CA VAL C 141 18.64 9.53 -14.21
C VAL C 141 18.37 10.80 -13.42
N ASP C 142 17.15 11.33 -13.55
CA ASP C 142 16.77 12.50 -12.78
C ASP C 142 15.26 12.55 -12.64
N PHE C 143 14.79 12.90 -11.44
CA PHE C 143 13.37 13.04 -11.18
C PHE C 143 12.87 14.40 -11.64
N ASN C 144 11.64 14.43 -12.15
CA ASN C 144 11.02 15.70 -12.50
C ASN C 144 10.80 16.53 -11.24
N LEU C 145 11.24 17.78 -11.28
CA LEU C 145 11.18 18.63 -10.10
C LEU C 145 9.81 19.29 -9.91
N MET C 146 8.90 19.15 -10.87
CA MET C 146 7.55 19.68 -10.75
C MET C 146 6.49 18.67 -11.18
N ASP C 147 6.81 17.38 -11.18
CA ASP C 147 5.84 16.34 -11.49
C ASP C 147 6.23 15.08 -10.72
N PRO C 148 5.44 14.69 -9.70
CA PRO C 148 5.88 13.58 -8.84
C PRO C 148 5.93 12.24 -9.54
N LYS C 149 5.16 12.04 -10.60
CA LYS C 149 5.14 10.74 -11.27
C LYS C 149 6.25 10.59 -12.29
N LEU C 150 6.80 11.68 -12.80
CA LEU C 150 7.71 11.63 -13.94
C LEU C 150 9.17 11.61 -13.51
N LEU C 151 9.95 10.79 -14.21
CA LEU C 151 11.40 10.80 -14.10
C LEU C 151 11.96 10.49 -15.48
N ALA C 152 13.27 10.65 -15.64
CA ALA C 152 13.89 10.45 -16.95
C ALA C 152 15.24 9.78 -16.81
N SER C 153 15.65 9.09 -17.87
CA SER C 153 16.95 8.44 -17.93
C SER C 153 17.53 8.61 -19.33
N GLY C 154 18.85 8.57 -19.41
CA GLY C 154 19.53 8.64 -20.69
C GLY C 154 20.60 7.58 -20.80
N SER C 155 20.68 6.94 -21.96
CA SER C 155 21.57 5.78 -22.09
C SER C 155 22.46 5.90 -23.33
N ASP C 156 23.41 4.97 -23.40
CA ASP C 156 24.29 4.83 -24.56
C ASP C 156 23.54 4.39 -25.81
N ASP C 157 22.28 3.95 -25.68
CA ASP C 157 21.45 3.58 -26.81
C ASP C 157 20.95 4.78 -27.61
N ALA C 158 21.55 5.96 -27.40
CA ALA C 158 21.15 7.19 -28.07
C ALA C 158 19.68 7.52 -27.78
N LYS C 159 19.24 7.26 -26.55
CA LYS C 159 17.85 7.48 -26.17
C LYS C 159 17.76 8.15 -24.81
N VAL C 160 16.77 9.02 -24.68
CA VAL C 160 16.33 9.60 -23.42
C VAL C 160 14.91 9.11 -23.18
N LYS C 161 14.73 8.21 -22.21
CA LYS C 161 13.44 7.60 -21.95
C LYS C 161 12.77 8.24 -20.74
N LEU C 162 11.46 8.42 -20.84
CA LEU C 162 10.64 9.05 -19.81
C LEU C 162 9.81 7.99 -19.11
N TRP C 163 9.73 8.07 -17.80
CA TRP C 163 9.08 7.06 -16.99
C TRP C 163 8.07 7.70 -16.04
N SER C 164 6.94 7.02 -15.87
CA SER C 164 5.92 7.42 -14.89
C SER C 164 5.88 6.36 -13.80
N THR C 165 5.88 6.81 -12.53
CA THR C 165 5.93 5.88 -11.42
C THR C 165 4.69 5.01 -11.31
N ASN C 166 3.60 5.39 -11.97
CA ASN C 166 2.36 4.62 -11.93
C ASN C 166 2.19 3.70 -13.13
N LEU C 167 3.21 3.56 -13.96
CA LEU C 167 3.15 2.72 -15.15
C LEU C 167 4.40 1.86 -15.24
N ASP C 168 4.26 0.70 -15.88
CA ASP C 168 5.36 -0.25 -16.01
C ASP C 168 6.26 0.02 -17.20
N ASN C 169 5.77 0.74 -18.21
CA ASN C 169 6.53 1.00 -19.42
C ASN C 169 6.70 2.49 -19.64
N SER C 170 7.68 2.86 -20.46
CA SER C 170 7.99 4.25 -20.71
C SER C 170 6.86 4.93 -21.47
N VAL C 171 6.61 6.20 -21.14
CA VAL C 171 5.55 6.96 -21.79
C VAL C 171 6.02 7.72 -23.02
N ALA C 172 7.32 7.97 -23.15
CA ALA C 172 7.86 8.71 -24.28
C ALA C 172 9.37 8.48 -24.34
N SER C 173 9.93 8.69 -25.53
CA SER C 173 11.37 8.53 -25.73
C SER C 173 11.84 9.52 -26.77
N ILE C 174 12.91 10.25 -26.45
CA ILE C 174 13.58 11.15 -27.39
C ILE C 174 14.76 10.42 -27.99
N GLU C 175 14.85 10.44 -29.32
CA GLU C 175 15.90 9.75 -30.05
C GLU C 175 17.01 10.75 -30.37
N ALA C 176 18.14 10.62 -29.68
CA ALA C 176 19.28 11.49 -29.92
C ALA C 176 20.11 10.96 -31.09
N LYS C 177 21.17 11.69 -31.42
CA LYS C 177 22.06 11.30 -32.50
C LYS C 177 23.26 10.49 -32.05
N ALA C 178 23.53 10.44 -30.75
CA ALA C 178 24.67 9.69 -30.22
C ALA C 178 24.39 9.38 -28.75
N ASN C 179 25.43 8.97 -28.02
CA ASN C 179 25.26 8.55 -26.64
C ASN C 179 24.85 9.71 -25.76
N VAL C 180 23.85 9.49 -24.90
CA VAL C 180 23.45 10.47 -23.90
C VAL C 180 24.22 10.20 -22.62
N CYS C 181 24.91 11.22 -22.11
CA CYS C 181 25.75 11.06 -20.94
C CYS C 181 25.16 11.64 -19.66
N CYS C 182 24.18 12.54 -19.76
CA CYS C 182 23.59 13.14 -18.58
CA CYS C 182 23.59 13.14 -18.58
C CYS C 182 22.22 13.71 -18.94
N VAL C 183 21.29 13.62 -18.00
CA VAL C 183 19.95 14.18 -18.15
C VAL C 183 19.60 14.94 -16.89
N LYS C 184 18.72 15.93 -17.03
CA LYS C 184 18.31 16.74 -15.90
C LYS C 184 17.04 17.49 -16.26
N PHE C 185 16.11 17.56 -15.29
CA PHE C 185 14.90 18.36 -15.45
C PHE C 185 15.14 19.79 -14.99
N SER C 186 14.45 20.71 -15.65
CA SER C 186 14.51 22.11 -15.24
C SER C 186 13.88 22.27 -13.86
N PRO C 187 14.42 23.14 -13.01
CA PRO C 187 13.80 23.38 -11.70
C PRO C 187 12.67 24.39 -11.73
N SER C 188 12.31 24.90 -12.90
CA SER C 188 11.25 25.87 -13.04
C SER C 188 10.11 25.39 -13.92
N SER C 189 10.17 24.17 -14.45
CA SER C 189 9.13 23.67 -15.32
C SER C 189 9.16 22.14 -15.34
N ARG C 190 7.97 21.54 -15.35
CA ARG C 190 7.84 20.10 -15.46
C ARG C 190 7.86 19.61 -16.91
N TYR C 191 7.95 20.53 -17.87
CA TYR C 191 7.93 20.19 -19.29
C TYR C 191 9.24 20.52 -19.99
N HIS C 192 10.25 21.00 -19.28
CA HIS C 192 11.54 21.34 -19.86
C HIS C 192 12.59 20.36 -19.36
N LEU C 193 13.37 19.80 -20.29
CA LEU C 193 14.40 18.83 -19.93
C LEU C 193 15.65 19.09 -20.76
N ALA C 194 16.81 18.84 -20.16
CA ALA C 194 18.08 19.01 -20.86
C ALA C 194 18.92 17.75 -20.70
N PHE C 195 19.70 17.44 -21.74
CA PHE C 195 20.60 16.29 -21.65
C PHE C 195 21.86 16.58 -22.46
N GLY C 196 23.00 16.20 -21.91
CA GLY C 196 24.25 16.24 -22.64
C GLY C 196 24.45 14.98 -23.48
N CYS C 197 25.07 15.15 -24.64
CA CYS C 197 25.19 14.07 -25.60
C CYS C 197 26.64 13.89 -26.00
N ALA C 198 26.92 12.73 -26.62
CA ALA C 198 28.26 12.43 -27.11
C ALA C 198 28.62 13.23 -28.35
N ASP C 199 27.69 14.02 -28.89
CA ASP C 199 27.94 14.87 -30.04
C ASP C 199 28.45 16.26 -29.66
N HIS C 200 28.96 16.40 -28.43
CA HIS C 200 29.63 17.61 -27.94
C HIS C 200 28.67 18.78 -27.73
N CYS C 201 27.37 18.52 -27.62
CA CYS C 201 26.37 19.58 -27.52
C CYS C 201 25.45 19.32 -26.35
N VAL C 202 24.76 20.38 -25.91
CA VAL C 202 23.77 20.28 -24.85
C VAL C 202 22.39 20.47 -25.46
N HIS C 203 21.51 19.48 -25.29
CA HIS C 203 20.21 19.50 -25.93
C HIS C 203 19.13 19.88 -24.93
N TYR C 204 18.23 20.77 -25.36
CA TYR C 204 17.20 21.35 -24.51
C TYR C 204 15.86 21.16 -25.20
N TYR C 205 14.98 20.40 -24.56
CA TYR C 205 13.75 19.89 -25.12
C TYR C 205 12.54 20.29 -24.29
N ASP C 206 11.40 20.41 -24.96
CA ASP C 206 10.08 20.50 -24.34
C ASP C 206 9.34 19.21 -24.66
N LEU C 207 9.22 18.33 -23.66
CA LEU C 207 8.74 16.96 -23.87
C LEU C 207 7.36 16.91 -24.53
N ARG C 208 6.66 18.04 -24.57
CA ARG C 208 5.41 18.13 -25.32
C ARG C 208 5.62 17.75 -26.78
N ASN C 209 6.70 18.26 -27.39
CA ASN C 209 7.08 17.89 -28.75
C ASN C 209 8.54 17.46 -28.72
N THR C 210 8.82 16.25 -29.21
CA THR C 210 10.15 15.66 -29.13
C THR C 210 10.69 15.35 -30.52
N LYS C 211 10.51 16.25 -31.48
CA LYS C 211 10.83 15.91 -32.86
C LYS C 211 12.12 16.52 -33.45
N GLN C 212 12.46 17.83 -33.38
CA GLN C 212 11.96 19.04 -32.68
C GLN C 212 12.50 19.20 -31.25
N PRO C 213 13.75 19.66 -31.15
CA PRO C 213 14.25 20.20 -29.89
C PRO C 213 14.07 21.71 -29.83
N ILE C 214 14.14 22.24 -28.61
CA ILE C 214 14.05 23.69 -28.44
C ILE C 214 15.38 24.35 -28.76
N MET C 215 16.46 23.88 -28.13
CA MET C 215 17.76 24.52 -28.33
C MET C 215 18.87 23.49 -28.32
N VAL C 216 19.84 23.67 -29.20
CA VAL C 216 21.07 22.87 -29.23
C VAL C 216 22.24 23.80 -28.96
N PHE C 217 22.97 23.53 -27.89
CA PHE C 217 24.06 24.37 -27.44
C PHE C 217 25.39 23.79 -27.92
N LYS C 218 26.08 24.53 -28.78
CA LYS C 218 27.33 24.13 -29.38
C LYS C 218 28.50 24.92 -28.80
N GLY C 219 29.67 24.30 -28.78
CA GLY C 219 30.86 24.96 -28.31
C GLY C 219 31.92 23.99 -27.82
N HIS C 220 31.48 22.93 -27.13
CA HIS C 220 32.40 21.94 -26.61
C HIS C 220 33.06 21.16 -27.74
N ARG C 221 34.27 20.67 -27.48
CA ARG C 221 35.01 19.85 -28.42
C ARG C 221 34.93 18.36 -28.08
N LYS C 222 34.46 18.01 -26.89
CA LYS C 222 34.32 16.63 -26.47
C LYS C 222 32.92 16.42 -25.91
N ALA C 223 32.59 15.16 -25.65
CA ALA C 223 31.25 14.80 -25.21
C ALA C 223 30.88 15.50 -23.90
N VAL C 224 29.65 15.98 -23.82
CA VAL C 224 29.16 16.70 -22.64
C VAL C 224 28.92 15.66 -21.56
N SER C 225 29.82 15.58 -20.58
CA SER C 225 29.68 14.60 -19.52
C SER C 225 28.62 15.00 -18.51
N TYR C 226 28.49 16.30 -18.22
CA TYR C 226 27.53 16.76 -17.24
C TYR C 226 26.78 17.99 -17.73
N ALA C 227 25.57 18.16 -17.22
CA ALA C 227 24.72 19.29 -17.59
C ALA C 227 23.69 19.48 -16.50
N LYS C 228 23.85 20.54 -15.69
CA LYS C 228 22.94 20.86 -14.60
C LYS C 228 22.29 22.22 -14.86
N PHE C 229 21.21 22.48 -14.13
CA PHE C 229 20.49 23.74 -14.22
C PHE C 229 20.94 24.65 -13.09
N VAL C 230 21.66 25.72 -13.44
CA VAL C 230 21.97 26.75 -12.46
C VAL C 230 20.69 27.45 -12.03
N SER C 231 19.78 27.66 -12.97
CA SER C 231 18.46 28.20 -12.70
C SER C 231 17.56 27.84 -13.88
N GLY C 232 16.33 28.33 -13.84
CA GLY C 232 15.48 28.19 -15.01
C GLY C 232 15.95 28.95 -16.23
N GLU C 233 16.90 29.87 -16.05
CA GLU C 233 17.42 30.70 -17.14
C GLU C 233 18.79 30.27 -17.63
N GLU C 234 19.54 29.48 -16.86
CA GLU C 234 20.92 29.17 -17.18
C GLU C 234 21.24 27.72 -16.92
N ILE C 235 22.09 27.15 -17.77
CA ILE C 235 22.53 25.76 -17.68
C ILE C 235 24.05 25.75 -17.66
N VAL C 236 24.64 24.84 -16.88
CA VAL C 236 26.08 24.67 -16.86
C VAL C 236 26.39 23.26 -17.38
N SER C 237 27.40 23.17 -18.23
CA SER C 237 27.82 21.89 -18.81
C SER C 237 29.29 21.64 -18.54
N ALA C 238 29.65 20.37 -18.45
CA ALA C 238 31.02 19.94 -18.19
C ALA C 238 31.40 18.91 -19.24
N SER C 239 32.49 19.16 -19.98
CA SER C 239 32.92 18.20 -20.99
C SER C 239 34.40 17.89 -20.81
N THR C 240 34.84 16.83 -21.50
CA THR C 240 36.23 16.36 -21.39
C THR C 240 37.20 17.13 -22.26
N ASP C 241 37.04 18.45 -22.36
CA ASP C 241 38.04 19.34 -22.92
C ASP C 241 38.58 20.29 -21.85
N SER C 242 38.58 19.83 -20.59
CA SER C 242 38.95 20.65 -19.44
C SER C 242 38.15 21.94 -19.42
N GLN C 243 36.86 21.84 -19.72
CA GLN C 243 36.04 23.02 -19.89
C GLN C 243 34.65 22.84 -19.29
N LEU C 244 34.25 23.83 -18.50
CA LEU C 244 32.87 24.08 -18.13
C LEU C 244 32.34 25.20 -19.02
N LYS C 245 31.04 25.16 -19.30
CA LYS C 245 30.42 26.18 -20.15
C LYS C 245 29.09 26.60 -19.58
N LEU C 246 28.88 27.90 -19.43
CA LEU C 246 27.64 28.46 -18.94
C LEU C 246 26.81 28.97 -20.13
N TRP C 247 25.56 28.54 -20.19
CA TRP C 247 24.65 28.85 -21.27
C TRP C 247 23.39 29.51 -20.72
N ASN C 248 22.79 30.37 -21.53
CA ASN C 248 21.44 30.86 -21.29
C ASN C 248 20.48 30.08 -22.16
N VAL C 249 19.25 29.90 -21.66
CA VAL C 249 18.27 29.09 -22.37
C VAL C 249 18.02 29.63 -23.78
N GLY C 250 18.05 30.95 -23.93
CA GLY C 250 17.76 31.55 -25.22
C GLY C 250 18.95 31.64 -26.17
N LYS C 251 20.21 31.63 -25.63
CA LYS C 251 21.30 31.82 -26.57
C LYS C 251 21.97 30.49 -26.91
N PRO C 252 22.27 30.24 -28.18
CA PRO C 252 22.79 28.92 -28.58
C PRO C 252 24.28 28.73 -28.35
N TYR C 253 25.01 29.75 -27.92
CA TYR C 253 26.42 29.61 -27.59
C TYR C 253 26.66 30.14 -26.17
N CYS C 254 27.74 29.64 -25.57
CA CYS C 254 27.98 29.83 -24.15
C CYS C 254 28.20 31.31 -23.82
N LEU C 255 27.71 31.71 -22.63
CA LEU C 255 27.96 33.04 -22.12
C LEU C 255 29.37 33.17 -21.56
N ARG C 256 29.99 32.07 -21.15
CA ARG C 256 31.27 32.10 -20.45
C ARG C 256 31.80 30.68 -20.32
N SER C 257 33.11 30.54 -20.39
CA SER C 257 33.78 29.26 -20.22
C SER C 257 34.63 29.29 -18.96
N PHE C 258 34.54 28.21 -18.17
CA PHE C 258 35.30 28.06 -16.93
C PHE C 258 36.43 27.06 -17.16
N LYS C 259 37.65 27.52 -16.94
CA LYS C 259 38.87 26.72 -17.08
C LYS C 259 39.64 26.74 -15.77
N GLY C 260 40.70 25.93 -15.72
CA GLY C 260 41.55 25.87 -14.55
C GLY C 260 41.75 24.46 -14.04
N HIS C 261 40.73 23.62 -14.21
CA HIS C 261 40.79 22.23 -13.79
C HIS C 261 41.29 21.36 -14.95
N ILE C 262 41.52 20.09 -14.64
CA ILE C 262 41.98 19.11 -15.63
C ILE C 262 40.91 18.04 -15.74
N ASN C 263 40.19 18.02 -16.87
CA ASN C 263 39.09 17.09 -17.11
C ASN C 263 39.11 16.74 -18.59
N GLU C 264 39.82 15.67 -18.93
CA GLU C 264 40.01 15.27 -20.32
C GLU C 264 39.53 13.86 -20.63
N LYS C 265 38.99 13.13 -19.65
CA LYS C 265 38.74 11.71 -19.87
C LYS C 265 37.52 11.18 -19.11
N ASN C 266 37.41 11.51 -17.82
CA ASN C 266 36.50 10.82 -16.93
C ASN C 266 35.31 11.69 -16.52
N PHE C 267 34.28 11.01 -16.03
CA PHE C 267 33.15 11.65 -15.36
C PHE C 267 33.62 12.16 -14.00
N VAL C 268 33.95 13.46 -13.91
CA VAL C 268 34.51 14.01 -12.69
C VAL C 268 33.48 14.74 -11.84
N GLY C 269 32.22 14.76 -12.26
CA GLY C 269 31.18 15.34 -11.43
C GLY C 269 31.01 16.83 -11.66
N LEU C 270 29.78 17.29 -11.48
CA LEU C 270 29.45 18.71 -11.61
C LEU C 270 28.28 19.02 -10.69
N ALA C 271 28.42 20.05 -9.88
CA ALA C 271 27.37 20.46 -8.96
C ALA C 271 27.25 21.98 -8.97
N SER C 272 26.03 22.47 -8.73
CA SER C 272 25.74 23.89 -8.78
C SER C 272 24.77 24.25 -7.66
N ASN C 273 25.07 25.34 -6.94
CA ASN C 273 24.17 25.86 -5.91
C ASN C 273 24.12 27.37 -6.06
N GLY C 274 22.95 27.89 -6.41
CA GLY C 274 22.75 29.31 -6.56
C GLY C 274 23.71 29.96 -7.53
N ASP C 275 24.75 30.60 -7.00
CA ASP C 275 25.71 31.35 -7.81
C ASP C 275 27.07 30.67 -7.86
N TYR C 276 27.20 29.45 -7.36
CA TYR C 276 28.51 28.80 -7.25
C TYR C 276 28.49 27.45 -7.93
N ILE C 277 29.59 27.12 -8.60
CA ILE C 277 29.75 25.89 -9.35
C ILE C 277 30.97 25.14 -8.82
N ALA C 278 30.84 23.82 -8.65
CA ALA C 278 31.93 22.98 -8.17
C ALA C 278 32.10 21.80 -9.11
N CYS C 279 33.35 21.49 -9.44
CA CYS C 279 33.64 20.37 -10.32
C CYS C 279 34.99 19.76 -9.95
N GLY C 280 35.10 18.45 -10.16
CA GLY C 280 36.34 17.76 -9.85
C GLY C 280 37.37 17.89 -10.94
N SER C 281 38.58 17.44 -10.63
CA SER C 281 39.70 17.53 -11.57
C SER C 281 40.57 16.29 -11.43
N GLU C 282 41.32 16.00 -12.50
CA GLU C 282 42.16 14.81 -12.54
C GLU C 282 43.46 14.97 -11.77
N ASN C 283 43.71 16.13 -11.16
CA ASN C 283 44.81 16.29 -10.22
C ASN C 283 44.40 15.99 -8.79
N ASN C 284 43.35 15.18 -8.61
CA ASN C 284 42.85 14.79 -7.30
C ASN C 284 42.47 16.02 -6.47
N SER C 285 41.68 16.90 -7.07
CA SER C 285 41.29 18.14 -6.41
C SER C 285 39.94 18.60 -6.90
N LEU C 286 39.22 19.30 -6.02
CA LEU C 286 37.95 19.93 -6.33
C LEU C 286 38.14 21.42 -6.55
N TYR C 287 37.49 21.94 -7.59
CA TYR C 287 37.58 23.34 -7.97
C TYR C 287 36.23 24.01 -7.81
N LEU C 288 36.25 25.22 -7.22
CA LEU C 288 35.06 26.02 -6.99
C LEU C 288 35.17 27.35 -7.71
N TYR C 289 34.12 27.68 -8.47
CA TYR C 289 34.02 28.87 -9.30
C TYR C 289 32.77 29.66 -8.92
N TYR C 290 32.81 30.96 -9.18
CA TYR C 290 31.60 31.79 -9.18
C TYR C 290 31.11 31.94 -10.62
N LYS C 291 29.80 31.81 -10.80
CA LYS C 291 29.24 31.64 -12.15
C LYS C 291 29.43 32.86 -13.04
N GLY C 292 29.72 34.02 -12.48
CA GLY C 292 29.94 35.22 -13.26
C GLY C 292 31.38 35.55 -13.56
N LEU C 293 32.31 34.62 -13.34
CA LEU C 293 33.72 34.88 -13.55
C LEU C 293 34.41 33.57 -13.90
N SER C 294 35.36 33.63 -14.84
CA SER C 294 35.97 32.43 -15.40
C SER C 294 37.10 31.87 -14.55
N LYS C 295 37.64 32.62 -13.61
CA LYS C 295 38.80 32.18 -12.85
C LYS C 295 38.40 31.42 -11.60
N THR C 296 39.26 30.52 -11.17
CA THR C 296 38.94 29.63 -10.06
C THR C 296 38.80 30.42 -8.76
N LEU C 297 37.67 30.21 -8.07
CA LEU C 297 37.51 30.81 -6.76
C LEU C 297 38.43 30.15 -5.74
N LEU C 298 38.35 28.82 -5.61
CA LEU C 298 39.29 28.15 -4.72
C LEU C 298 39.38 26.67 -5.08
N THR C 299 40.33 25.99 -4.43
CA THR C 299 40.65 24.60 -4.74
C THR C 299 40.91 23.84 -3.44
N PHE C 300 40.36 22.63 -3.36
CA PHE C 300 40.64 21.71 -2.26
C PHE C 300 41.37 20.49 -2.81
N LYS C 301 42.52 20.16 -2.22
CA LYS C 301 43.36 19.07 -2.69
C LYS C 301 43.18 17.87 -1.77
N PHE C 302 42.63 16.79 -2.33
CA PHE C 302 42.52 15.54 -1.58
C PHE C 302 43.91 15.01 -1.24
N ASP C 303 44.04 14.46 -0.04
CA ASP C 303 45.22 13.69 0.29
C ASP C 303 45.20 12.37 -0.47
N THR C 304 46.34 11.68 -0.45
CA THR C 304 46.44 10.42 -1.17
C THR C 304 47.32 9.45 -0.39
N VAL C 305 47.02 8.17 -0.52
CA VAL C 305 47.75 7.13 0.19
C VAL C 305 48.08 5.97 -0.74
N ASN C 319 46.99 9.48 -11.34
CA ASN C 319 45.87 8.91 -12.08
C ASN C 319 44.58 8.99 -11.27
N GLU C 320 44.68 9.44 -10.02
CA GLU C 320 43.52 9.61 -9.18
C GLU C 320 42.73 10.84 -9.62
N PHE C 321 41.40 10.74 -9.59
CA PHE C 321 40.55 11.82 -10.05
C PHE C 321 39.32 11.92 -9.17
N VAL C 322 38.86 13.15 -8.94
CA VAL C 322 37.57 13.36 -8.30
C VAL C 322 36.47 12.83 -9.21
N SER C 323 35.46 12.19 -8.63
CA SER C 323 34.43 11.52 -9.41
C SER C 323 33.01 11.97 -9.13
N ALA C 324 32.70 12.54 -7.96
CA ALA C 324 31.33 13.00 -7.74
C ALA C 324 31.31 14.13 -6.72
N VAL C 325 30.40 15.08 -6.92
CA VAL C 325 30.19 16.18 -5.99
C VAL C 325 28.69 16.47 -5.90
N CYS C 326 28.29 17.04 -4.78
CA CYS C 326 26.90 17.39 -4.57
C CYS C 326 26.80 18.47 -3.50
N TRP C 327 25.93 19.46 -3.75
CA TRP C 327 25.69 20.52 -2.79
C TRP C 327 24.62 20.09 -1.79
N ARG C 328 24.83 20.47 -0.52
CA ARG C 328 23.78 20.35 0.50
C ARG C 328 22.89 21.59 0.40
N ALA C 329 22.07 21.61 -0.65
CA ALA C 329 21.20 22.75 -0.94
C ALA C 329 20.06 22.82 0.06
N LEU C 330 20.37 23.17 1.31
CA LEU C 330 19.37 23.30 2.35
C LEU C 330 18.43 24.45 2.01
N PRO C 331 17.15 24.17 1.73
CA PRO C 331 16.22 25.24 1.39
C PRO C 331 16.05 26.21 2.56
N ASP C 332 16.10 27.50 2.25
CA ASP C 332 16.08 28.57 3.24
C ASP C 332 17.26 28.42 4.20
N GLY C 333 18.45 28.61 3.64
CA GLY C 333 19.67 28.49 4.42
C GLY C 333 20.87 28.90 3.58
N GLU C 334 22.04 28.69 4.16
CA GLU C 334 23.31 29.01 3.53
C GLU C 334 23.97 27.71 3.07
N SER C 335 24.02 27.52 1.75
CA SER C 335 24.65 26.33 1.18
C SER C 335 26.16 26.39 1.34
N ASN C 336 26.63 26.44 2.58
CA ASN C 336 28.06 26.55 2.88
C ASN C 336 28.76 25.21 2.90
N VAL C 337 28.07 24.11 2.57
CA VAL C 337 28.63 22.77 2.70
C VAL C 337 28.25 21.94 1.49
N LEU C 338 29.18 21.11 1.04
CA LEU C 338 28.97 20.16 -0.04
C LEU C 338 29.70 18.88 0.29
N ILE C 339 29.52 17.85 -0.54
CA ILE C 339 30.19 16.57 -0.35
C ILE C 339 30.85 16.18 -1.66
N ALA C 340 32.11 15.76 -1.60
CA ALA C 340 32.86 15.32 -2.76
C ALA C 340 33.40 13.92 -2.54
N ALA C 341 33.75 13.24 -3.63
CA ALA C 341 34.27 11.89 -3.58
C ALA C 341 35.16 11.62 -4.78
N ASN C 342 36.33 11.04 -4.52
CA ASN C 342 37.35 10.83 -5.53
C ASN C 342 37.38 9.39 -6.00
N SER C 343 38.33 9.08 -6.89
CA SER C 343 38.38 7.74 -7.48
C SER C 343 38.85 6.69 -6.48
N GLN C 344 39.63 7.10 -5.47
CA GLN C 344 40.04 6.16 -4.43
C GLN C 344 38.91 5.74 -3.50
N GLY C 345 37.70 6.27 -3.71
CA GLY C 345 36.61 6.02 -2.80
C GLY C 345 36.57 6.93 -1.60
N THR C 346 37.56 7.82 -1.44
CA THR C 346 37.54 8.76 -0.34
C THR C 346 36.44 9.78 -0.55
N ILE C 347 35.58 9.93 0.46
CA ILE C 347 34.45 10.84 0.46
C ILE C 347 34.67 11.84 1.58
N LYS C 348 34.54 13.12 1.26
CA LYS C 348 34.77 14.19 2.23
C LYS C 348 33.61 15.16 2.19
N VAL C 349 33.00 15.39 3.35
CA VAL C 349 32.12 16.55 3.53
C VAL C 349 33.00 17.76 3.75
N LEU C 350 32.71 18.85 3.03
CA LEU C 350 33.54 20.05 3.04
C LEU C 350 32.65 21.26 3.24
N GLU C 351 33.06 22.15 4.13
CA GLU C 351 32.32 23.37 4.43
C GLU C 351 33.14 24.57 3.99
N LEU C 352 32.52 25.47 3.23
CA LEU C 352 33.20 26.63 2.67
C LEU C 352 33.28 27.73 3.72
N VAL C 353 34.50 28.07 4.13
CA VAL C 353 34.70 29.13 5.13
C VAL C 353 35.10 30.43 4.44
N SER D 1 37.96 0.75 -18.98
CA SER D 1 37.77 1.24 -17.61
C SER D 1 36.38 1.81 -17.42
N ASP D 2 36.01 2.07 -16.17
CA ASP D 2 34.68 2.54 -15.81
C ASP D 2 34.66 4.06 -15.69
N GLN D 3 33.46 4.63 -15.85
CA GLN D 3 33.22 6.06 -15.71
C GLN D 3 34.11 6.86 -16.66
N ILE D 4 34.22 6.39 -17.90
CA ILE D 4 34.92 7.11 -18.97
C ILE D 4 33.86 7.72 -19.89
N VAL D 5 33.97 9.03 -20.11
CA VAL D 5 33.01 9.72 -20.97
C VAL D 5 33.15 9.21 -22.40
N PRO D 6 32.07 8.83 -23.07
CA PRO D 6 32.18 8.34 -24.45
C PRO D 6 32.73 9.42 -25.37
N GLU D 7 33.16 8.99 -26.55
CA GLU D 7 33.70 9.88 -27.57
C GLU D 7 33.01 9.62 -28.90
N TYR D 8 32.79 10.69 -29.66
CA TYR D 8 32.25 10.58 -31.01
C TYR D 8 32.59 11.84 -31.80
N GLU E 13 -7.90 -49.35 -26.88
CA GLU E 13 -9.19 -49.09 -26.25
C GLU E 13 -9.35 -49.94 -24.99
N PHE E 14 -8.38 -50.81 -24.74
CA PHE E 14 -8.45 -51.68 -23.56
C PHE E 14 -8.38 -50.87 -22.27
N GLN E 15 -7.54 -49.83 -22.25
CA GLN E 15 -7.43 -48.98 -21.07
C GLN E 15 -8.76 -48.30 -20.75
N GLU E 16 -9.49 -47.88 -21.79
CA GLU E 16 -10.79 -47.28 -21.57
C GLU E 16 -11.78 -48.30 -21.00
N CYS E 17 -11.72 -49.54 -21.47
CA CYS E 17 -12.55 -50.59 -20.91
C CYS E 17 -12.25 -50.79 -19.42
N LEU E 18 -10.97 -50.81 -19.06
CA LEU E 18 -10.59 -50.95 -17.66
C LEU E 18 -11.11 -49.79 -16.83
N SER E 19 -10.86 -48.56 -17.28
CA SER E 19 -11.28 -47.38 -16.52
C SER E 19 -12.80 -47.33 -16.36
N LYS E 20 -13.53 -47.75 -17.40
CA LYS E 20 -14.98 -47.72 -17.33
C LYS E 20 -15.53 -48.82 -16.44
N PHE E 21 -14.86 -49.98 -16.39
CA PHE E 21 -15.33 -51.06 -15.53
C PHE E 21 -15.05 -50.78 -14.06
N THR E 22 -14.11 -49.91 -13.75
CA THR E 22 -13.75 -49.59 -12.37
C THR E 22 -14.24 -48.22 -11.94
N ARG E 23 -15.08 -47.57 -12.74
CA ARG E 23 -15.52 -46.22 -12.40
C ARG E 23 -16.32 -46.21 -11.10
N TYR E 24 -17.12 -47.23 -10.87
CA TYR E 24 -17.91 -47.37 -9.64
C TYR E 24 -17.52 -48.64 -8.92
N ASN E 25 -17.54 -48.57 -7.59
CA ASN E 25 -17.19 -49.71 -6.76
C ASN E 25 -18.10 -49.92 -5.56
N SER E 26 -18.98 -48.97 -5.24
CA SER E 26 -19.88 -49.10 -4.11
C SER E 26 -21.24 -48.52 -4.48
N VAL E 27 -22.21 -48.74 -3.60
CA VAL E 27 -23.58 -48.30 -3.82
C VAL E 27 -24.12 -47.70 -2.52
N ARG E 28 -24.68 -46.50 -2.62
CA ARG E 28 -25.22 -45.80 -1.47
C ARG E 28 -26.72 -45.59 -1.66
N PRO E 29 -27.57 -46.19 -0.82
CA PRO E 29 -29.01 -45.92 -0.92
C PRO E 29 -29.32 -44.51 -0.43
N LEU E 30 -30.24 -43.85 -1.12
CA LEU E 30 -30.69 -42.52 -0.73
C LEU E 30 -32.19 -42.45 -0.44
N ALA E 31 -32.93 -43.53 -0.63
CA ALA E 31 -34.35 -43.54 -0.33
C ALA E 31 -34.83 -44.98 -0.27
N THR E 32 -35.96 -45.18 0.43
CA THR E 32 -36.60 -46.49 0.54
C THR E 32 -38.09 -46.27 0.70
N LEU E 33 -38.88 -46.87 -0.20
CA LEU E 33 -40.33 -46.70 -0.19
C LEU E 33 -40.98 -48.07 -0.32
N SER E 34 -42.31 -48.08 -0.29
CA SER E 34 -43.09 -49.31 -0.39
C SER E 34 -44.25 -49.09 -1.34
N TYR E 35 -44.37 -49.96 -2.34
CA TYR E 35 -45.47 -49.88 -3.29
C TYR E 35 -46.82 -50.17 -2.65
N ALA E 36 -46.83 -50.81 -1.48
CA ALA E 36 -48.07 -51.12 -0.77
C ALA E 36 -48.33 -50.10 0.33
N LEU E 39 -50.30 -53.91 1.81
CA LEU E 39 -51.76 -53.95 1.82
C LEU E 39 -52.26 -55.39 1.97
N TYR E 40 -52.72 -55.72 3.19
CA TYR E 40 -53.29 -57.02 3.50
C TYR E 40 -52.36 -58.16 3.12
N ASN E 41 -51.05 -57.91 3.17
CA ASN E 41 -50.02 -58.88 2.81
C ASN E 41 -50.17 -59.41 1.39
N GLY E 42 -50.85 -58.66 0.53
CA GLY E 42 -51.04 -59.07 -0.85
C GLY E 42 -49.82 -58.78 -1.70
N SER E 43 -49.87 -59.27 -2.94
CA SER E 43 -48.76 -59.06 -3.86
C SER E 43 -48.61 -57.59 -4.20
N SER E 44 -47.37 -57.09 -4.11
CA SER E 44 -47.06 -55.70 -4.41
C SER E 44 -45.90 -55.60 -5.39
N ILE E 45 -45.81 -56.55 -6.34
CA ILE E 45 -44.72 -56.56 -7.29
C ILE E 45 -44.80 -55.32 -8.18
N VAL E 46 -43.71 -54.56 -8.22
CA VAL E 46 -43.62 -53.37 -9.06
C VAL E 46 -43.20 -53.80 -10.45
N SER E 47 -44.08 -53.57 -11.43
CA SER E 47 -43.81 -53.99 -12.80
C SER E 47 -43.05 -52.96 -13.61
N SER E 48 -43.16 -51.67 -13.27
CA SER E 48 -42.52 -50.65 -14.08
C SER E 48 -42.18 -49.42 -13.24
N ILE E 49 -41.02 -48.84 -13.53
CA ILE E 49 -40.58 -47.57 -12.96
C ILE E 49 -40.07 -46.72 -14.13
N GLU E 50 -40.60 -45.51 -14.25
CA GLU E 50 -40.18 -44.64 -15.36
C GLU E 50 -40.14 -43.19 -14.91
N PHE E 51 -39.09 -42.48 -15.32
CA PHE E 51 -38.96 -41.06 -15.03
C PHE E 51 -39.69 -40.23 -16.08
N ASP E 52 -40.20 -39.08 -15.65
CA ASP E 52 -40.75 -38.12 -16.59
C ASP E 52 -39.62 -37.49 -17.40
N ARG E 53 -39.98 -36.50 -18.23
CA ARG E 53 -39.00 -35.92 -19.15
C ARG E 53 -37.87 -35.23 -18.40
N ASP E 54 -38.21 -34.35 -17.45
CA ASP E 54 -37.23 -33.55 -16.73
C ASP E 54 -36.59 -34.28 -15.56
N CYS E 55 -36.89 -35.57 -15.38
CA CYS E 55 -36.47 -36.35 -14.21
C CYS E 55 -36.96 -35.73 -12.90
N ASP E 56 -38.01 -34.91 -12.97
CA ASP E 56 -38.57 -34.30 -11.76
C ASP E 56 -39.51 -35.23 -11.04
N TYR E 57 -40.20 -36.11 -11.76
CA TYR E 57 -41.16 -37.04 -11.19
C TYR E 57 -40.94 -38.42 -11.78
N PHE E 58 -41.13 -39.45 -10.97
CA PHE E 58 -41.09 -40.82 -11.47
C PHE E 58 -42.37 -41.55 -11.09
N ALA E 59 -42.78 -42.46 -11.97
CA ALA E 59 -44.00 -43.23 -11.82
C ALA E 59 -43.68 -44.70 -11.61
N ILE E 60 -44.48 -45.35 -10.78
CA ILE E 60 -44.31 -46.73 -10.38
C ILE E 60 -45.64 -47.46 -10.57
N ALA E 61 -45.59 -48.63 -11.20
CA ALA E 61 -46.79 -49.40 -11.48
C ALA E 61 -46.50 -50.88 -11.25
N GLY E 62 -47.54 -51.62 -10.88
CA GLY E 62 -47.40 -53.03 -10.61
C GLY E 62 -48.71 -53.80 -10.54
N VAL E 63 -48.72 -54.86 -9.73
CA VAL E 63 -49.88 -55.76 -9.69
C VAL E 63 -51.04 -55.17 -8.90
N THR E 64 -50.81 -54.16 -8.07
CA THR E 64 -51.89 -53.58 -7.27
C THR E 64 -52.84 -52.71 -8.09
N LYS E 65 -52.67 -52.65 -9.41
CA LYS E 65 -53.53 -51.88 -10.31
C LYS E 65 -53.49 -50.39 -10.01
N LYS E 66 -52.34 -49.88 -9.56
CA LYS E 66 -52.21 -48.48 -9.18
C LYS E 66 -50.94 -47.90 -9.77
N ILE E 67 -51.06 -46.71 -10.34
CA ILE E 67 -49.92 -45.94 -10.85
C ILE E 67 -49.63 -44.83 -9.84
N LYS E 68 -48.50 -44.90 -9.17
CA LYS E 68 -48.12 -43.92 -8.15
C LYS E 68 -47.05 -42.99 -8.71
N VAL E 69 -47.29 -41.69 -8.63
CA VAL E 69 -46.41 -40.68 -9.18
C VAL E 69 -45.80 -39.88 -8.04
N TYR E 70 -44.47 -39.96 -7.93
CA TYR E 70 -43.71 -39.35 -6.85
C TYR E 70 -42.80 -38.25 -7.39
N GLU E 71 -42.54 -37.25 -6.54
CA GLU E 71 -41.61 -36.17 -6.85
C GLU E 71 -40.23 -36.51 -6.31
N TYR E 72 -39.21 -36.43 -7.18
CA TYR E 72 -37.88 -36.93 -6.84
C TYR E 72 -37.27 -36.16 -5.67
N ASP E 73 -37.31 -34.83 -5.73
CA ASP E 73 -36.66 -34.02 -4.70
C ASP E 73 -37.32 -34.17 -3.34
N THR E 74 -38.61 -34.48 -3.31
CA THR E 74 -39.30 -34.68 -2.04
C THR E 74 -38.94 -36.02 -1.41
N VAL E 75 -38.62 -37.02 -2.22
CA VAL E 75 -38.41 -38.37 -1.70
C VAL E 75 -37.08 -38.46 -0.97
N ILE E 76 -36.02 -37.91 -1.55
CA ILE E 76 -34.67 -38.11 -1.03
C ILE E 76 -34.38 -37.18 0.14
N GLN E 77 -35.43 -36.60 0.70
CA GLN E 77 -35.32 -35.76 1.89
C GLN E 77 -36.39 -36.19 2.88
N ASP E 78 -35.96 -36.49 4.11
CA ASP E 78 -36.77 -37.05 5.21
C ASP E 78 -36.99 -38.55 5.04
N ALA E 79 -37.63 -39.18 6.01
CA ALA E 79 -37.82 -40.62 6.00
C ALA E 79 -39.31 -40.99 6.03
N ILE E 82 -42.39 -42.47 5.58
CA ILE E 82 -43.13 -41.24 5.31
C ILE E 82 -42.89 -40.78 3.89
N HIS E 83 -43.66 -41.33 2.94
CA HIS E 83 -43.52 -40.99 1.53
C HIS E 83 -44.89 -41.12 0.89
N TYR E 84 -45.56 -39.99 0.67
CA TYR E 84 -46.88 -39.98 0.06
C TYR E 84 -46.81 -39.52 -1.38
N PRO E 85 -47.52 -40.17 -2.30
CA PRO E 85 -47.35 -39.87 -3.72
C PRO E 85 -47.87 -38.48 -4.08
N GLU E 86 -47.20 -37.85 -5.04
CA GLU E 86 -47.71 -36.60 -5.58
C GLU E 86 -49.05 -36.82 -6.27
N ASN E 87 -49.22 -37.96 -6.93
CA ASN E 87 -50.54 -38.29 -7.49
C ASN E 87 -50.67 -39.79 -7.68
N GLU E 88 -51.75 -40.36 -7.14
CA GLU E 88 -52.03 -41.79 -7.26
C GLU E 88 -53.23 -41.99 -8.17
N MET E 89 -53.13 -42.97 -9.08
CA MET E 89 -54.17 -43.22 -10.07
C MET E 89 -54.52 -44.71 -10.03
N THR E 90 -55.71 -45.03 -9.52
CA THR E 90 -56.17 -46.41 -9.51
C THR E 90 -56.61 -46.84 -10.89
N CYS E 91 -56.29 -48.08 -11.24
CA CYS E 91 -56.59 -48.62 -12.56
C CYS E 91 -57.50 -49.84 -12.42
N ASN E 92 -57.97 -50.33 -13.58
CA ASN E 92 -58.93 -51.43 -13.60
C ASN E 92 -58.25 -52.77 -13.38
N SER E 93 -57.08 -52.99 -13.99
CA SER E 93 -56.43 -54.28 -13.96
C SER E 93 -54.96 -54.11 -13.59
N LYS E 94 -54.31 -55.25 -13.35
CA LYS E 94 -52.88 -55.27 -13.03
C LYS E 94 -52.08 -54.69 -14.19
N ILE E 95 -51.08 -53.90 -13.85
CA ILE E 95 -50.32 -53.13 -14.83
C ILE E 95 -48.98 -53.80 -15.09
N SER E 96 -48.55 -53.81 -16.34
CA SER E 96 -47.30 -54.46 -16.74
C SER E 96 -46.21 -53.49 -17.17
N CYS E 97 -46.55 -52.28 -17.60
CA CYS E 97 -45.54 -51.35 -18.08
C CYS E 97 -46.13 -49.95 -18.14
N ILE E 98 -45.25 -48.95 -17.99
CA ILE E 98 -45.61 -47.55 -18.15
C ILE E 98 -44.50 -46.87 -18.96
N SER E 99 -44.81 -45.65 -19.41
CA SER E 99 -43.84 -44.88 -20.20
C SER E 99 -44.29 -43.43 -20.25
N TRP E 100 -43.36 -42.52 -19.94
CA TRP E 100 -43.60 -41.10 -20.05
C TRP E 100 -43.29 -40.62 -21.47
N SER E 101 -43.97 -39.56 -21.88
CA SER E 101 -43.73 -38.97 -23.19
C SER E 101 -42.52 -38.04 -23.14
N SER E 102 -41.69 -38.12 -24.17
CA SER E 102 -40.52 -37.26 -24.29
C SER E 102 -40.84 -35.89 -24.87
N TYR E 103 -42.13 -35.59 -25.06
CA TYR E 103 -42.56 -34.30 -25.62
C TYR E 103 -43.48 -33.55 -24.69
N HIS E 104 -44.48 -34.20 -24.12
CA HIS E 104 -45.43 -33.57 -23.21
C HIS E 104 -45.15 -34.08 -21.80
N LYS E 105 -44.84 -33.14 -20.89
CA LYS E 105 -44.36 -33.51 -19.56
C LYS E 105 -45.39 -34.26 -18.73
N ASN E 106 -46.68 -34.08 -19.02
CA ASN E 106 -47.73 -34.73 -18.24
C ASN E 106 -48.20 -36.04 -18.85
N LEU E 107 -47.79 -36.36 -20.07
CA LEU E 107 -48.30 -37.53 -20.76
C LEU E 107 -47.60 -38.79 -20.28
N LEU E 108 -48.39 -39.79 -19.89
CA LEU E 108 -47.85 -41.03 -19.33
C LEU E 108 -48.77 -42.17 -19.73
N ALA E 109 -48.22 -43.15 -20.47
CA ALA E 109 -48.98 -44.28 -20.96
C ALA E 109 -48.87 -45.46 -20.01
N SER E 110 -49.83 -46.39 -20.13
CA SER E 110 -49.84 -47.57 -19.29
C SER E 110 -50.47 -48.73 -20.05
N SER E 111 -49.96 -49.93 -19.77
CA SER E 111 -50.50 -51.18 -20.29
C SER E 111 -50.88 -52.07 -19.11
N ASP E 112 -52.06 -52.68 -19.19
CA ASP E 112 -52.55 -53.55 -18.13
C ASP E 112 -52.87 -54.93 -18.69
N TYR E 113 -53.32 -55.82 -17.80
CA TYR E 113 -53.58 -57.21 -18.17
C TYR E 113 -54.86 -57.38 -18.98
N GLU E 114 -55.70 -56.35 -19.07
CA GLU E 114 -56.85 -56.38 -19.96
C GLU E 114 -56.47 -56.16 -21.42
N GLY E 115 -55.20 -55.86 -21.71
CA GLY E 115 -54.81 -55.41 -23.01
C GLY E 115 -55.10 -53.95 -23.27
N THR E 116 -55.45 -53.19 -22.24
CA THR E 116 -55.82 -51.79 -22.40
C THR E 116 -54.58 -50.91 -22.31
N VAL E 117 -54.41 -50.05 -23.30
CA VAL E 117 -53.34 -49.06 -23.32
C VAL E 117 -53.98 -47.71 -23.03
N ILE E 118 -53.73 -47.17 -21.84
CA ILE E 118 -54.39 -45.96 -21.36
C ILE E 118 -53.39 -44.81 -21.41
N LEU E 119 -53.86 -43.66 -21.88
CA LEU E 119 -53.10 -42.42 -21.85
C LEU E 119 -53.56 -41.59 -20.67
N TRP E 120 -52.65 -41.28 -19.77
CA TRP E 120 -52.92 -40.51 -18.57
C TRP E 120 -52.19 -39.18 -18.59
N ASP E 121 -52.80 -38.18 -17.95
CA ASP E 121 -52.08 -37.03 -17.44
C ASP E 121 -51.64 -37.42 -16.04
N GLY E 122 -50.36 -37.76 -15.91
CA GLY E 122 -49.82 -38.35 -14.70
C GLY E 122 -50.06 -37.58 -13.42
N PHE E 123 -50.58 -36.36 -13.56
CA PHE E 123 -50.85 -35.48 -12.43
C PHE E 123 -52.33 -35.32 -12.14
N THR E 124 -53.17 -35.18 -13.16
CA THR E 124 -54.60 -34.98 -12.92
C THR E 124 -55.35 -36.31 -12.76
N GLY E 125 -54.82 -37.39 -13.30
CA GLY E 125 -55.56 -38.63 -13.35
C GLY E 125 -56.54 -38.75 -14.50
N GLN E 126 -56.67 -37.71 -15.32
CA GLN E 126 -57.58 -37.75 -16.45
C GLN E 126 -57.11 -38.77 -17.49
N ARG E 127 -58.07 -39.32 -18.22
CA ARG E 127 -57.80 -40.26 -19.31
C ARG E 127 -58.17 -39.58 -20.62
N SER E 128 -57.16 -39.30 -21.45
CA SER E 128 -57.40 -38.68 -22.75
C SER E 128 -57.63 -39.68 -23.87
N LYS E 129 -57.13 -40.91 -23.73
CA LYS E 129 -57.33 -41.96 -24.71
C LYS E 129 -57.32 -43.31 -24.00
N VAL E 130 -58.25 -44.18 -24.39
CA VAL E 130 -58.35 -45.53 -23.85
C VAL E 130 -58.36 -46.48 -25.06
N TYR E 131 -57.23 -47.12 -25.31
CA TYR E 131 -57.11 -48.06 -26.43
C TYR E 131 -57.40 -49.47 -25.95
N GLN E 132 -58.41 -50.10 -26.55
CA GLN E 132 -58.81 -51.47 -26.21
C GLN E 132 -58.91 -52.29 -27.51
N GLU E 133 -57.76 -52.60 -28.10
CA GLU E 133 -57.70 -53.46 -29.27
C GLU E 133 -57.01 -54.80 -29.03
N HIS E 134 -56.06 -54.85 -28.09
CA HIS E 134 -55.36 -56.10 -27.81
C HIS E 134 -56.32 -57.10 -27.18
N GLU E 135 -56.28 -58.34 -27.66
CA GLU E 135 -57.21 -59.37 -27.22
C GLU E 135 -56.72 -60.13 -26.00
N LYS E 136 -55.47 -59.92 -25.57
CA LYS E 136 -54.92 -60.63 -24.42
C LYS E 136 -54.07 -59.67 -23.60
N ARG E 137 -53.31 -60.22 -22.67
CA ARG E 137 -52.53 -59.42 -21.73
C ARG E 137 -51.42 -58.68 -22.46
N CYS E 138 -51.38 -57.36 -22.27
CA CYS E 138 -50.33 -56.52 -22.84
C CYS E 138 -49.17 -56.43 -21.86
N TRP E 139 -47.95 -56.62 -22.37
CA TRP E 139 -46.76 -56.60 -21.52
C TRP E 139 -45.99 -55.28 -21.58
N SER E 140 -46.10 -54.52 -22.67
CA SER E 140 -45.19 -53.38 -22.81
C SER E 140 -45.80 -52.30 -23.67
N VAL E 141 -45.44 -51.05 -23.34
CA VAL E 141 -45.77 -49.85 -24.10
C VAL E 141 -44.54 -48.96 -24.14
N ASP E 142 -44.45 -48.11 -25.16
CA ASP E 142 -43.34 -47.18 -25.26
C ASP E 142 -43.69 -46.07 -26.24
N PHE E 143 -43.41 -44.83 -25.85
CA PHE E 143 -43.61 -43.69 -26.74
C PHE E 143 -42.51 -43.62 -27.78
N ASN E 144 -42.86 -43.08 -28.96
CA ASN E 144 -41.85 -42.78 -29.96
C ASN E 144 -41.00 -41.60 -29.50
N LEU E 145 -39.69 -41.75 -29.57
CA LEU E 145 -38.79 -40.71 -29.08
C LEU E 145 -38.54 -39.61 -30.10
N MET E 146 -38.99 -39.78 -31.35
CA MET E 146 -38.83 -38.75 -32.36
C MET E 146 -40.14 -38.43 -33.07
N ASP E 147 -41.28 -38.86 -32.51
CA ASP E 147 -42.60 -38.53 -33.03
C ASP E 147 -43.54 -38.31 -31.87
N PRO E 148 -44.05 -37.09 -31.68
CA PRO E 148 -44.88 -36.81 -30.49
C PRO E 148 -46.21 -37.52 -30.50
N LYS E 149 -46.73 -37.90 -31.66
CA LYS E 149 -48.04 -38.54 -31.74
C LYS E 149 -47.97 -40.05 -31.59
N LEU E 150 -46.86 -40.67 -31.98
CA LEU E 150 -46.81 -42.12 -32.09
C LEU E 150 -46.34 -42.79 -30.80
N LEU E 151 -46.85 -43.99 -30.58
CA LEU E 151 -46.40 -44.88 -29.52
C LEU E 151 -46.70 -46.31 -29.95
N ALA E 152 -46.25 -47.27 -29.14
CA ALA E 152 -46.41 -48.67 -29.50
C ALA E 152 -46.70 -49.49 -28.26
N SER E 153 -47.37 -50.63 -28.47
CA SER E 153 -47.65 -51.59 -27.41
C SER E 153 -47.54 -53.00 -27.99
N GLY E 154 -47.22 -53.95 -27.13
CA GLY E 154 -47.12 -55.35 -27.55
C GLY E 154 -47.85 -56.26 -26.59
N SER E 155 -48.60 -57.20 -27.16
CA SER E 155 -49.47 -58.03 -26.32
C SER E 155 -49.21 -59.52 -26.54
N ASP E 156 -49.81 -60.32 -25.66
CA ASP E 156 -49.80 -61.78 -25.79
C ASP E 156 -50.58 -62.26 -27.00
N ASP E 157 -51.30 -61.38 -27.69
CA ASP E 157 -52.00 -61.71 -28.93
C ASP E 157 -51.07 -61.81 -30.13
N ALA E 158 -49.76 -61.88 -29.89
CA ALA E 158 -48.77 -61.93 -30.97
C ALA E 158 -48.88 -60.73 -31.89
N LYS E 159 -49.10 -59.55 -31.30
CA LYS E 159 -49.25 -58.33 -32.08
C LYS E 159 -48.53 -57.17 -31.41
N VAL E 160 -47.95 -56.32 -32.26
CA VAL E 160 -47.38 -55.04 -31.86
C VAL E 160 -48.21 -53.96 -32.54
N LYS E 161 -48.99 -53.21 -31.76
CA LYS E 161 -49.88 -52.21 -32.29
C LYS E 161 -49.30 -50.81 -32.12
N LEU E 162 -49.44 -50.00 -33.18
CA LEU E 162 -48.96 -48.62 -33.20
C LEU E 162 -50.14 -47.68 -33.03
N TRP E 163 -49.94 -46.62 -32.26
CA TRP E 163 -51.00 -45.68 -31.94
C TRP E 163 -50.54 -44.25 -32.19
N SER E 164 -51.49 -43.40 -32.56
CA SER E 164 -51.27 -41.97 -32.69
C SER E 164 -52.13 -41.24 -31.67
N THR E 165 -51.56 -40.18 -31.07
CA THR E 165 -52.27 -39.47 -30.01
C THR E 165 -53.51 -38.75 -30.52
N ASN E 166 -53.58 -38.44 -31.82
CA ASN E 166 -54.70 -37.70 -32.39
C ASN E 166 -55.76 -38.62 -32.97
N LEU E 167 -55.70 -39.92 -32.72
CA LEU E 167 -56.64 -40.87 -33.30
C LEU E 167 -57.06 -41.88 -32.24
N ASP E 168 -58.27 -42.42 -32.41
CA ASP E 168 -58.85 -43.35 -31.47
C ASP E 168 -58.45 -44.80 -31.72
N ASN E 169 -57.98 -45.12 -32.92
CA ASN E 169 -57.66 -46.50 -33.28
C ASN E 169 -56.23 -46.59 -33.78
N SER E 170 -55.72 -47.82 -33.80
CA SER E 170 -54.33 -48.06 -34.17
C SER E 170 -54.10 -47.73 -35.65
N VAL E 171 -52.93 -47.17 -35.95
CA VAL E 171 -52.58 -46.80 -37.32
C VAL E 171 -51.88 -47.93 -38.06
N ALA E 172 -51.38 -48.94 -37.36
CA ALA E 172 -50.72 -50.08 -37.97
C ALA E 172 -50.50 -51.14 -36.90
N SER E 173 -50.21 -52.37 -37.35
CA SER E 173 -49.95 -53.48 -36.45
C SER E 173 -49.04 -54.49 -37.13
N ILE E 174 -48.07 -54.98 -36.38
CA ILE E 174 -47.15 -56.03 -36.83
C ILE E 174 -47.58 -57.35 -36.22
N GLU E 175 -47.69 -58.37 -37.06
CA GLU E 175 -48.09 -59.72 -36.65
C GLU E 175 -46.83 -60.55 -36.42
N ALA E 176 -46.49 -60.75 -35.15
CA ALA E 176 -45.32 -61.54 -34.79
C ALA E 176 -45.67 -63.03 -34.87
N LYS E 177 -44.74 -63.89 -34.46
CA LYS E 177 -44.94 -65.33 -34.52
C LYS E 177 -45.34 -65.94 -33.18
N ALA E 178 -45.22 -65.19 -32.08
CA ALA E 178 -45.57 -65.69 -30.76
C ALA E 178 -45.82 -64.49 -29.86
N ASN E 179 -45.89 -64.73 -28.56
CA ASN E 179 -46.12 -63.66 -27.60
C ASN E 179 -45.01 -62.62 -27.67
N VAL E 180 -45.40 -61.35 -27.62
CA VAL E 180 -44.45 -60.25 -27.54
C VAL E 180 -44.41 -59.76 -26.10
N CYS E 181 -43.20 -59.65 -25.54
CA CYS E 181 -43.03 -59.32 -24.14
C CYS E 181 -42.49 -57.92 -23.89
N CYS E 182 -41.91 -57.27 -24.90
CA CYS E 182 -41.34 -55.94 -24.72
CA CYS E 182 -41.33 -55.95 -24.72
C CYS E 182 -41.21 -55.27 -26.07
N VAL E 183 -41.50 -53.96 -26.10
CA VAL E 183 -41.37 -53.15 -27.31
C VAL E 183 -40.57 -51.91 -26.93
N LYS E 184 -39.91 -51.33 -27.95
CA LYS E 184 -39.09 -50.14 -27.71
C LYS E 184 -38.80 -49.45 -29.04
N PHE E 185 -39.00 -48.14 -29.07
CA PHE E 185 -38.56 -47.34 -30.20
C PHE E 185 -37.07 -47.04 -30.11
N SER E 186 -36.46 -46.80 -31.27
CA SER E 186 -35.06 -46.41 -31.30
C SER E 186 -34.91 -44.97 -30.82
N PRO E 187 -33.79 -44.65 -30.17
CA PRO E 187 -33.50 -43.25 -29.80
C PRO E 187 -32.78 -42.44 -30.86
N SER E 188 -32.65 -42.97 -32.09
CA SER E 188 -31.96 -42.28 -33.16
C SER E 188 -32.79 -42.18 -34.44
N SER E 189 -34.02 -42.67 -34.45
CA SER E 189 -34.86 -42.60 -35.64
C SER E 189 -36.31 -42.81 -35.23
N ARG E 190 -37.21 -42.05 -35.86
CA ARG E 190 -38.64 -42.17 -35.62
C ARG E 190 -39.27 -43.36 -36.32
N TYR E 191 -38.51 -44.10 -37.13
CA TYR E 191 -39.05 -45.17 -37.95
C TYR E 191 -38.47 -46.54 -37.59
N HIS E 192 -37.78 -46.67 -36.46
CA HIS E 192 -37.15 -47.92 -36.07
C HIS E 192 -37.74 -48.41 -34.77
N LEU E 193 -37.97 -49.73 -34.68
CA LEU E 193 -38.51 -50.31 -33.46
C LEU E 193 -37.98 -51.72 -33.28
N ALA E 194 -37.78 -52.12 -32.03
CA ALA E 194 -37.35 -53.48 -31.70
C ALA E 194 -38.25 -54.02 -30.60
N PHE E 195 -38.55 -55.32 -30.68
CA PHE E 195 -39.41 -55.96 -29.68
C PHE E 195 -38.92 -57.37 -29.42
N GLY E 196 -38.97 -57.78 -28.15
CA GLY E 196 -38.66 -59.15 -27.78
C GLY E 196 -39.90 -60.02 -27.88
N CYS E 197 -39.73 -61.20 -28.47
CA CYS E 197 -40.84 -62.10 -28.73
C CYS E 197 -40.64 -63.41 -27.97
N ALA E 198 -41.73 -64.15 -27.80
CA ALA E 198 -41.67 -65.46 -27.15
C ALA E 198 -40.96 -66.49 -28.00
N ASP E 199 -40.55 -66.15 -29.22
CA ASP E 199 -39.79 -67.04 -30.08
C ASP E 199 -38.28 -66.99 -29.81
N HIS E 200 -37.88 -66.51 -28.63
CA HIS E 200 -36.49 -66.44 -28.19
C HIS E 200 -35.66 -65.47 -29.02
N CYS E 201 -36.30 -64.56 -29.76
CA CYS E 201 -35.60 -63.69 -30.70
C CYS E 201 -35.99 -62.24 -30.47
N VAL E 202 -35.07 -61.34 -30.79
CA VAL E 202 -35.33 -59.90 -30.76
C VAL E 202 -35.57 -59.43 -32.18
N HIS E 203 -36.77 -58.96 -32.48
CA HIS E 203 -37.10 -58.54 -33.83
C HIS E 203 -36.91 -57.03 -33.99
N TYR E 204 -36.45 -56.63 -35.16
CA TYR E 204 -36.04 -55.25 -35.45
C TYR E 204 -36.68 -54.86 -36.77
N TYR E 205 -37.62 -53.91 -36.70
CA TYR E 205 -38.50 -53.54 -37.79
C TYR E 205 -38.36 -52.06 -38.13
N ASP E 206 -38.57 -51.76 -39.41
CA ASP E 206 -38.69 -50.40 -39.93
C ASP E 206 -40.16 -50.21 -40.30
N LEU E 207 -40.89 -49.47 -39.47
CA LEU E 207 -42.35 -49.39 -39.57
C LEU E 207 -42.85 -48.98 -40.96
N ARG E 208 -41.95 -48.49 -41.80
CA ARG E 208 -42.31 -48.22 -43.19
C ARG E 208 -42.72 -49.50 -43.90
N ASN E 209 -42.07 -50.62 -43.57
CA ASN E 209 -42.44 -51.93 -44.11
C ASN E 209 -42.42 -52.94 -42.98
N THR E 210 -43.52 -53.67 -42.81
CA THR E 210 -43.68 -54.61 -41.70
C THR E 210 -43.95 -56.03 -42.19
N LYS E 211 -43.46 -56.38 -43.38
CA LYS E 211 -43.89 -57.65 -43.97
C LYS E 211 -43.07 -58.90 -43.59
N GLN E 212 -41.72 -58.99 -43.63
CA GLN E 212 -40.58 -58.04 -43.85
C GLN E 212 -40.11 -57.36 -42.56
N PRO E 213 -39.35 -58.08 -41.76
CA PRO E 213 -38.53 -57.46 -40.72
C PRO E 213 -37.14 -57.11 -41.24
N ILE E 214 -36.50 -56.17 -40.55
CA ILE E 214 -35.13 -55.84 -40.90
C ILE E 214 -34.17 -56.89 -40.36
N MET E 215 -34.25 -57.19 -39.06
CA MET E 215 -33.30 -58.12 -38.47
C MET E 215 -33.97 -58.93 -37.37
N VAL E 216 -33.76 -60.25 -37.40
CA VAL E 216 -34.19 -61.15 -36.32
C VAL E 216 -32.95 -61.63 -35.59
N PHE E 217 -32.85 -61.27 -34.32
CA PHE E 217 -31.69 -61.60 -33.49
C PHE E 217 -31.95 -62.90 -32.75
N LYS E 218 -31.17 -63.93 -33.07
CA LYS E 218 -31.28 -65.25 -32.47
C LYS E 218 -30.11 -65.52 -31.53
N GLY E 219 -30.36 -66.30 -30.49
CA GLY E 219 -29.31 -66.68 -29.56
C GLY E 219 -29.85 -67.17 -28.23
N HIS E 220 -30.90 -66.51 -27.74
CA HIS E 220 -31.48 -66.88 -26.46
C HIS E 220 -32.16 -68.24 -26.54
N ARG E 221 -32.23 -68.93 -25.41
CA ARG E 221 -32.93 -70.20 -25.31
C ARG E 221 -34.34 -70.07 -24.74
N LYS E 222 -34.68 -68.92 -24.18
CA LYS E 222 -36.00 -68.65 -23.63
C LYS E 222 -36.51 -67.32 -24.21
N ALA E 223 -37.75 -66.99 -23.87
CA ALA E 223 -38.38 -65.80 -24.42
C ALA E 223 -37.66 -64.54 -23.98
N VAL E 224 -37.51 -63.60 -24.91
CA VAL E 224 -36.86 -62.32 -24.63
C VAL E 224 -37.79 -61.48 -23.79
N SER E 225 -37.51 -61.39 -22.49
CA SER E 225 -38.37 -60.64 -21.59
C SER E 225 -38.17 -59.13 -21.76
N TYR E 226 -36.92 -58.69 -21.97
CA TYR E 226 -36.64 -57.27 -22.10
C TYR E 226 -35.75 -57.00 -23.30
N ALA E 227 -35.87 -55.79 -23.84
CA ALA E 227 -35.07 -55.38 -25.00
C ALA E 227 -35.03 -53.84 -25.01
N LYS E 228 -33.90 -53.29 -24.58
CA LYS E 228 -33.66 -51.85 -24.58
C LYS E 228 -32.60 -51.49 -25.59
N PHE E 229 -32.51 -50.20 -25.91
CA PHE E 229 -31.50 -49.67 -26.82
C PHE E 229 -30.37 -49.06 -26.01
N VAL E 230 -29.20 -49.70 -26.04
CA VAL E 230 -28.01 -49.09 -25.46
C VAL E 230 -27.70 -47.77 -26.17
N SER E 231 -27.89 -47.74 -27.49
CA SER E 231 -27.76 -46.54 -28.30
C SER E 231 -28.49 -46.81 -29.61
N GLY E 232 -28.25 -45.96 -30.61
CA GLY E 232 -28.77 -46.22 -31.93
C GLY E 232 -28.08 -47.33 -32.68
N GLU E 233 -26.99 -47.87 -32.12
CA GLU E 233 -26.20 -48.91 -32.76
C GLU E 233 -26.19 -50.22 -31.99
N GLU E 234 -26.64 -50.24 -30.73
CA GLU E 234 -26.53 -51.44 -29.91
C GLU E 234 -27.82 -51.65 -29.12
N ILE E 235 -28.29 -52.90 -29.11
CA ILE E 235 -29.47 -53.30 -28.35
C ILE E 235 -29.02 -54.29 -27.27
N VAL E 236 -29.58 -54.15 -26.07
CA VAL E 236 -29.38 -55.12 -24.99
C VAL E 236 -30.69 -55.84 -24.74
N SER E 237 -30.62 -57.16 -24.61
CA SER E 237 -31.81 -57.96 -24.36
C SER E 237 -31.60 -58.82 -23.11
N ALA E 238 -32.71 -59.16 -22.46
CA ALA E 238 -32.71 -59.95 -21.25
C ALA E 238 -33.71 -61.08 -21.39
N SER E 239 -33.26 -62.32 -21.19
CA SER E 239 -34.18 -63.44 -21.29
C SER E 239 -34.06 -64.34 -20.07
N THR E 240 -35.06 -65.22 -19.91
CA THR E 240 -35.12 -66.12 -18.76
C THR E 240 -34.22 -67.34 -18.89
N ASP E 241 -33.02 -67.16 -19.47
CA ASP E 241 -31.97 -68.17 -19.44
C ASP E 241 -30.77 -67.68 -18.64
N SER E 242 -31.02 -66.79 -17.67
CA SER E 242 -29.96 -66.15 -16.89
C SER E 242 -28.96 -65.45 -17.79
N GLN E 243 -29.45 -64.87 -18.88
CA GLN E 243 -28.56 -64.29 -19.88
C GLN E 243 -29.07 -62.93 -20.35
N LEU E 244 -28.13 -61.97 -20.36
CA LEU E 244 -28.25 -60.74 -21.10
C LEU E 244 -27.44 -60.88 -22.38
N LYS E 245 -27.83 -60.14 -23.42
CA LYS E 245 -27.13 -60.23 -24.70
C LYS E 245 -27.05 -58.86 -25.35
N LEU E 246 -25.84 -58.46 -25.72
CA LEU E 246 -25.59 -57.21 -26.43
C LEU E 246 -25.39 -57.51 -27.91
N TRP E 247 -26.20 -56.84 -28.73
CA TRP E 247 -26.26 -57.01 -30.18
C TRP E 247 -25.98 -55.69 -30.85
N ASN E 248 -25.48 -55.75 -32.09
CA ASN E 248 -25.40 -54.59 -32.97
C ASN E 248 -26.54 -54.66 -33.99
N VAL E 249 -26.88 -53.50 -34.55
CA VAL E 249 -28.03 -53.42 -35.45
C VAL E 249 -27.81 -54.30 -36.69
N GLY E 250 -26.58 -54.35 -37.19
CA GLY E 250 -26.29 -55.08 -38.40
C GLY E 250 -26.00 -56.56 -38.19
N LYS E 251 -25.38 -56.91 -37.04
CA LYS E 251 -25.04 -58.32 -36.93
C LYS E 251 -26.21 -59.11 -36.36
N PRO E 252 -26.53 -60.27 -36.96
CA PRO E 252 -27.67 -61.05 -36.48
C PRO E 252 -27.41 -61.82 -35.19
N TYR E 253 -26.16 -61.96 -34.76
CA TYR E 253 -25.83 -62.65 -33.53
C TYR E 253 -25.15 -61.71 -32.56
N CYS E 254 -25.26 -62.05 -31.27
CA CYS E 254 -24.89 -61.13 -30.21
C CYS E 254 -23.40 -60.83 -30.23
N LEU E 255 -23.06 -59.57 -29.96
CA LEU E 255 -21.67 -59.21 -29.70
C LEU E 255 -21.20 -59.70 -28.35
N ARG E 256 -22.09 -59.80 -27.37
CA ARG E 256 -21.61 -60.21 -26.05
C ARG E 256 -22.75 -60.85 -25.26
N SER E 257 -22.38 -61.70 -24.32
CA SER E 257 -23.33 -62.34 -23.40
C SER E 257 -22.92 -62.01 -21.98
N PHE E 258 -23.84 -61.40 -21.23
CA PHE E 258 -23.62 -61.04 -19.84
C PHE E 258 -24.27 -62.07 -18.93
N LYS E 259 -23.46 -62.67 -18.05
CA LYS E 259 -23.89 -63.69 -17.11
C LYS E 259 -23.47 -63.28 -15.70
N GLY E 260 -24.02 -63.99 -14.71
CA GLY E 260 -23.68 -63.73 -13.33
C GLY E 260 -24.88 -63.61 -12.42
N HIS E 261 -26.03 -63.26 -12.99
CA HIS E 261 -27.27 -63.15 -12.25
C HIS E 261 -28.13 -64.40 -12.48
N ILE E 262 -29.25 -64.45 -11.75
CA ILE E 262 -30.18 -65.56 -11.83
C ILE E 262 -31.51 -65.00 -12.30
N ASN E 263 -31.87 -65.32 -13.55
CA ASN E 263 -33.16 -64.90 -14.14
C ASN E 263 -33.61 -66.05 -15.05
N GLU E 264 -34.48 -66.91 -14.51
CA GLU E 264 -34.96 -68.07 -15.25
C GLU E 264 -36.49 -68.12 -15.35
N LYS E 265 -37.20 -67.12 -14.85
CA LYS E 265 -38.66 -67.24 -14.78
C LYS E 265 -39.38 -65.90 -14.98
N ASN E 266 -39.06 -64.91 -14.15
CA ASN E 266 -39.86 -63.70 -14.04
C ASN E 266 -39.28 -62.56 -14.87
N PHE E 267 -40.12 -61.55 -15.10
CA PHE E 267 -39.68 -60.25 -15.59
C PHE E 267 -38.93 -59.55 -14.48
N VAL E 268 -37.60 -59.47 -14.59
CA VAL E 268 -36.77 -58.94 -13.50
C VAL E 268 -36.20 -57.57 -13.84
N GLY E 269 -36.67 -56.94 -14.92
CA GLY E 269 -36.27 -55.59 -15.22
C GLY E 269 -34.92 -55.45 -15.90
N LEU E 270 -34.83 -54.52 -16.85
CA LEU E 270 -33.59 -54.21 -17.54
C LEU E 270 -33.51 -52.71 -17.79
N ALA E 271 -32.36 -52.12 -17.54
CA ALA E 271 -32.15 -50.70 -17.77
C ALA E 271 -30.75 -50.48 -18.32
N SER E 272 -30.62 -49.46 -19.19
CA SER E 272 -29.35 -49.16 -19.84
C SER E 272 -29.16 -47.66 -19.89
N ASN E 273 -28.04 -47.18 -19.35
CA ASN E 273 -27.67 -45.77 -19.41
C ASN E 273 -26.29 -45.67 -20.02
N GLY E 274 -26.21 -45.11 -21.22
CA GLY E 274 -24.95 -44.96 -21.92
C GLY E 274 -24.21 -46.26 -22.11
N ASP E 275 -23.19 -46.49 -21.28
CA ASP E 275 -22.34 -47.67 -21.37
C ASP E 275 -22.59 -48.68 -20.25
N TYR E 276 -23.56 -48.43 -19.37
CA TYR E 276 -23.80 -49.31 -18.23
C TYR E 276 -25.17 -49.97 -18.34
N ILE E 277 -25.23 -51.23 -17.94
CA ILE E 277 -26.45 -52.03 -18.00
C ILE E 277 -26.73 -52.58 -16.60
N ALA E 278 -27.99 -52.50 -16.18
CA ALA E 278 -28.42 -52.97 -14.87
C ALA E 278 -29.60 -53.89 -15.03
N CYS E 279 -29.61 -54.99 -14.26
CA CYS E 279 -30.69 -55.95 -14.33
C CYS E 279 -30.91 -56.57 -12.96
N GLY E 280 -32.18 -56.87 -12.67
CA GLY E 280 -32.51 -57.54 -11.43
C GLY E 280 -32.13 -59.00 -11.45
N SER E 281 -32.21 -59.63 -10.28
CA SER E 281 -31.86 -61.04 -10.15
C SER E 281 -32.77 -61.68 -9.11
N GLU E 282 -32.86 -63.00 -9.17
CA GLU E 282 -33.76 -63.77 -8.32
C GLU E 282 -33.16 -64.12 -6.96
N ASN E 283 -31.94 -63.65 -6.66
CA ASN E 283 -31.37 -63.76 -5.33
C ASN E 283 -31.57 -62.48 -4.53
N ASN E 284 -32.63 -61.72 -4.85
CA ASN E 284 -32.97 -60.48 -4.16
C ASN E 284 -31.83 -59.46 -4.28
N SER E 285 -31.41 -59.19 -5.51
CA SER E 285 -30.27 -58.32 -5.74
C SER E 285 -30.32 -57.72 -7.13
N LEU E 286 -29.72 -56.54 -7.26
CA LEU E 286 -29.51 -55.86 -8.53
C LEU E 286 -28.06 -56.03 -8.97
N TYR E 287 -27.87 -56.24 -10.27
CA TYR E 287 -26.55 -56.45 -10.85
C TYR E 287 -26.24 -55.38 -11.88
N LEU E 288 -25.03 -54.85 -11.82
CA LEU E 288 -24.56 -53.80 -12.72
C LEU E 288 -23.33 -54.27 -13.49
N TYR E 289 -23.43 -54.16 -14.81
CA TYR E 289 -22.41 -54.56 -15.78
C TYR E 289 -21.99 -53.36 -16.61
N TYR E 290 -20.77 -53.42 -17.14
CA TYR E 290 -20.31 -52.49 -18.18
C TYR E 290 -20.49 -53.17 -19.53
N LYS E 291 -21.01 -52.41 -20.51
CA LYS E 291 -21.48 -52.99 -21.76
C LYS E 291 -20.38 -53.60 -22.61
N GLY E 292 -19.11 -53.38 -22.29
CA GLY E 292 -18.01 -53.97 -23.01
C GLY E 292 -17.27 -55.08 -22.30
N LEU E 293 -17.82 -55.61 -21.21
CA LEU E 293 -17.16 -56.67 -20.45
C LEU E 293 -18.23 -57.55 -19.82
N SER E 294 -17.98 -58.85 -19.77
CA SER E 294 -18.99 -59.83 -19.41
C SER E 294 -19.13 -60.07 -17.92
N LYS E 295 -18.18 -59.62 -17.10
CA LYS E 295 -18.20 -59.95 -15.68
C LYS E 295 -18.92 -58.86 -14.89
N THR E 296 -19.39 -59.24 -13.70
CA THR E 296 -20.20 -58.35 -12.87
C THR E 296 -19.37 -57.16 -12.41
N LEU E 297 -19.84 -55.95 -12.71
CA LEU E 297 -19.21 -54.77 -12.15
C LEU E 297 -19.50 -54.66 -10.65
N LEU E 298 -20.79 -54.67 -10.28
CA LEU E 298 -21.09 -54.71 -8.85
C LEU E 298 -22.51 -55.20 -8.61
N THR E 299 -22.81 -55.48 -7.35
CA THR E 299 -24.07 -56.06 -6.92
C THR E 299 -24.59 -55.34 -5.69
N PHE E 300 -25.90 -55.10 -5.65
CA PHE E 300 -26.57 -54.54 -4.47
C PHE E 300 -27.62 -55.52 -3.99
N LYS E 301 -27.51 -55.94 -2.74
CA LYS E 301 -28.41 -56.94 -2.16
C LYS E 301 -29.49 -56.24 -1.34
N PHE E 302 -30.75 -56.51 -1.69
CA PHE E 302 -31.87 -55.98 -0.91
C PHE E 302 -32.01 -56.74 0.40
N ASP E 303 -32.36 -56.00 1.45
CA ASP E 303 -32.76 -56.64 2.70
C ASP E 303 -34.11 -57.32 2.52
N THR E 304 -34.49 -58.14 3.50
CA THR E 304 -35.76 -58.85 3.42
C THR E 304 -36.32 -59.03 4.81
N VAL E 305 -37.64 -59.01 4.91
CA VAL E 305 -38.34 -59.13 6.19
C VAL E 305 -39.49 -60.14 6.09
N ASN E 319 -37.72 -66.70 -2.80
CA ASN E 319 -38.75 -66.50 -3.81
C ASN E 319 -38.91 -65.02 -4.15
N GLU E 320 -38.18 -64.16 -3.44
CA GLU E 320 -38.20 -62.73 -3.72
C GLU E 320 -37.30 -62.42 -4.90
N PHE E 321 -37.82 -61.67 -5.86
CA PHE E 321 -37.08 -61.34 -7.06
C PHE E 321 -37.20 -59.85 -7.36
N VAL E 322 -36.10 -59.25 -7.81
CA VAL E 322 -36.17 -57.87 -8.30
C VAL E 322 -37.07 -57.84 -9.53
N SER E 323 -37.87 -56.78 -9.65
CA SER E 323 -38.89 -56.72 -10.68
C SER E 323 -38.84 -55.49 -11.57
N ALA E 324 -38.23 -54.38 -11.15
CA ALA E 324 -38.19 -53.22 -12.03
C ALA E 324 -36.97 -52.36 -11.73
N VAL E 325 -36.39 -51.78 -12.78
CA VAL E 325 -35.26 -50.87 -12.65
C VAL E 325 -35.41 -49.75 -13.68
N CYS E 326 -34.79 -48.60 -13.38
CA CYS E 326 -34.85 -47.45 -14.26
C CYS E 326 -33.75 -46.48 -13.89
N TRP E 327 -32.98 -46.03 -14.88
CA TRP E 327 -31.95 -45.03 -14.65
C TRP E 327 -32.57 -43.64 -14.58
N ARG E 328 -31.97 -42.79 -13.75
CA ARG E 328 -32.26 -41.35 -13.79
C ARG E 328 -31.34 -40.73 -14.82
N ALA E 329 -31.73 -40.85 -16.09
CA ALA E 329 -30.93 -40.38 -17.22
C ALA E 329 -31.10 -38.87 -17.39
N LEU E 330 -30.52 -38.13 -16.44
CA LEU E 330 -30.55 -36.68 -16.48
C LEU E 330 -29.77 -36.18 -17.69
N PRO E 331 -30.45 -35.56 -18.66
CA PRO E 331 -29.73 -35.07 -19.85
C PRO E 331 -28.70 -34.02 -19.48
N ASP E 332 -27.49 -34.18 -20.02
CA ASP E 332 -26.34 -33.36 -19.64
C ASP E 332 -26.07 -33.46 -18.13
N GLY E 333 -25.57 -34.62 -17.75
CA GLY E 333 -25.29 -34.88 -16.34
C GLY E 333 -24.66 -36.24 -16.18
N GLU E 334 -24.41 -36.60 -14.93
CA GLU E 334 -23.80 -37.88 -14.57
C GLU E 334 -24.90 -38.82 -14.08
N SER E 335 -25.22 -39.84 -14.89
CA SER E 335 -26.22 -40.83 -14.52
C SER E 335 -25.71 -41.72 -13.39
N ASN E 336 -25.45 -41.12 -12.23
CA ASN E 336 -24.90 -41.85 -11.08
C ASN E 336 -25.99 -42.42 -10.18
N VAL E 337 -27.25 -42.32 -10.58
CA VAL E 337 -28.37 -42.67 -9.71
C VAL E 337 -29.43 -43.40 -10.52
N LEU E 338 -30.04 -44.41 -9.91
CA LEU E 338 -31.15 -45.14 -10.53
C LEU E 338 -32.11 -45.57 -9.44
N ILE E 339 -33.23 -46.15 -9.86
CA ILE E 339 -34.27 -46.63 -8.95
C ILE E 339 -34.57 -48.08 -9.29
N ALA E 340 -34.60 -48.94 -8.27
CA ALA E 340 -34.95 -50.34 -8.42
C ALA E 340 -36.09 -50.69 -7.47
N ALA E 341 -36.76 -51.80 -7.75
CA ALA E 341 -37.90 -52.24 -6.94
C ALA E 341 -38.06 -53.74 -7.07
N ASN E 342 -38.25 -54.41 -5.94
CA ASN E 342 -38.31 -55.86 -5.87
C ASN E 342 -39.75 -56.34 -5.74
N SER E 343 -39.92 -57.65 -5.58
CA SER E 343 -41.25 -58.25 -5.56
C SER E 343 -41.98 -58.05 -4.24
N GLN E 344 -41.26 -57.73 -3.16
CA GLN E 344 -41.89 -57.43 -1.88
C GLN E 344 -42.53 -56.04 -1.86
N GLY E 345 -42.50 -55.31 -2.97
CA GLY E 345 -42.98 -53.95 -3.01
C GLY E 345 -41.95 -52.91 -2.63
N THR E 346 -40.80 -53.33 -2.10
CA THR E 346 -39.78 -52.38 -1.67
C THR E 346 -39.14 -51.71 -2.88
N ILE E 347 -39.06 -50.38 -2.81
CA ILE E 347 -38.46 -49.54 -3.84
C ILE E 347 -37.31 -48.78 -3.21
N LYS E 348 -36.18 -48.73 -3.90
CA LYS E 348 -34.98 -48.07 -3.40
C LYS E 348 -34.36 -47.23 -4.51
N VAL E 349 -34.02 -45.99 -4.17
CA VAL E 349 -33.21 -45.15 -5.03
C VAL E 349 -31.76 -45.31 -4.61
N LEU E 350 -30.89 -45.63 -5.57
CA LEU E 350 -29.51 -45.98 -5.30
C LEU E 350 -28.58 -45.09 -6.10
N GLU E 351 -27.44 -44.76 -5.49
CA GLU E 351 -26.41 -43.94 -6.11
C GLU E 351 -25.13 -44.76 -6.25
N LEU E 352 -24.54 -44.71 -7.45
CA LEU E 352 -23.31 -45.44 -7.74
C LEU E 352 -22.11 -44.62 -7.32
N VAL E 353 -21.36 -45.10 -6.34
CA VAL E 353 -20.17 -44.40 -5.87
C VAL E 353 -18.91 -45.08 -6.41
N SER F 1 -49.54 -67.14 -11.71
CA SER F 1 -48.85 -66.04 -11.04
C SER F 1 -48.58 -64.89 -12.00
N ASP F 2 -48.11 -63.77 -11.47
CA ASP F 2 -47.96 -62.54 -12.23
C ASP F 2 -46.51 -62.29 -12.60
N GLN F 3 -46.32 -61.51 -13.67
CA GLN F 3 -45.01 -61.09 -14.14
C GLN F 3 -44.10 -62.28 -14.43
N ILE F 4 -44.66 -63.32 -15.03
CA ILE F 4 -43.91 -64.48 -15.50
C ILE F 4 -43.79 -64.37 -17.02
N VAL F 5 -42.57 -64.56 -17.52
CA VAL F 5 -42.34 -64.42 -18.97
C VAL F 5 -42.93 -65.63 -19.68
N PRO F 6 -43.72 -65.44 -20.74
CA PRO F 6 -44.28 -66.58 -21.47
C PRO F 6 -43.20 -67.49 -22.02
N GLU F 7 -43.58 -68.75 -22.24
CA GLU F 7 -42.67 -69.75 -22.76
C GLU F 7 -43.20 -70.29 -24.09
N TYR F 8 -42.29 -70.50 -25.03
CA TYR F 8 -42.64 -71.11 -26.32
C TYR F 8 -41.43 -71.87 -26.87
N GLU G 13 -1.48 21.49 10.26
CA GLU G 13 -1.23 20.95 11.60
C GLU G 13 -0.04 21.64 12.26
N PHE G 14 0.53 22.62 11.55
CA PHE G 14 1.69 23.33 12.09
C PHE G 14 1.32 24.18 13.29
N GLN G 15 0.17 24.87 13.22
CA GLN G 15 -0.25 25.73 14.32
C GLN G 15 -0.50 24.92 15.60
N GLU G 16 -1.05 23.72 15.46
CA GLU G 16 -1.24 22.86 16.63
C GLU G 16 0.09 22.43 17.22
N CYS G 17 1.09 22.16 16.37
CA CYS G 17 2.42 21.86 16.86
C CYS G 17 3.00 23.03 17.64
N LEU G 18 2.83 24.25 17.12
CA LEU G 18 3.30 25.43 17.83
C LEU G 18 2.61 25.59 19.17
N SER G 19 1.29 25.48 19.19
CA SER G 19 0.54 25.68 20.44
C SER G 19 0.88 24.61 21.46
N LYS G 20 1.06 23.36 21.02
CA LYS G 20 1.41 22.28 21.93
C LYS G 20 2.86 22.36 22.40
N PHE G 21 3.74 23.01 21.63
CA PHE G 21 5.12 23.17 22.08
C PHE G 21 5.27 24.32 23.07
N THR G 22 4.42 25.34 22.98
CA THR G 22 4.46 26.49 23.88
C THR G 22 3.43 26.39 25.00
N ARG G 23 2.83 25.21 25.20
CA ARG G 23 1.81 25.06 26.24
C ARG G 23 2.40 25.25 27.62
N TYR G 24 3.62 24.78 27.84
CA TYR G 24 4.31 24.94 29.11
C TYR G 24 5.60 25.74 28.91
N ASN G 25 5.96 26.51 29.94
CA ASN G 25 7.18 27.30 29.90
C ASN G 25 7.94 27.35 31.22
N SER G 26 7.40 26.83 32.31
CA SER G 26 8.06 26.86 33.60
C SER G 26 7.73 25.60 34.37
N VAL G 27 8.45 25.40 35.48
CA VAL G 27 8.27 24.24 36.34
C VAL G 27 8.24 24.70 37.79
N ARG G 28 7.32 24.12 38.57
CA ARG G 28 7.15 24.48 39.97
C ARG G 28 7.24 23.21 40.80
N PRO G 29 8.21 23.10 41.71
CA PRO G 29 8.29 21.92 42.58
C PRO G 29 7.24 21.96 43.67
N LEU G 30 6.64 20.79 43.93
CA LEU G 30 5.63 20.65 44.96
C LEU G 30 6.10 19.92 46.21
N ALA G 31 7.15 19.10 46.10
CA ALA G 31 7.63 18.34 47.24
C ALA G 31 9.05 17.86 46.96
N THR G 32 9.73 17.42 48.02
CA THR G 32 11.08 16.90 47.91
C THR G 32 11.27 15.82 48.97
N LEU G 33 11.66 14.63 48.54
CA LEU G 33 11.87 13.50 49.43
C LEU G 33 13.26 12.91 49.18
N SER G 34 13.60 11.89 49.96
CA SER G 34 14.87 11.20 49.84
C SER G 34 14.64 9.70 49.87
N TYR G 35 15.22 8.99 48.89
CA TYR G 35 15.10 7.54 48.85
C TYR G 35 15.86 6.86 49.97
N ALA G 36 16.83 7.55 50.58
CA ALA G 36 17.60 7.00 51.68
C ALA G 36 17.10 7.54 53.01
N LEU G 39 21.67 6.67 53.58
CA LEU G 39 22.05 5.57 54.45
C LEU G 39 23.54 5.23 54.30
N TYR G 40 24.34 5.66 55.29
CA TYR G 40 25.77 5.40 55.32
C TYR G 40 26.47 5.87 54.04
N ASN G 41 25.91 6.90 53.41
CA ASN G 41 26.49 7.50 52.21
C ASN G 41 26.59 6.50 51.05
N GLY G 42 25.90 5.37 51.18
CA GLY G 42 25.88 4.37 50.14
C GLY G 42 25.05 4.82 48.94
N SER G 43 25.09 3.99 47.91
CA SER G 43 24.32 4.28 46.70
C SER G 43 22.84 4.27 46.99
N SER G 44 22.12 5.20 46.38
CA SER G 44 20.68 5.35 46.58
C SER G 44 19.99 5.71 45.28
N ILE G 45 20.38 5.06 44.19
CA ILE G 45 19.81 5.36 42.88
C ILE G 45 18.39 4.81 42.80
N VAL G 46 17.45 5.67 42.43
CA VAL G 46 16.05 5.27 42.26
C VAL G 46 15.89 4.72 40.85
N SER G 47 15.66 3.42 40.72
CA SER G 47 15.55 2.79 39.42
C SER G 47 14.15 2.86 38.84
N SER G 48 13.12 3.03 39.67
CA SER G 48 11.75 3.00 39.16
C SER G 48 10.83 3.82 40.05
N ILE G 49 9.92 4.54 39.41
CA ILE G 49 8.83 5.27 40.06
C ILE G 49 7.56 4.99 39.28
N GLU G 50 6.51 4.55 39.98
CA GLU G 50 5.26 4.26 39.28
C GLU G 50 4.07 4.60 40.17
N PHE G 51 2.97 5.03 39.53
CA PHE G 51 1.72 5.30 40.22
C PHE G 51 0.80 4.10 40.16
N ASP G 52 -0.11 4.01 41.13
CA ASP G 52 -1.11 2.95 41.14
C ASP G 52 -2.22 3.32 40.14
N ARG G 53 -3.28 2.52 40.11
CA ARG G 53 -4.33 2.71 39.10
C ARG G 53 -5.06 4.03 39.31
N ASP G 54 -5.38 4.38 40.55
CA ASP G 54 -6.16 5.58 40.85
C ASP G 54 -5.28 6.81 41.07
N CYS G 55 -3.95 6.67 40.96
CA CYS G 55 -3.01 7.78 41.16
C CYS G 55 -3.10 8.35 42.58
N ASP G 56 -3.50 7.51 43.54
CA ASP G 56 -3.51 7.91 44.94
C ASP G 56 -2.19 7.65 45.63
N TYR G 57 -1.46 6.61 45.22
CA TYR G 57 -0.18 6.25 45.81
C TYR G 57 0.84 6.06 44.70
N PHE G 58 2.10 6.35 45.01
CA PHE G 58 3.19 6.07 44.10
C PHE G 58 4.29 5.30 44.83
N ALA G 59 4.86 4.33 44.13
CA ALA G 59 5.91 3.48 44.66
C ALA G 59 7.25 3.85 44.01
N ILE G 60 8.30 3.77 44.83
CA ILE G 60 9.67 4.12 44.44
C ILE G 60 10.57 2.96 44.80
N ALA G 61 11.43 2.55 43.87
CA ALA G 61 12.33 1.42 44.07
C ALA G 61 13.68 1.71 43.43
N GLY G 62 14.72 1.11 44.00
CA GLY G 62 16.07 1.31 43.52
C GLY G 62 17.07 0.28 44.02
N VAL G 63 18.32 0.72 44.23
CA VAL G 63 19.39 -0.21 44.58
C VAL G 63 19.45 -0.52 46.07
N THR G 64 18.75 0.25 46.92
CA THR G 64 18.75 -0.05 48.34
C THR G 64 17.92 -1.28 48.69
N LYS G 65 17.38 -1.99 47.69
CA LYS G 65 16.60 -3.20 47.89
C LYS G 65 15.33 -2.93 48.72
N LYS G 66 14.72 -1.76 48.48
CA LYS G 66 13.55 -1.36 49.24
C LYS G 66 12.52 -0.75 48.31
N ILE G 67 11.25 -1.13 48.50
CA ILE G 67 10.12 -0.54 47.78
C ILE G 67 9.37 0.34 48.76
N LYS G 68 9.30 1.64 48.47
CA LYS G 68 8.66 2.60 49.36
C LYS G 68 7.40 3.14 48.68
N VAL G 69 6.25 2.95 49.35
CA VAL G 69 4.95 3.34 48.83
C VAL G 69 4.44 4.54 49.61
N TYR G 70 4.24 5.65 48.90
CA TYR G 70 3.84 6.92 49.47
C TYR G 70 2.44 7.31 48.98
N GLU G 71 1.74 8.09 49.81
CA GLU G 71 0.44 8.65 49.46
C GLU G 71 0.63 10.05 48.91
N TYR G 72 0.05 10.31 47.73
CA TYR G 72 0.35 11.55 47.00
C TYR G 72 -0.14 12.78 47.77
N ASP G 73 -1.37 12.75 48.27
CA ASP G 73 -1.93 13.93 48.93
C ASP G 73 -1.18 14.26 50.22
N THR G 74 -0.61 13.26 50.89
CA THR G 74 0.16 13.53 52.10
C THR G 74 1.51 14.17 51.79
N VAL G 75 2.07 13.87 50.62
CA VAL G 75 3.42 14.32 50.30
C VAL G 75 3.43 15.81 49.95
N ILE G 76 2.49 16.25 49.13
CA ILE G 76 2.49 17.62 48.64
C ILE G 76 1.95 18.58 49.69
N GLN G 77 1.87 18.13 50.94
CA GLN G 77 1.47 18.96 52.06
C GLN G 77 2.41 18.68 53.22
N ASP G 78 3.00 19.76 53.76
CA ASP G 78 4.05 19.75 54.77
C ASP G 78 5.41 19.42 54.14
N ALA G 79 6.47 19.53 54.93
CA ALA G 79 7.83 19.33 54.42
C ALA G 79 8.55 18.23 55.18
N ILE G 82 10.30 15.77 56.27
CA ILE G 82 9.25 15.05 56.97
C ILE G 82 8.34 14.34 55.97
N HIS G 83 8.78 13.17 55.52
CA HIS G 83 8.02 12.38 54.55
C HIS G 83 8.27 10.91 54.83
N TYR G 84 7.32 10.26 55.49
CA TYR G 84 7.47 8.85 55.82
C TYR G 84 6.55 8.00 54.96
N PRO G 85 7.03 6.86 54.47
CA PRO G 85 6.24 6.07 53.52
C PRO G 85 4.99 5.48 54.16
N GLU G 86 3.93 5.40 53.36
CA GLU G 86 2.73 4.71 53.81
C GLU G 86 3.00 3.22 54.03
N ASN G 87 3.83 2.62 53.16
CA ASN G 87 4.21 1.24 53.39
C ASN G 87 5.57 0.97 52.76
N GLU G 88 6.49 0.43 53.56
CA GLU G 88 7.86 0.15 53.13
C GLU G 88 8.11 -1.34 53.17
N MET G 89 8.69 -1.88 52.10
CA MET G 89 8.92 -3.32 51.97
C MET G 89 10.38 -3.57 51.66
N THR G 90 11.03 -4.39 52.47
CA THR G 90 12.43 -4.75 52.28
C THR G 90 12.52 -5.98 51.38
N CYS G 91 13.42 -5.92 50.39
CA CYS G 91 13.56 -6.98 49.40
C CYS G 91 14.90 -7.69 49.56
N ASN G 92 15.07 -8.76 48.77
CA ASN G 92 16.28 -9.56 48.84
C ASN G 92 17.44 -8.91 48.10
N SER G 93 17.19 -8.38 46.90
CA SER G 93 18.25 -7.86 46.05
C SER G 93 17.88 -6.50 45.50
N LYS G 94 18.83 -5.90 44.77
CA LYS G 94 18.64 -4.59 44.19
C LYS G 94 17.53 -4.63 43.14
N ILE G 95 16.60 -3.68 43.22
CA ILE G 95 15.42 -3.66 42.38
C ILE G 95 15.69 -2.79 41.16
N SER G 96 15.21 -3.24 40.00
CA SER G 96 15.39 -2.52 38.75
C SER G 96 14.13 -1.90 38.19
N CYS G 97 12.95 -2.45 38.52
CA CYS G 97 11.71 -1.94 37.96
C CYS G 97 10.55 -2.39 38.84
N ILE G 98 9.46 -1.61 38.79
CA ILE G 98 8.21 -1.95 39.48
C ILE G 98 7.05 -1.61 38.55
N SER G 99 5.88 -2.15 38.89
CA SER G 99 4.70 -1.95 38.05
C SER G 99 3.45 -2.28 38.85
N TRP G 100 2.48 -1.37 38.83
CA TRP G 100 1.17 -1.61 39.43
C TRP G 100 0.22 -2.18 38.40
N SER G 101 -0.68 -3.06 38.84
CA SER G 101 -1.70 -3.58 37.96
C SER G 101 -2.76 -2.51 37.69
N SER G 102 -3.25 -2.47 36.46
CA SER G 102 -4.32 -1.56 36.09
C SER G 102 -5.70 -2.11 36.42
N TYR G 103 -5.76 -3.24 37.11
CA TYR G 103 -7.02 -3.88 37.47
C TYR G 103 -7.24 -3.93 38.98
N HIS G 104 -6.23 -4.36 39.73
CA HIS G 104 -6.32 -4.48 41.18
C HIS G 104 -5.47 -3.40 41.83
N LYS G 105 -6.10 -2.57 42.66
CA LYS G 105 -5.46 -1.37 43.18
C LYS G 105 -4.27 -1.65 44.09
N ASN G 106 -4.13 -2.89 44.57
CA ASN G 106 -3.05 -3.24 45.48
C ASN G 106 -1.98 -4.11 44.86
N LEU G 107 -2.19 -4.62 43.64
CA LEU G 107 -1.25 -5.55 43.02
C LEU G 107 -0.07 -4.77 42.45
N LEU G 108 1.13 -5.08 42.91
CA LEU G 108 2.34 -4.35 42.51
C LEU G 108 3.48 -5.33 42.32
N ALA G 109 4.03 -5.39 41.10
CA ALA G 109 5.10 -6.31 40.77
C ALA G 109 6.47 -5.64 40.91
N SER G 110 7.51 -6.47 41.00
CA SER G 110 8.87 -5.98 41.13
C SER G 110 9.84 -6.96 40.50
N SER G 111 10.95 -6.42 40.00
CA SER G 111 12.05 -7.21 39.45
C SER G 111 13.34 -6.79 40.13
N ASP G 112 14.19 -7.77 40.45
CA ASP G 112 15.43 -7.51 41.18
C ASP G 112 16.60 -8.12 40.44
N TYR G 113 17.81 -7.88 40.97
CA TYR G 113 19.05 -8.33 40.35
C TYR G 113 19.27 -9.84 40.46
N GLU G 114 18.42 -10.56 41.19
CA GLU G 114 18.50 -12.01 41.21
C GLU G 114 17.83 -12.65 40.00
N GLY G 115 17.01 -11.89 39.28
CA GLY G 115 16.12 -12.45 38.29
C GLY G 115 14.75 -12.82 38.81
N THR G 116 14.40 -12.36 40.00
CA THR G 116 13.13 -12.70 40.64
C THR G 116 12.08 -11.66 40.28
N VAL G 117 10.88 -12.12 39.93
CA VAL G 117 9.74 -11.26 39.65
C VAL G 117 8.70 -11.55 40.73
N ILE G 118 8.50 -10.60 41.63
CA ILE G 118 7.67 -10.80 42.81
C ILE G 118 6.36 -10.02 42.66
N LEU G 119 5.26 -10.64 43.09
CA LEU G 119 3.96 -10.00 43.14
C LEU G 119 3.65 -9.64 44.59
N TRP G 120 3.45 -8.35 44.84
CA TRP G 120 3.23 -7.81 46.17
C TRP G 120 1.85 -7.20 46.31
N ASP G 121 1.36 -7.20 47.54
CA ASP G 121 0.29 -6.30 47.96
C ASP G 121 0.98 -5.03 48.48
N GLY G 122 0.80 -3.93 47.75
CA GLY G 122 1.53 -2.71 48.04
C GLY G 122 1.22 -2.06 49.38
N PHE G 123 0.35 -2.68 50.17
CA PHE G 123 -0.03 -2.15 51.47
C PHE G 123 0.17 -3.12 52.62
N THR G 124 0.08 -4.43 52.40
CA THR G 124 0.31 -5.40 53.45
C THR G 124 1.70 -6.02 53.42
N GLY G 125 2.46 -5.81 52.34
CA GLY G 125 3.77 -6.41 52.20
C GLY G 125 3.77 -7.90 51.92
N GLN G 126 2.59 -8.52 51.80
CA GLN G 126 2.51 -9.94 51.54
C GLN G 126 2.98 -10.25 50.11
N ARG G 127 3.55 -11.44 49.94
CA ARG G 127 3.96 -11.94 48.64
C ARG G 127 2.96 -12.99 48.18
N SER G 128 2.28 -12.74 47.06
CA SER G 128 1.35 -13.70 46.51
C SER G 128 1.99 -14.59 45.44
N LYS G 129 3.05 -14.13 44.79
CA LYS G 129 3.76 -14.92 43.80
C LYS G 129 5.23 -14.55 43.83
N VAL G 130 6.10 -15.56 43.71
CA VAL G 130 7.54 -15.37 43.61
C VAL G 130 8.01 -16.15 42.40
N TYR G 131 8.22 -15.47 41.28
CA TYR G 131 8.64 -16.09 40.03
C TYR G 131 10.17 -16.10 39.97
N GLN G 132 10.76 -17.30 39.92
CA GLN G 132 12.21 -17.47 39.86
C GLN G 132 12.54 -18.39 38.69
N GLU G 133 12.55 -17.82 37.49
CA GLU G 133 12.95 -18.55 36.29
C GLU G 133 14.06 -17.86 35.51
N HIS G 134 14.15 -16.53 35.55
CA HIS G 134 15.21 -15.84 34.84
C HIS G 134 16.57 -16.21 35.40
N GLU G 135 17.51 -16.50 34.52
CA GLU G 135 18.83 -16.99 34.91
C GLU G 135 19.82 -15.88 35.21
N LYS G 136 19.51 -14.64 34.89
CA LYS G 136 20.44 -13.53 35.13
C LYS G 136 19.63 -12.33 35.64
N ARG G 137 20.25 -11.16 35.57
CA ARG G 137 19.66 -9.95 36.13
C ARG G 137 18.45 -9.50 35.32
N CYS G 138 17.35 -9.22 35.99
CA CYS G 138 16.11 -8.78 35.36
C CYS G 138 16.04 -7.27 35.36
N TRP G 139 15.74 -6.69 34.19
CA TRP G 139 15.74 -5.23 34.04
C TRP G 139 14.36 -4.60 34.09
N SER G 140 13.31 -5.31 33.67
CA SER G 140 12.03 -4.64 33.54
C SER G 140 10.86 -5.63 33.60
N VAL G 141 9.72 -5.11 34.05
CA VAL G 141 8.45 -5.83 34.12
C VAL G 141 7.35 -4.90 33.65
N ASP G 142 6.19 -5.48 33.33
CA ASP G 142 5.04 -4.69 32.93
C ASP G 142 3.78 -5.53 33.01
N PHE G 143 2.73 -4.99 33.63
CA PHE G 143 1.43 -5.65 33.64
C PHE G 143 0.71 -5.44 32.33
N ASN G 144 -0.04 -6.45 31.89
CA ASN G 144 -0.85 -6.31 30.70
C ASN G 144 -1.97 -5.30 30.97
N LEU G 145 -2.04 -4.26 30.14
CA LEU G 145 -3.04 -3.22 30.31
C LEU G 145 -4.43 -3.65 29.86
N MET G 146 -4.57 -4.82 29.23
CA MET G 146 -5.86 -5.32 28.79
C MET G 146 -6.08 -6.78 29.16
N ASP G 147 -5.24 -7.35 30.01
CA ASP G 147 -5.46 -8.69 30.54
C ASP G 147 -5.07 -8.69 32.02
N PRO G 148 -6.02 -8.93 32.92
CA PRO G 148 -5.73 -8.81 34.35
C PRO G 148 -4.78 -9.88 34.87
N LYS G 149 -4.71 -11.04 34.23
CA LYS G 149 -3.87 -12.13 34.71
C LYS G 149 -2.43 -12.06 34.23
N LEU G 150 -2.18 -11.40 33.10
CA LEU G 150 -0.89 -11.48 32.44
C LEU G 150 0.03 -10.33 32.80
N LEU G 151 1.33 -10.63 32.82
CA LEU G 151 2.39 -9.64 32.94
C LEU G 151 3.61 -10.21 32.23
N ALA G 152 4.64 -9.38 32.09
CA ALA G 152 5.84 -9.80 31.36
C ALA G 152 7.08 -9.21 32.01
N SER G 153 8.21 -9.86 31.75
CA SER G 153 9.49 -9.41 32.27
C SER G 153 10.57 -9.71 31.24
N GLY G 154 11.63 -8.92 31.28
CA GLY G 154 12.77 -9.14 30.39
C GLY G 154 14.06 -9.16 31.18
N SER G 155 14.95 -10.08 30.82
CA SER G 155 16.16 -10.29 31.60
C SER G 155 17.40 -10.30 30.71
N ASP G 156 18.56 -10.18 31.37
CA ASP G 156 19.85 -10.30 30.71
C ASP G 156 20.09 -11.68 30.11
N ASP G 157 19.27 -12.67 30.48
CA ASP G 157 19.35 -14.01 29.91
C ASP G 157 18.82 -14.08 28.47
N ALA G 158 18.59 -12.92 27.86
CA ALA G 158 18.04 -12.82 26.52
C ALA G 158 16.67 -13.49 26.42
N LYS G 159 15.82 -13.23 27.40
CA LYS G 159 14.49 -13.80 27.44
C LYS G 159 13.48 -12.77 27.91
N VAL G 160 12.30 -12.83 27.29
CA VAL G 160 11.11 -12.08 27.70
C VAL G 160 10.08 -13.12 28.12
N LYS G 161 9.88 -13.26 29.42
CA LYS G 161 8.99 -14.27 29.96
C LYS G 161 7.62 -13.69 30.28
N LEU G 162 6.58 -14.48 30.03
CA LEU G 162 5.20 -14.10 30.27
C LEU G 162 4.66 -14.88 31.45
N TRP G 163 3.97 -14.19 32.35
CA TRP G 163 3.46 -14.78 33.57
C TRP G 163 1.97 -14.54 33.68
N SER G 164 1.27 -15.53 34.22
CA SER G 164 -0.13 -15.40 34.61
C SER G 164 -0.22 -15.39 36.13
N THR G 165 -0.99 -14.44 36.67
CA THR G 165 -1.10 -14.32 38.13
C THR G 165 -1.75 -15.54 38.75
N ASN G 166 -2.43 -16.38 37.96
CA ASN G 166 -3.10 -17.57 38.45
C ASN G 166 -2.26 -18.83 38.25
N LEU G 167 -0.99 -18.70 37.88
CA LEU G 167 -0.12 -19.84 37.66
C LEU G 167 1.25 -19.57 38.25
N ASP G 168 1.95 -20.64 38.60
CA ASP G 168 3.25 -20.54 39.26
C ASP G 168 4.42 -20.43 38.29
N ASN G 169 4.27 -20.95 37.07
CA ASN G 169 5.34 -20.93 36.09
C ASN G 169 4.95 -20.09 34.89
N SER G 170 5.95 -19.74 34.08
CA SER G 170 5.72 -18.88 32.93
C SER G 170 4.86 -19.60 31.89
N VAL G 171 3.99 -18.84 31.23
CA VAL G 171 3.09 -19.41 30.22
C VAL G 171 3.68 -19.38 28.83
N ALA G 172 4.67 -18.51 28.57
CA ALA G 172 5.32 -18.41 27.28
C ALA G 172 6.60 -17.61 27.46
N SER G 173 7.50 -17.73 26.49
CA SER G 173 8.77 -17.02 26.54
C SER G 173 9.23 -16.71 25.12
N ILE G 174 9.77 -15.50 24.96
CA ILE G 174 10.35 -15.06 23.69
C ILE G 174 11.87 -15.02 23.86
N GLU G 175 12.58 -15.65 22.93
CA GLU G 175 14.04 -15.75 22.97
C GLU G 175 14.63 -14.67 22.06
N ALA G 176 15.23 -13.65 22.68
CA ALA G 176 15.79 -12.54 21.94
C ALA G 176 17.25 -12.82 21.55
N LYS G 177 17.85 -11.87 20.85
CA LYS G 177 19.20 -12.03 20.34
C LYS G 177 20.27 -11.51 21.29
N ALA G 178 19.90 -10.76 22.31
CA ALA G 178 20.84 -10.22 23.29
C ALA G 178 20.07 -9.85 24.55
N ASN G 179 20.70 -9.07 25.43
CA ASN G 179 20.06 -8.69 26.68
C ASN G 179 18.81 -7.85 26.43
N VAL G 180 17.77 -8.11 27.22
CA VAL G 180 16.53 -7.36 27.14
C VAL G 180 16.54 -6.34 28.27
N CYS G 181 16.42 -5.06 27.92
CA CYS G 181 16.55 -3.97 28.88
C CYS G 181 15.22 -3.40 29.32
N CYS G 182 14.15 -3.58 28.55
CA CYS G 182 12.85 -3.02 28.91
CA CYS G 182 12.86 -3.02 28.91
C CYS G 182 11.76 -3.75 28.14
N VAL G 183 10.63 -3.96 28.79
CA VAL G 183 9.45 -4.55 28.18
C VAL G 183 8.25 -3.66 28.50
N LYS G 184 7.25 -3.69 27.62
CA LYS G 184 6.06 -2.88 27.81
C LYS G 184 4.92 -3.44 26.97
N PHE G 185 3.74 -3.54 27.57
CA PHE G 185 2.54 -3.94 26.84
C PHE G 185 1.91 -2.73 26.17
N SER G 186 1.31 -2.97 25.02
CA SER G 186 0.61 -1.91 24.32
C SER G 186 -0.63 -1.51 25.12
N PRO G 187 -0.99 -0.23 25.12
CA PRO G 187 -2.23 0.19 25.79
C PRO G 187 -3.47 0.07 24.92
N SER G 188 -3.36 -0.53 23.74
CA SER G 188 -4.48 -0.67 22.82
C SER G 188 -4.80 -2.12 22.46
N SER G 189 -4.06 -3.08 23.01
CA SER G 189 -4.31 -4.48 22.71
C SER G 189 -3.69 -5.35 23.80
N ARG G 190 -4.37 -6.46 24.10
CA ARG G 190 -3.87 -7.40 25.09
C ARG G 190 -2.87 -8.41 24.52
N TYR G 191 -2.56 -8.31 23.22
CA TYR G 191 -1.70 -9.28 22.56
C TYR G 191 -0.47 -8.65 21.93
N HIS G 192 -0.21 -7.37 22.17
CA HIS G 192 0.93 -6.68 21.58
C HIS G 192 1.92 -6.32 22.68
N LEU G 193 3.21 -6.59 22.43
CA LEU G 193 4.24 -6.28 23.40
C LEU G 193 5.50 -5.80 22.67
N ALA G 194 6.22 -4.88 23.30
CA ALA G 194 7.47 -4.37 22.75
C ALA G 194 8.55 -4.46 23.81
N PHE G 195 9.78 -4.72 23.37
CA PHE G 195 10.90 -4.76 24.29
C PHE G 195 12.15 -4.22 23.61
N GLY G 196 12.91 -3.41 24.34
CA GLY G 196 14.19 -2.93 23.87
C GLY G 196 15.28 -3.92 24.21
N CYS G 197 16.07 -4.30 23.22
CA CYS G 197 17.09 -5.32 23.37
C CYS G 197 18.48 -4.73 23.26
N ALA G 198 19.48 -5.48 23.73
CA ALA G 198 20.86 -5.03 23.67
C ALA G 198 21.40 -4.96 22.25
N ASP G 199 20.64 -5.44 21.26
CA ASP G 199 21.05 -5.42 19.87
C ASP G 199 20.78 -4.08 19.19
N HIS G 200 20.60 -3.00 19.96
CA HIS G 200 20.35 -1.65 19.45
C HIS G 200 19.00 -1.50 18.78
N CYS G 201 18.08 -2.44 18.98
CA CYS G 201 16.82 -2.46 18.26
C CYS G 201 15.66 -2.55 19.23
N VAL G 202 14.48 -2.17 18.75
CA VAL G 202 13.23 -2.30 19.51
C VAL G 202 12.39 -3.37 18.83
N HIS G 203 12.06 -4.42 19.56
CA HIS G 203 11.33 -5.55 18.99
C HIS G 203 9.86 -5.46 19.36
N TYR G 204 9.00 -5.67 18.37
CA TYR G 204 7.55 -5.54 18.50
C TYR G 204 6.92 -6.87 18.09
N TYR G 205 6.23 -7.51 19.04
CA TYR G 205 5.79 -8.88 18.94
C TYR G 205 4.29 -9.00 19.24
N ASP G 206 3.68 -10.02 18.64
CA ASP G 206 2.32 -10.44 18.91
C ASP G 206 2.40 -11.80 19.60
N LEU G 207 2.12 -11.83 20.90
CA LEU G 207 2.42 -13.02 21.71
C LEU G 207 1.72 -14.28 21.22
N ARG G 208 0.76 -14.18 20.30
CA ARG G 208 0.17 -15.38 19.72
C ARG G 208 1.19 -16.17 18.94
N ASN G 209 2.15 -15.50 18.29
CA ASN G 209 3.23 -16.15 17.56
C ASN G 209 4.52 -15.42 17.90
N THR G 210 5.50 -16.16 18.41
CA THR G 210 6.75 -15.58 18.89
C THR G 210 7.95 -16.18 18.18
N LYS G 211 7.91 -16.26 16.85
CA LYS G 211 8.95 -17.00 16.16
C LYS G 211 10.00 -16.19 15.35
N GLN G 212 9.71 -15.22 14.46
CA GLN G 212 8.50 -14.47 14.04
C GLN G 212 8.20 -13.25 14.92
N PRO G 213 8.98 -12.18 14.73
CA PRO G 213 8.57 -10.87 15.25
C PRO G 213 7.72 -10.12 14.24
N ILE G 214 6.86 -9.24 14.76
CA ILE G 214 6.09 -8.37 13.87
C ILE G 214 7.00 -7.31 13.27
N MET G 215 7.75 -6.60 14.11
CA MET G 215 8.63 -5.56 13.59
C MET G 215 9.89 -5.48 14.44
N VAL G 216 11.01 -5.16 13.80
CA VAL G 216 12.27 -4.88 14.47
C VAL G 216 12.71 -3.49 14.04
N PHE G 217 12.81 -2.58 14.99
CA PHE G 217 13.10 -1.18 14.73
C PHE G 217 14.59 -0.93 14.93
N LYS G 218 15.25 -0.51 13.85
CA LYS G 218 16.68 -0.20 13.83
C LYS G 218 16.90 1.30 13.74
N GLY G 219 17.99 1.76 14.33
CA GLY G 219 18.35 3.17 14.26
C GLY G 219 19.32 3.59 15.34
N HIS G 220 19.15 3.05 16.54
CA HIS G 220 20.04 3.39 17.65
C HIS G 220 21.40 2.71 17.47
N ARG G 221 22.44 3.38 17.96
CA ARG G 221 23.80 2.84 17.92
C ARG G 221 24.20 2.15 19.21
N LYS G 222 23.48 2.40 20.30
CA LYS G 222 23.69 1.70 21.56
C LYS G 222 22.39 1.00 21.96
N ALA G 223 22.51 0.10 22.93
CA ALA G 223 21.39 -0.75 23.30
C ALA G 223 20.23 0.08 23.85
N VAL G 224 19.01 -0.38 23.56
CA VAL G 224 17.80 0.35 23.90
C VAL G 224 17.54 0.20 25.40
N SER G 225 17.73 1.29 26.16
CA SER G 225 17.49 1.24 27.59
C SER G 225 16.01 1.30 27.91
N TYR G 226 15.27 2.18 27.25
CA TYR G 226 13.86 2.38 27.56
C TYR G 226 13.02 2.34 26.29
N ALA G 227 11.75 2.00 26.48
CA ALA G 227 10.79 1.94 25.39
C ALA G 227 9.39 1.97 25.98
N LYS G 228 8.63 3.01 25.65
CA LYS G 228 7.26 3.18 26.13
C LYS G 228 6.34 3.41 24.94
N PHE G 229 5.04 3.27 25.20
CA PHE G 229 4.01 3.50 24.18
C PHE G 229 3.43 4.89 24.38
N VAL G 230 3.77 5.81 23.47
CA VAL G 230 3.09 7.10 23.44
C VAL G 230 1.61 6.89 23.16
N SER G 231 1.29 5.91 22.31
CA SER G 231 -0.08 5.52 22.02
C SER G 231 -0.04 4.12 21.42
N GLY G 232 -1.20 3.64 20.99
CA GLY G 232 -1.24 2.37 20.28
C GLY G 232 -0.61 2.41 18.91
N GLU G 233 -0.30 3.60 18.39
CA GLU G 233 0.30 3.76 17.08
C GLU G 233 1.75 4.21 17.11
N GLU G 234 2.24 4.70 18.24
CA GLU G 234 3.58 5.27 18.33
C GLU G 234 4.31 4.74 19.55
N ILE G 235 5.62 4.52 19.39
CA ILE G 235 6.50 4.06 20.44
C ILE G 235 7.65 5.04 20.56
N VAL G 236 8.14 5.25 21.78
CA VAL G 236 9.31 6.09 22.02
C VAL G 236 10.37 5.25 22.71
N SER G 237 11.61 5.36 22.24
CA SER G 237 12.72 4.58 22.78
C SER G 237 13.85 5.50 23.19
N ALA G 238 14.58 5.09 24.22
CA ALA G 238 15.70 5.84 24.77
C ALA G 238 16.92 4.92 24.79
N SER G 239 18.00 5.36 24.13
CA SER G 239 19.22 4.56 24.13
C SER G 239 20.41 5.43 24.51
N THR G 240 21.53 4.78 24.83
CA THR G 240 22.72 5.48 25.29
C THR G 240 23.59 6.02 24.16
N ASP G 241 22.97 6.51 23.09
CA ASP G 241 23.63 7.35 22.10
C ASP G 241 23.14 8.79 22.21
N SER G 242 22.78 9.20 23.42
CA SER G 242 22.15 10.49 23.69
C SER G 242 21.00 10.74 22.73
N GLN G 243 20.13 9.73 22.59
CA GLN G 243 19.09 9.79 21.59
C GLN G 243 17.80 9.16 22.10
N LEU G 244 16.71 9.91 21.96
CA LEU G 244 15.36 9.38 21.95
C LEU G 244 14.94 9.20 20.49
N LYS G 245 14.04 8.25 20.25
CA LYS G 245 13.55 8.00 18.90
C LYS G 245 12.07 7.66 18.93
N LEU G 246 11.30 8.34 18.09
CA LEU G 246 9.88 8.11 17.97
C LEU G 246 9.60 7.28 16.72
N TRP G 247 8.86 6.19 16.89
CA TRP G 247 8.59 5.24 15.83
C TRP G 247 7.09 5.04 15.67
N ASN G 248 6.69 4.72 14.45
CA ASN G 248 5.34 4.26 14.16
C ASN G 248 5.34 2.74 14.07
N VAL G 249 4.24 2.12 14.51
CA VAL G 249 4.17 0.67 14.57
C VAL G 249 4.40 0.04 13.20
N GLY G 250 3.96 0.71 12.13
CA GLY G 250 4.10 0.14 10.81
C GLY G 250 5.42 0.43 10.14
N LYS G 251 6.09 1.56 10.50
CA LYS G 251 7.32 1.86 9.76
C LYS G 251 8.55 1.35 10.51
N PRO G 252 9.51 0.76 9.80
CA PRO G 252 10.67 0.16 10.46
C PRO G 252 11.79 1.14 10.80
N TYR G 253 11.68 2.41 10.42
CA TYR G 253 12.69 3.40 10.73
C TYR G 253 12.05 4.61 11.40
N CYS G 254 12.84 5.28 12.23
CA CYS G 254 12.31 6.28 13.15
C CYS G 254 11.69 7.46 12.42
N LEU G 255 10.61 8.00 13.01
CA LEU G 255 9.97 9.19 12.48
C LEU G 255 10.72 10.45 12.87
N ARG G 256 11.43 10.42 14.00
CA ARG G 256 12.08 11.60 14.56
C ARG G 256 13.01 11.17 15.68
N SER G 257 14.12 11.89 15.81
CA SER G 257 15.07 11.67 16.90
C SER G 257 15.08 12.91 17.79
N PHE G 258 14.93 12.69 19.09
CA PHE G 258 14.97 13.77 20.07
C PHE G 258 16.36 13.82 20.69
N LYS G 259 16.99 15.00 20.59
CA LYS G 259 18.34 15.24 21.07
C LYS G 259 18.34 16.48 21.95
N GLY G 260 19.42 16.63 22.72
CA GLY G 260 19.56 17.78 23.61
C GLY G 260 20.04 17.41 24.99
N HIS G 261 19.74 16.18 25.41
CA HIS G 261 20.17 15.65 26.69
C HIS G 261 21.44 14.82 26.51
N ILE G 262 21.97 14.34 27.62
CA ILE G 262 23.19 13.54 27.62
C ILE G 262 22.88 12.21 28.31
N ASN G 263 22.79 11.15 27.52
CA ASN G 263 22.57 9.79 28.03
C ASN G 263 23.48 8.86 27.24
N GLU G 264 24.62 8.52 27.85
CA GLU G 264 25.59 7.66 27.19
C GLU G 264 25.99 6.44 28.01
N LYS G 265 25.39 6.22 29.17
CA LYS G 265 25.84 5.14 30.04
C LYS G 265 24.71 4.53 30.87
N ASN G 266 23.92 5.37 31.53
CA ASN G 266 23.04 4.90 32.59
C ASN G 266 21.58 4.84 32.15
N PHE G 267 20.82 3.98 32.82
CA PHE G 267 19.37 4.00 32.77
C PHE G 267 18.86 5.30 33.39
N VAL G 268 18.48 6.27 32.57
CA VAL G 268 18.15 7.61 33.06
C VAL G 268 16.65 7.87 33.07
N GLY G 269 15.82 6.90 32.72
CA GLY G 269 14.38 7.07 32.83
C GLY G 269 13.72 7.65 31.61
N LEU G 270 12.50 7.19 31.33
CA LEU G 270 11.72 7.67 30.20
C LEU G 270 10.24 7.54 30.56
N ALA G 271 9.44 8.53 30.16
CA ALA G 271 8.01 8.49 30.40
C ALA G 271 7.31 9.33 29.35
N SER G 272 6.08 8.94 29.02
CA SER G 272 5.30 9.63 28.00
C SER G 272 3.85 9.76 28.46
N ASN G 273 3.29 10.96 28.33
CA ASN G 273 1.89 11.22 28.64
C ASN G 273 1.27 11.94 27.46
N GLY G 274 0.30 11.30 26.81
CA GLY G 274 -0.38 11.89 25.68
C GLY G 274 0.55 12.30 24.55
N ASP G 275 0.92 13.59 24.54
CA ASP G 275 1.75 14.13 23.48
C ASP G 275 3.11 14.61 23.99
N TYR G 276 3.48 14.28 25.22
CA TYR G 276 4.70 14.81 25.81
C TYR G 276 5.61 13.68 26.29
N ILE G 277 6.91 13.89 26.13
CA ILE G 277 7.93 12.90 26.45
C ILE G 277 8.94 13.52 27.40
N ALA G 278 9.24 12.83 28.50
CA ALA G 278 10.19 13.31 29.49
C ALA G 278 11.23 12.23 29.76
N CYS G 279 12.49 12.67 29.88
CA CYS G 279 13.56 11.72 30.17
C CYS G 279 14.66 12.42 30.95
N GLY G 280 15.36 11.66 31.78
CA GLY G 280 16.44 12.18 32.57
C GLY G 280 17.67 12.48 31.74
N SER G 281 18.68 13.05 32.41
CA SER G 281 19.90 13.45 31.74
C SER G 281 21.05 13.38 32.72
N GLU G 282 22.26 13.19 32.18
CA GLU G 282 23.45 13.01 33.00
C GLU G 282 24.08 14.33 33.45
N ASN G 283 23.51 15.47 33.07
CA ASN G 283 23.85 16.74 33.70
C ASN G 283 22.94 17.05 34.88
N ASN G 284 22.42 16.01 35.53
CA ASN G 284 21.55 16.14 36.71
C ASN G 284 20.33 17.01 36.42
N SER G 285 19.63 16.67 35.34
CA SER G 285 18.49 17.47 34.90
C SER G 285 17.49 16.58 34.19
N LEU G 286 16.23 17.01 34.22
CA LEU G 286 15.15 16.37 33.49
C LEU G 286 14.81 17.20 32.26
N TYR G 287 14.66 16.52 31.12
CA TYR G 287 14.35 17.17 29.86
C TYR G 287 12.96 16.78 29.39
N LEU G 288 12.21 17.76 28.89
CA LEU G 288 10.85 17.56 28.39
C LEU G 288 10.77 18.02 26.94
N TYR G 289 10.21 17.16 26.10
CA TYR G 289 10.04 17.35 24.67
C TYR G 289 8.57 17.18 24.30
N TYR G 290 8.17 17.85 23.21
CA TYR G 290 6.91 17.58 22.55
C TYR G 290 7.17 16.58 21.42
N LYS G 291 6.32 15.56 21.34
CA LYS G 291 6.60 14.37 20.54
C LYS G 291 6.61 14.65 19.03
N GLY G 292 6.29 15.89 18.66
CA GLY G 292 6.29 16.25 17.26
C GLY G 292 7.37 17.25 16.88
N LEU G 293 8.34 17.44 17.77
CA LEU G 293 9.41 18.39 17.52
C LEU G 293 10.69 17.91 18.20
N SER G 294 11.81 18.02 17.49
CA SER G 294 13.06 17.43 17.94
C SER G 294 13.76 18.25 19.01
N LYS G 295 13.47 19.54 19.13
CA LYS G 295 14.21 20.39 20.04
C LYS G 295 13.60 20.33 21.44
N THR G 296 14.43 20.68 22.43
CA THR G 296 14.03 20.60 23.82
C THR G 296 12.90 21.58 24.12
N LEU G 297 11.82 21.10 24.74
CA LEU G 297 10.78 22.01 25.21
C LEU G 297 11.23 22.73 26.47
N LEU G 298 11.60 21.99 27.52
CA LEU G 298 12.13 22.68 28.70
C LEU G 298 12.98 21.72 29.53
N THR G 299 13.68 22.31 30.50
CA THR G 299 14.67 21.59 31.32
C THR G 299 14.51 22.00 32.77
N PHE G 300 14.52 21.02 33.67
CA PHE G 300 14.57 21.26 35.10
C PHE G 300 15.91 20.79 35.65
N LYS G 301 16.58 21.65 36.39
CA LYS G 301 17.90 21.36 36.94
C LYS G 301 17.75 21.01 38.42
N PHE G 302 18.07 19.77 38.77
CA PHE G 302 18.11 19.37 40.17
C PHE G 302 19.23 20.09 40.90
N ASP G 303 18.96 20.46 42.15
CA ASP G 303 20.04 20.89 43.02
C ASP G 303 20.87 19.68 43.45
N THR G 304 22.06 19.95 43.96
CA THR G 304 22.95 18.88 44.38
C THR G 304 23.65 19.27 45.68
N VAL G 305 23.97 18.26 46.48
CA VAL G 305 24.62 18.48 47.76
C VAL G 305 25.74 17.46 47.98
N ASN G 319 28.80 13.46 38.33
CA ASN G 319 28.58 12.02 38.24
C ASN G 319 27.14 11.67 38.61
N GLU G 320 26.36 12.70 38.94
CA GLU G 320 24.95 12.52 39.32
C GLU G 320 24.08 12.54 38.06
N PHE G 321 23.26 11.50 37.91
CA PHE G 321 22.37 11.38 36.76
C PHE G 321 20.96 11.09 37.23
N VAL G 322 19.98 11.70 36.54
CA VAL G 322 18.58 11.37 36.79
C VAL G 322 18.36 9.91 36.43
N SER G 323 17.53 9.24 37.21
CA SER G 323 17.41 7.78 37.09
C SER G 323 15.98 7.25 36.94
N ALA G 324 14.95 8.01 37.33
CA ALA G 324 13.60 7.49 37.14
C ALA G 324 12.60 8.63 37.00
N VAL G 325 11.65 8.47 36.09
CA VAL G 325 10.62 9.47 35.85
C VAL G 325 9.28 8.77 35.60
N CYS G 326 8.20 9.42 35.98
CA CYS G 326 6.87 8.87 35.78
C CYS G 326 5.85 9.99 35.73
N TRP G 327 4.92 9.90 34.77
CA TRP G 327 3.83 10.85 34.67
C TRP G 327 2.70 10.46 35.61
N ARG G 328 2.08 11.47 36.23
CA ARG G 328 0.84 11.27 36.97
C ARG G 328 -0.33 11.33 35.98
N ALA G 329 -0.42 10.27 35.16
CA ALA G 329 -1.43 10.19 34.13
C ALA G 329 -2.83 10.03 34.73
N LEU G 330 -3.32 11.07 35.40
CA LEU G 330 -4.64 11.06 36.01
C LEU G 330 -5.69 10.92 34.91
N PRO G 331 -6.42 9.81 34.88
CA PRO G 331 -7.44 9.62 33.83
C PRO G 331 -8.50 10.70 33.91
N ASP G 332 -8.85 11.26 32.75
CA ASP G 332 -9.78 12.38 32.64
C ASP G 332 -9.28 13.57 33.48
N GLY G 333 -8.23 14.20 32.96
CA GLY G 333 -7.65 15.33 33.66
C GLY G 333 -6.49 15.91 32.88
N GLU G 334 -5.68 16.72 33.55
CA GLU G 334 -4.54 17.38 32.94
C GLU G 334 -3.26 16.79 33.55
N SER G 335 -2.49 16.07 32.73
CA SER G 335 -1.23 15.50 33.18
C SER G 335 -0.18 16.58 33.32
N ASN G 336 -0.40 17.51 34.26
CA ASN G 336 0.49 18.65 34.46
C ASN G 336 1.58 18.36 35.48
N VAL G 337 1.61 17.16 36.06
CA VAL G 337 2.52 16.84 37.16
C VAL G 337 3.16 15.48 36.90
N LEU G 338 4.44 15.37 37.26
CA LEU G 338 5.17 14.11 37.17
C LEU G 338 6.14 14.03 38.34
N ILE G 339 6.70 12.84 38.55
CA ILE G 339 7.64 12.60 39.62
C ILE G 339 8.95 12.10 39.02
N ALA G 340 10.06 12.70 39.44
CA ALA G 340 11.39 12.33 38.96
C ALA G 340 12.30 12.07 40.15
N ALA G 341 13.39 11.35 39.90
CA ALA G 341 14.36 11.01 40.94
C ALA G 341 15.72 10.77 40.30
N ASN G 342 16.74 11.34 40.92
CA ASN G 342 18.10 11.28 40.40
C ASN G 342 18.91 10.21 41.14
N SER G 343 20.23 10.20 40.92
CA SER G 343 21.09 9.18 41.50
C SER G 343 21.51 9.48 42.93
N GLN G 344 21.34 10.72 43.41
CA GLN G 344 21.59 11.03 44.81
C GLN G 344 20.46 10.57 45.72
N GLY G 345 19.45 9.89 45.18
CA GLY G 345 18.28 9.53 45.94
C GLY G 345 17.22 10.62 46.01
N THR G 346 17.51 11.81 45.51
CA THR G 346 16.56 12.91 45.58
C THR G 346 15.39 12.65 44.63
N ILE G 347 14.19 12.79 45.18
CA ILE G 347 12.94 12.61 44.45
C ILE G 347 12.17 13.93 44.54
N LYS G 348 11.66 14.39 43.40
CA LYS G 348 10.90 15.63 43.33
C LYS G 348 9.61 15.41 42.57
N VAL G 349 8.52 15.93 43.12
CA VAL G 349 7.25 16.02 42.42
C VAL G 349 7.20 17.39 41.75
N LEU G 350 7.10 17.40 40.43
CA LEU G 350 7.20 18.62 39.64
C LEU G 350 5.90 18.87 38.90
N GLU G 351 5.48 20.14 38.87
CA GLU G 351 4.28 20.56 38.17
C GLU G 351 4.67 21.47 37.01
N LEU G 352 4.16 21.17 35.82
CA LEU G 352 4.43 21.95 34.63
C LEU G 352 3.52 23.18 34.62
N VAL G 353 4.11 24.35 34.76
CA VAL G 353 3.35 25.60 34.74
C VAL G 353 3.47 26.25 33.36
N SER H 1 28.29 -0.41 37.99
CA SER H 1 27.82 -1.40 38.95
C SER H 1 26.29 -1.52 38.91
N ASP H 2 25.63 -0.41 38.60
CA ASP H 2 24.17 -0.36 38.53
C ASP H 2 23.74 0.58 37.41
N GLN H 3 22.59 0.27 36.83
CA GLN H 3 21.97 1.09 35.77
C GLN H 3 22.98 1.40 34.66
N ILE H 4 23.34 0.34 33.95
CA ILE H 4 24.25 0.43 32.81
C ILE H 4 23.64 -0.35 31.65
N VAL H 5 23.45 0.33 30.52
CA VAL H 5 22.98 -0.29 29.29
C VAL H 5 23.95 -1.40 28.93
N PRO H 6 23.50 -2.66 28.94
CA PRO H 6 24.37 -3.79 28.59
C PRO H 6 25.01 -3.62 27.23
N GLU H 7 26.21 -3.02 27.23
CA GLU H 7 26.91 -2.67 26.00
C GLU H 7 27.13 -3.90 25.13
N TYR H 8 26.89 -3.73 23.83
CA TYR H 8 27.11 -4.80 22.86
C TYR H 8 27.13 -4.21 21.46
N GLU I 13 -52.10 9.39 -27.68
CA GLU I 13 -50.74 9.24 -27.16
C GLU I 13 -50.43 10.34 -26.14
N PHE I 14 -51.47 11.08 -25.74
CA PHE I 14 -51.29 12.15 -24.77
C PHE I 14 -50.99 11.58 -23.38
N GLN I 15 -51.73 10.54 -22.99
CA GLN I 15 -51.52 9.93 -21.68
C GLN I 15 -50.11 9.34 -21.55
N GLU I 16 -49.56 8.83 -22.65
CA GLU I 16 -48.19 8.32 -22.62
C GLU I 16 -47.19 9.44 -22.40
N CYS I 17 -47.41 10.58 -23.04
CA CYS I 17 -46.59 11.76 -22.79
C CYS I 17 -46.66 12.16 -21.31
N LEU I 18 -47.87 12.15 -20.75
CA LEU I 18 -48.05 12.46 -19.33
C LEU I 18 -47.25 11.52 -18.45
N SER I 19 -47.49 10.22 -18.58
CA SER I 19 -46.83 9.24 -17.73
C SER I 19 -45.30 9.30 -17.89
N LYS I 20 -44.83 9.52 -19.11
CA LYS I 20 -43.39 9.61 -19.33
C LYS I 20 -42.81 10.88 -18.71
N PHE I 21 -43.60 11.95 -18.63
CA PHE I 21 -43.09 13.17 -18.03
C PHE I 21 -43.02 13.10 -16.51
N THR I 22 -43.93 12.36 -15.88
CA THR I 22 -43.99 12.28 -14.43
C THR I 22 -43.35 10.99 -13.88
N ARG I 23 -42.61 10.27 -14.72
CA ARG I 23 -41.98 9.02 -14.26
C ARG I 23 -40.98 9.30 -13.14
N TYR I 24 -40.25 10.40 -13.23
CA TYR I 24 -39.27 10.79 -12.22
C TYR I 24 -39.65 12.13 -11.61
N ASN I 25 -39.37 12.28 -10.32
CA ASN I 25 -39.65 13.50 -9.60
C ASN I 25 -38.59 13.91 -8.60
N SER I 26 -37.56 13.09 -8.37
CA SER I 26 -36.53 13.41 -7.39
C SER I 26 -35.20 12.87 -7.90
N VAL I 27 -34.11 13.32 -7.27
CA VAL I 27 -32.77 12.92 -7.63
C VAL I 27 -32.02 12.53 -6.37
N ARG I 28 -31.21 11.48 -6.48
CA ARG I 28 -30.47 10.94 -5.33
C ARG I 28 -29.01 10.73 -5.76
N PRO I 29 -28.06 11.37 -5.08
CA PRO I 29 -26.65 11.16 -5.42
C PRO I 29 -26.14 9.81 -4.93
N LEU I 30 -25.29 9.19 -5.74
CA LEU I 30 -24.68 7.92 -5.41
C LEU I 30 -23.22 8.04 -5.00
N ALA I 31 -22.48 8.98 -5.58
CA ALA I 31 -21.07 9.15 -5.25
C ALA I 31 -20.62 10.54 -5.69
N THR I 32 -19.50 10.98 -5.12
CA THR I 32 -18.95 12.30 -5.39
C THR I 32 -17.44 12.19 -5.55
N LEU I 33 -16.93 12.69 -6.68
CA LEU I 33 -15.51 12.63 -6.99
C LEU I 33 -15.05 14.00 -7.48
N SER I 34 -13.72 14.15 -7.57
CA SER I 34 -13.11 15.39 -8.03
C SER I 34 -12.15 15.07 -9.16
N TYR I 35 -12.17 15.91 -10.21
CA TYR I 35 -11.28 15.74 -11.35
C TYR I 35 -9.87 16.23 -11.08
N ALA I 36 -9.68 17.02 -10.01
CA ALA I 36 -8.37 17.56 -9.68
C ALA I 36 -7.78 16.84 -8.48
N LEU I 39 -6.04 20.82 -8.19
CA LEU I 39 -4.60 20.95 -8.38
C LEU I 39 -4.18 22.42 -8.53
N TYR I 40 -3.56 22.95 -7.48
CA TYR I 40 -3.03 24.32 -7.45
C TYR I 40 -4.11 25.35 -7.81
N ASN I 41 -5.36 25.05 -7.45
CA ASN I 41 -6.55 25.83 -7.78
C ASN I 41 -6.68 26.13 -9.27
N GLY I 42 -5.98 25.39 -10.13
CA GLY I 42 -6.09 25.62 -11.56
C GLY I 42 -7.43 25.13 -12.10
N SER I 43 -7.69 25.48 -13.36
CA SER I 43 -8.94 25.08 -13.98
C SER I 43 -9.05 23.56 -14.06
N SER I 44 -10.23 23.04 -13.72
CA SER I 44 -10.46 21.60 -13.69
C SER I 44 -11.78 21.25 -14.38
N ILE I 45 -12.09 21.96 -15.46
CA ILE I 45 -13.35 21.74 -16.17
C ILE I 45 -13.33 20.36 -16.82
N VAL I 46 -14.37 19.58 -16.58
CA VAL I 46 -14.48 18.23 -17.12
C VAL I 46 -15.15 18.33 -18.48
N SER I 47 -14.44 17.96 -19.54
CA SER I 47 -14.97 18.15 -20.88
C SER I 47 -15.85 16.97 -21.32
N SER I 48 -15.41 15.75 -21.04
CA SER I 48 -16.09 14.58 -21.56
C SER I 48 -16.13 13.47 -20.51
N ILE I 49 -17.24 12.72 -20.53
CA ILE I 49 -17.48 11.57 -19.66
C ILE I 49 -18.12 10.49 -20.51
N GLU I 50 -17.52 9.30 -20.56
CA GLU I 50 -18.05 8.23 -21.40
C GLU I 50 -17.84 6.88 -20.74
N PHE I 51 -18.86 6.02 -20.84
CA PHE I 51 -18.79 4.65 -20.34
C PHE I 51 -18.24 3.71 -21.40
N ASP I 52 -17.77 2.55 -20.96
CA ASP I 52 -17.36 1.51 -21.89
C ASP I 52 -18.58 0.73 -22.37
N ARG I 53 -18.33 -0.31 -23.17
CA ARG I 53 -19.43 -1.04 -23.81
C ARG I 53 -20.30 -1.76 -22.77
N ASP I 54 -19.67 -2.30 -21.73
CA ASP I 54 -20.39 -3.06 -20.72
C ASP I 54 -20.80 -2.23 -19.50
N CYS I 55 -20.52 -0.93 -19.52
CA CYS I 55 -20.88 -0.02 -18.43
C CYS I 55 -20.25 -0.44 -17.10
N ASP I 56 -19.07 -1.06 -17.15
CA ASP I 56 -18.34 -1.40 -15.94
C ASP I 56 -17.40 -0.28 -15.48
N TYR I 57 -16.85 0.48 -16.42
CA TYR I 57 -15.95 1.58 -16.13
C TYR I 57 -16.45 2.83 -16.83
N PHE I 58 -16.03 3.98 -16.33
CA PHE I 58 -16.28 5.24 -17.01
C PHE I 58 -15.00 6.08 -17.03
N ALA I 59 -14.92 6.95 -18.04
CA ALA I 59 -13.74 7.74 -18.29
C ALA I 59 -14.09 9.22 -18.30
N ILE I 60 -13.20 10.01 -17.71
CA ILE I 60 -13.39 11.44 -17.50
C ILE I 60 -12.17 12.17 -18.05
N ALA I 61 -12.41 13.21 -18.87
CA ALA I 61 -11.33 13.97 -19.46
C ALA I 61 -11.69 15.44 -19.48
N GLY I 62 -10.69 16.30 -19.28
CA GLY I 62 -10.91 17.72 -19.21
C GLY I 62 -9.67 18.54 -19.52
N VAL I 63 -9.59 19.71 -18.89
CA VAL I 63 -8.55 20.68 -19.21
C VAL I 63 -7.22 20.42 -18.51
N THR I 64 -7.18 19.47 -17.57
CA THR I 64 -5.94 19.12 -16.90
C THR I 64 -5.07 18.18 -17.72
N LYS I 65 -5.45 17.93 -18.98
CA LYS I 65 -4.70 17.05 -19.89
C LYS I 65 -4.62 15.62 -19.36
N LYS I 66 -5.68 15.14 -18.71
CA LYS I 66 -5.65 13.83 -18.07
C LYS I 66 -6.95 13.08 -18.37
N ILE I 67 -6.81 11.79 -18.68
CA ILE I 67 -7.95 10.88 -18.84
C ILE I 67 -7.93 9.91 -17.67
N LYS I 68 -8.97 9.95 -16.85
CA LYS I 68 -9.07 9.12 -15.66
C LYS I 68 -10.18 8.08 -15.84
N VAL I 69 -9.84 6.81 -15.63
CA VAL I 69 -10.75 5.69 -15.82
C VAL I 69 -11.04 5.07 -14.46
N TYR I 70 -12.31 5.10 -14.08
CA TYR I 70 -12.81 4.60 -12.80
C TYR I 70 -13.68 3.39 -13.01
N GLU I 71 -13.74 2.55 -11.97
CA GLU I 71 -14.62 1.38 -11.94
C GLU I 71 -15.91 1.75 -11.22
N TYR I 72 -17.05 1.52 -11.89
CA TYR I 72 -18.33 2.02 -11.39
C TYR I 72 -18.66 1.46 -10.02
N ASP I 73 -18.66 0.13 -9.88
CA ASP I 73 -19.10 -0.49 -8.63
C ASP I 73 -18.24 -0.06 -7.45
N THR I 74 -16.94 0.14 -7.68
CA THR I 74 -16.07 0.62 -6.60
C THR I 74 -16.41 2.05 -6.19
N VAL I 75 -16.94 2.85 -7.11
CA VAL I 75 -17.17 4.26 -6.84
C VAL I 75 -18.43 4.46 -5.98
N ILE I 76 -19.51 3.75 -6.28
CA ILE I 76 -20.77 3.94 -5.59
C ILE I 76 -20.75 3.25 -4.23
N GLN I 77 -19.56 2.88 -3.76
CA GLN I 77 -19.38 2.22 -2.47
C GLN I 77 -18.17 2.84 -1.78
N ASP I 78 -18.41 3.41 -0.59
CA ASP I 78 -17.46 4.17 0.22
C ASP I 78 -17.39 5.62 -0.22
N ALA I 79 -16.67 6.45 0.55
CA ALA I 79 -16.60 7.88 0.28
C ALA I 79 -15.16 8.32 0.05
N ILE I 82 -12.33 9.66 -0.99
CA ILE I 82 -11.56 8.45 -1.19
C ILE I 82 -12.01 7.76 -2.47
N HIS I 83 -11.44 8.19 -3.60
CA HIS I 83 -11.78 7.62 -4.90
C HIS I 83 -10.54 7.71 -5.78
N TYR I 84 -9.89 6.57 -6.00
CA TYR I 84 -8.70 6.53 -6.85
C TYR I 84 -9.01 5.79 -8.14
N PRO I 85 -8.60 6.34 -9.29
CA PRO I 85 -8.99 5.75 -10.57
C PRO I 85 -8.36 4.38 -10.79
N GLU I 86 -9.07 3.54 -11.54
CA GLU I 86 -8.48 2.27 -11.96
C GLU I 86 -7.30 2.49 -12.88
N ASN I 87 -7.34 3.50 -13.74
CA ASN I 87 -6.19 3.79 -14.59
C ASN I 87 -6.19 5.26 -15.00
N GLU I 88 -5.09 5.95 -14.75
CA GLU I 88 -4.93 7.35 -15.10
C GLU I 88 -3.91 7.50 -16.21
N MET I 89 -4.20 8.36 -17.19
CA MET I 89 -3.35 8.56 -18.35
C MET I 89 -3.11 10.04 -18.57
N THR I 90 -1.84 10.43 -18.66
CA THR I 90 -1.46 11.81 -18.86
C THR I 90 -1.36 12.10 -20.36
N CYS I 91 -1.92 13.23 -20.78
CA CYS I 91 -1.93 13.61 -22.18
C CYS I 91 -1.04 14.82 -22.42
N ASN I 92 -0.70 15.02 -23.70
CA ASN I 92 0.16 16.14 -24.07
C ASN I 92 -0.58 17.48 -23.93
N SER I 93 -1.85 17.51 -24.36
CA SER I 93 -2.61 18.76 -24.39
C SER I 93 -3.96 18.56 -23.72
N LYS I 94 -4.69 19.67 -23.58
CA LYS I 94 -6.02 19.64 -23.00
C LYS I 94 -6.95 18.82 -23.87
N ILE I 95 -7.81 18.02 -23.23
CA ILE I 95 -8.66 17.07 -23.92
C ILE I 95 -10.06 17.64 -24.05
N SER I 96 -10.67 17.46 -25.22
CA SER I 96 -11.99 17.99 -25.52
C SER I 96 -13.09 16.93 -25.54
N CYS I 97 -12.78 15.69 -25.92
CA CYS I 97 -13.79 14.65 -26.00
C CYS I 97 -13.13 13.28 -25.98
N ILE I 98 -13.90 12.29 -25.55
CA ILE I 98 -13.48 10.89 -25.53
C ILE I 98 -14.66 10.04 -25.97
N SER I 99 -14.37 8.78 -26.31
CA SER I 99 -15.39 7.87 -26.79
C SER I 99 -14.85 6.44 -26.73
N TRP I 100 -15.56 5.57 -26.03
CA TRP I 100 -15.21 4.16 -25.99
C TRP I 100 -15.77 3.44 -27.21
N SER I 101 -15.07 2.38 -27.62
CA SER I 101 -15.53 1.56 -28.73
C SER I 101 -16.64 0.62 -28.29
N SER I 102 -17.64 0.45 -29.13
CA SER I 102 -18.75 -0.46 -28.85
C SER I 102 -18.42 -1.90 -29.16
N TYR I 103 -17.23 -2.18 -29.68
CA TYR I 103 -16.81 -3.54 -30.04
C TYR I 103 -15.70 -4.07 -29.13
N HIS I 104 -14.61 -3.33 -28.99
CA HIS I 104 -13.49 -3.76 -28.17
C HIS I 104 -13.55 -3.06 -26.82
N LYS I 105 -13.48 -3.85 -25.74
CA LYS I 105 -13.69 -3.33 -24.40
C LYS I 105 -12.61 -2.37 -23.93
N ASN I 106 -11.40 -2.47 -24.49
CA ASN I 106 -10.28 -1.67 -24.03
C ASN I 106 -9.96 -0.49 -24.95
N LEU I 107 -10.66 -0.35 -26.06
CA LEU I 107 -10.35 0.67 -27.05
C LEU I 107 -11.04 1.98 -26.67
N LEU I 108 -10.27 3.05 -26.53
CA LEU I 108 -10.80 4.36 -26.17
C LEU I 108 -10.10 5.43 -27.01
N ALA I 109 -10.87 6.38 -27.53
CA ALA I 109 -10.32 7.43 -28.38
C ALA I 109 -10.45 8.79 -27.68
N SER I 110 -9.49 9.67 -27.96
CA SER I 110 -9.48 11.00 -27.37
C SER I 110 -9.14 12.05 -28.42
N SER I 111 -9.67 13.25 -28.22
CA SER I 111 -9.33 14.42 -29.00
C SER I 111 -8.76 15.49 -28.08
N ASP I 112 -7.75 16.21 -28.55
CA ASP I 112 -7.11 17.25 -27.75
C ASP I 112 -6.97 18.53 -28.57
N TYR I 113 -6.56 19.60 -27.89
CA TYR I 113 -6.45 20.91 -28.53
C TYR I 113 -5.36 20.96 -29.59
N GLU I 114 -4.45 20.00 -29.63
CA GLU I 114 -3.46 19.92 -30.69
C GLU I 114 -4.06 19.49 -32.03
N GLY I 115 -5.33 19.10 -32.05
CA GLY I 115 -5.89 18.45 -33.22
C GLY I 115 -5.58 16.97 -33.31
N THR I 116 -4.97 16.40 -32.27
CA THR I 116 -4.59 15.00 -32.28
C THR I 116 -5.75 14.13 -31.81
N VAL I 117 -5.96 13.02 -32.51
CA VAL I 117 -6.93 12.01 -32.14
C VAL I 117 -6.15 10.75 -31.78
N ILE I 118 -6.13 10.41 -30.51
CA ILE I 118 -5.28 9.34 -29.98
C ILE I 118 -6.14 8.11 -29.69
N LEU I 119 -5.62 6.95 -30.05
CA LEU I 119 -6.23 5.66 -29.74
C LEU I 119 -5.45 5.03 -28.58
N TRP I 120 -6.16 4.75 -27.49
CA TRP I 120 -5.60 4.18 -26.27
C TRP I 120 -6.24 2.84 -25.95
N ASP I 121 -5.47 2.02 -25.24
CA ASP I 121 -6.02 0.94 -24.44
C ASP I 121 -6.28 1.51 -23.05
N GLY I 122 -7.56 1.74 -22.73
CA GLY I 122 -7.94 2.48 -21.55
C GLY I 122 -7.60 1.84 -20.21
N PHE I 123 -6.72 0.85 -20.22
CA PHE I 123 -6.32 0.18 -18.98
C PHE I 123 -4.80 0.09 -18.87
N THR I 124 -4.11 -0.07 -20.00
CA THR I 124 -2.65 -0.16 -19.98
C THR I 124 -1.97 1.17 -20.24
N GLY I 125 -2.64 2.11 -20.89
CA GLY I 125 -2.04 3.37 -21.23
C GLY I 125 -1.30 3.40 -22.56
N GLN I 126 -1.22 2.26 -23.24
CA GLN I 126 -0.51 2.21 -24.52
C GLN I 126 -1.29 2.95 -25.61
N ARG I 127 -0.56 3.54 -26.53
CA ARG I 127 -1.14 4.21 -27.70
C ARG I 127 -1.00 3.31 -28.91
N SER I 128 -2.14 2.88 -29.47
CA SER I 128 -2.12 2.07 -30.68
C SER I 128 -2.10 2.92 -31.93
N LYS I 129 -2.63 4.14 -31.88
CA LYS I 129 -2.62 5.06 -33.01
C LYS I 129 -2.55 6.48 -32.47
N VAL I 130 -1.88 7.35 -33.23
CA VAL I 130 -1.78 8.77 -32.93
C VAL I 130 -2.04 9.51 -34.24
N TYR I 131 -3.26 10.00 -34.42
CA TYR I 131 -3.65 10.69 -35.64
C TYR I 131 -3.39 12.18 -35.50
N GLN I 132 -2.52 12.73 -36.35
CA GLN I 132 -2.15 14.14 -36.30
C GLN I 132 -2.31 14.74 -37.71
N GLU I 133 -3.57 14.94 -38.11
CA GLU I 133 -3.88 15.60 -39.37
C GLU I 133 -4.62 16.92 -39.21
N HIS I 134 -5.43 17.07 -38.17
CA HIS I 134 -6.17 18.31 -37.97
C HIS I 134 -5.20 19.46 -37.68
N GLU I 135 -5.39 20.56 -38.40
CA GLU I 135 -4.48 21.71 -38.29
C GLU I 135 -4.82 22.64 -37.14
N LYS I 136 -5.97 22.47 -36.49
CA LYS I 136 -6.35 23.34 -35.38
C LYS I 136 -7.04 22.50 -34.32
N ARG I 137 -7.74 23.17 -33.41
CA ARG I 137 -8.28 22.54 -32.21
C ARG I 137 -9.37 21.52 -32.56
N CYS I 138 -9.26 20.33 -31.99
CA CYS I 138 -10.23 19.27 -32.18
C CYS I 138 -11.23 19.28 -31.03
N TRP I 139 -12.52 19.29 -31.36
CA TRP I 139 -13.57 19.38 -30.36
C TRP I 139 -14.25 18.05 -30.04
N SER I 140 -14.31 17.10 -30.97
CA SER I 140 -15.11 15.93 -30.72
C SER I 140 -14.64 14.74 -31.56
N VAL I 141 -14.79 13.55 -30.98
CA VAL I 141 -14.51 12.27 -31.64
C VAL I 141 -15.64 11.32 -31.29
N ASP I 142 -15.85 10.32 -32.16
CA ASP I 142 -16.87 9.32 -31.90
C ASP I 142 -16.57 8.06 -32.71
N PHE I 143 -16.85 6.91 -32.11
CA PHE I 143 -16.67 5.62 -32.76
C PHE I 143 -17.92 5.25 -33.56
N ASN I 144 -17.70 4.60 -34.70
CA ASN I 144 -18.82 4.08 -35.48
C ASN I 144 -19.48 2.94 -34.72
N LEU I 145 -20.79 3.03 -34.55
CA LEU I 145 -21.52 2.05 -33.76
C LEU I 145 -21.85 0.77 -34.54
N MET I 146 -21.67 0.78 -35.88
CA MET I 146 -21.94 -0.40 -36.68
C MET I 146 -20.78 -0.74 -37.62
N ASP I 147 -19.58 -0.24 -37.33
CA ASP I 147 -18.38 -0.64 -38.05
C ASP I 147 -17.22 -0.59 -37.07
N PRO I 148 -16.63 -1.74 -36.72
CA PRO I 148 -15.62 -1.76 -35.64
C PRO I 148 -14.30 -1.10 -36.01
N LYS I 149 -14.08 -0.76 -37.27
CA LYS I 149 -12.81 -0.19 -37.69
C LYS I 149 -12.86 1.32 -37.91
N LEU I 150 -14.05 1.91 -38.03
CA LEU I 150 -14.20 3.31 -38.40
C LEU I 150 -14.48 4.17 -37.16
N LEU I 151 -13.92 5.38 -37.19
CA LEU I 151 -14.26 6.43 -36.22
C LEU I 151 -14.19 7.76 -36.94
N ALA I 152 -14.64 8.81 -36.26
CA ALA I 152 -14.68 10.13 -36.88
C ALA I 152 -14.31 11.20 -35.87
N SER I 153 -13.75 12.30 -36.36
CA SER I 153 -13.39 13.44 -35.54
C SER I 153 -13.77 14.73 -36.28
N GLY I 154 -13.97 15.79 -35.51
CA GLY I 154 -14.24 17.09 -36.09
C GLY I 154 -13.36 18.14 -35.44
N SER I 155 -12.89 19.09 -36.26
CA SER I 155 -11.95 20.08 -35.73
C SER I 155 -12.33 21.48 -36.16
N ASP I 156 -11.70 22.46 -35.50
CA ASP I 156 -11.85 23.86 -35.88
C ASP I 156 -11.30 24.16 -37.27
N ASP I 157 -10.57 23.23 -37.87
CA ASP I 157 -10.08 23.36 -39.24
C ASP I 157 -11.21 23.22 -40.27
N ALA I 158 -12.47 23.26 -39.82
CA ALA I 158 -13.63 23.10 -40.68
C ALA I 158 -13.60 21.76 -41.43
N LYS I 159 -13.17 20.71 -40.72
CA LYS I 159 -13.07 19.39 -41.31
C LYS I 159 -13.60 18.33 -40.37
N VAL I 160 -14.27 17.34 -40.96
CA VAL I 160 -14.70 16.12 -40.30
C VAL I 160 -13.93 14.98 -40.94
N LYS I 161 -12.94 14.44 -40.22
CA LYS I 161 -12.07 13.41 -40.76
C LYS I 161 -12.50 12.03 -40.29
N LEU I 162 -12.47 11.08 -41.22
CA LEU I 162 -12.81 9.69 -40.96
C LEU I 162 -11.53 8.86 -40.85
N TRP I 163 -11.43 8.06 -39.80
CA TRP I 163 -10.25 7.27 -39.52
C TRP I 163 -10.60 5.79 -39.47
N SER I 164 -9.63 4.96 -39.86
CA SER I 164 -9.72 3.52 -39.71
C SER I 164 -8.62 3.05 -38.78
N THR I 165 -8.98 2.17 -37.84
CA THR I 165 -8.02 1.71 -36.85
C THR I 165 -6.88 0.89 -37.46
N ASN I 166 -7.09 0.34 -38.66
CA ASN I 166 -6.08 -0.46 -39.33
C ASN I 166 -5.26 0.35 -40.34
N LEU I 167 -5.43 1.67 -40.37
CA LEU I 167 -4.70 2.53 -41.28
C LEU I 167 -4.16 3.74 -40.53
N ASP I 168 -3.06 4.29 -41.03
CA ASP I 168 -2.35 5.37 -40.34
C ASP I 168 -2.87 6.76 -40.70
N ASN I 169 -3.55 6.91 -41.83
CA ASN I 169 -4.01 8.21 -42.29
C ASN I 169 -5.51 8.15 -42.57
N SER I 170 -6.09 9.34 -42.76
CA SER I 170 -7.53 9.45 -42.92
C SER I 170 -8.00 8.84 -44.24
N VAL I 171 -9.12 8.13 -44.18
CA VAL I 171 -9.69 7.51 -45.38
C VAL I 171 -10.59 8.46 -46.15
N ALA I 172 -11.17 9.46 -45.49
CA ALA I 172 -12.06 10.42 -46.13
C ALA I 172 -12.16 11.64 -45.24
N SER I 173 -12.52 12.77 -45.86
CA SER I 173 -12.64 14.04 -45.15
C SER I 173 -13.79 14.85 -45.72
N ILE I 174 -14.65 15.34 -44.83
CA ILE I 174 -15.73 16.25 -45.21
C ILE I 174 -15.30 17.68 -44.90
N GLU I 175 -15.40 18.55 -45.89
CA GLU I 175 -15.03 19.96 -45.76
C GLU I 175 -16.28 20.76 -45.44
N ALA I 176 -16.39 21.22 -44.19
CA ALA I 176 -17.52 22.02 -43.76
C ALA I 176 -17.28 23.50 -44.05
N LYS I 177 -18.32 24.31 -43.81
CA LYS I 177 -18.24 25.74 -44.07
C LYS I 177 -17.66 26.54 -42.92
N ALA I 178 -17.65 25.98 -41.72
CA ALA I 178 -17.10 26.67 -40.55
C ALA I 178 -16.60 25.63 -39.56
N ASN I 179 -16.36 26.06 -38.32
CA ASN I 179 -15.82 25.18 -37.31
C ASN I 179 -16.78 24.04 -37.02
N VAL I 180 -16.23 22.84 -36.83
CA VAL I 180 -17.01 21.67 -36.44
C VAL I 180 -16.86 21.47 -34.95
N CYS I 181 -17.98 21.45 -34.23
CA CYS I 181 -17.96 21.41 -32.77
C CYS I 181 -18.33 20.06 -32.17
N CYS I 182 -19.01 19.18 -32.92
CA CYS I 182 -19.41 17.90 -32.38
CA CYS I 182 -19.43 17.90 -32.38
C CYS I 182 -19.75 16.97 -33.54
N VAL I 183 -19.40 15.69 -33.38
CA VAL I 183 -19.67 14.66 -34.37
C VAL I 183 -20.34 13.49 -33.66
N LYS I 184 -21.11 12.72 -34.42
CA LYS I 184 -21.80 11.56 -33.87
C LYS I 184 -22.27 10.67 -35.02
N PHE I 185 -21.96 9.38 -34.92
CA PHE I 185 -22.49 8.40 -35.85
C PHE I 185 -23.92 8.03 -35.48
N SER I 186 -24.69 7.64 -36.49
CA SER I 186 -26.04 7.14 -36.24
C SER I 186 -25.98 5.77 -35.57
N PRO I 187 -26.87 5.49 -34.62
CA PRO I 187 -26.90 4.17 -34.00
C PRO I 187 -27.68 3.13 -34.79
N SER I 188 -28.24 3.51 -35.93
CA SER I 188 -29.00 2.59 -36.77
C SER I 188 -28.34 2.36 -38.12
N SER I 189 -27.17 2.93 -38.37
CA SER I 189 -26.49 2.75 -39.65
C SER I 189 -25.02 3.07 -39.49
N ARG I 190 -24.17 2.28 -40.15
CA ARG I 190 -22.73 2.53 -40.16
C ARG I 190 -22.33 3.59 -41.17
N TYR I 191 -23.26 4.07 -41.99
CA TYR I 191 -22.95 5.01 -43.07
C TYR I 191 -23.57 6.38 -42.87
N HIS I 192 -24.18 6.64 -41.71
CA HIS I 192 -24.85 7.90 -41.45
C HIS I 192 -24.15 8.62 -40.31
N LEU I 193 -23.87 9.91 -40.50
CA LEU I 193 -23.18 10.70 -39.48
C LEU I 193 -23.75 12.10 -39.45
N ALA I 194 -23.75 12.72 -38.26
CA ALA I 194 -24.21 14.09 -38.09
C ALA I 194 -23.18 14.86 -37.28
N PHE I 195 -23.01 16.14 -37.62
CA PHE I 195 -22.08 17.01 -36.89
C PHE I 195 -22.66 18.41 -36.80
N GLY I 196 -22.39 19.06 -35.66
CA GLY I 196 -22.80 20.43 -35.44
C GLY I 196 -21.68 21.39 -35.80
N CYS I 197 -22.03 22.43 -36.55
CA CYS I 197 -21.05 23.35 -37.11
C CYS I 197 -21.23 24.74 -36.53
N ALA I 198 -20.22 25.58 -36.72
CA ALA I 198 -20.27 26.97 -36.29
C ALA I 198 -21.21 27.81 -37.13
N ASP I 199 -21.82 27.23 -38.17
CA ASP I 199 -22.79 27.93 -39.01
C ASP I 199 -24.21 27.85 -38.46
N HIS I 200 -24.36 27.56 -37.17
CA HIS I 200 -25.65 27.51 -36.48
C HIS I 200 -26.55 26.39 -37.00
N CYS I 201 -26.00 25.40 -37.71
CA CYS I 201 -26.79 24.36 -38.33
C CYS I 201 -26.23 22.99 -37.98
N VAL I 202 -27.08 21.97 -38.12
CA VAL I 202 -26.69 20.59 -37.89
C VAL I 202 -26.63 19.90 -39.26
N HIS I 203 -25.48 19.36 -39.60
CA HIS I 203 -25.29 18.74 -40.91
C HIS I 203 -25.37 17.22 -40.79
N TYR I 204 -26.11 16.61 -41.71
CA TYR I 204 -26.39 15.17 -41.71
C TYR I 204 -25.96 14.60 -43.05
N TYR I 205 -25.00 13.68 -43.02
CA TYR I 205 -24.29 13.16 -44.18
C TYR I 205 -24.37 11.65 -44.26
N ASP I 206 -24.45 11.14 -45.49
CA ASP I 206 -24.23 9.73 -45.80
C ASP I 206 -22.82 9.62 -46.38
N LEU I 207 -21.91 9.00 -45.63
CA LEU I 207 -20.49 9.05 -45.97
C LEU I 207 -20.17 8.46 -47.34
N ARG I 208 -21.12 7.76 -47.97
CA ARG I 208 -20.88 7.27 -49.33
C ARG I 208 -20.67 8.44 -50.29
N ASN I 209 -21.38 9.55 -50.07
CA ASN I 209 -21.24 10.76 -50.88
C ASN I 209 -21.10 11.94 -49.93
N THR I 210 -19.99 12.66 -50.03
CA THR I 210 -19.69 13.77 -49.13
C THR I 210 -19.62 15.10 -49.87
N LYS I 211 -20.40 15.26 -50.93
CA LYS I 211 -20.23 16.44 -51.76
C LYS I 211 -21.07 17.68 -51.39
N GLN I 212 -22.41 17.69 -51.17
CA GLN I 212 -23.50 16.67 -51.06
C GLN I 212 -23.74 16.21 -49.62
N PRO I 213 -24.42 17.04 -48.84
CA PRO I 213 -25.03 16.56 -47.59
C PRO I 213 -26.43 16.04 -47.82
N ILE I 214 -26.87 15.18 -46.91
CA ILE I 214 -28.25 14.72 -46.95
C ILE I 214 -29.19 15.80 -46.44
N MET I 215 -28.91 16.35 -45.26
CA MET I 215 -29.79 17.36 -44.72
C MET I 215 -29.01 18.39 -43.91
N VAL I 216 -29.43 19.64 -44.00
CA VAL I 216 -28.90 20.72 -43.17
C VAL I 216 -30.06 21.27 -42.34
N PHE I 217 -29.87 21.30 -41.03
CA PHE I 217 -30.92 21.65 -40.08
C PHE I 217 -30.65 23.05 -39.54
N LYS I 218 -31.54 23.98 -39.85
CA LYS I 218 -31.45 25.38 -39.46
C LYS I 218 -32.47 25.68 -38.35
N GLY I 219 -32.11 26.63 -37.49
CA GLY I 219 -33.00 27.06 -36.43
C GLY I 219 -32.25 27.72 -35.29
N HIS I 220 -31.02 27.29 -35.07
CA HIS I 220 -30.20 27.88 -34.01
C HIS I 220 -29.63 29.21 -34.45
N ARG I 221 -29.41 30.10 -33.49
CA ARG I 221 -28.82 31.40 -33.75
C ARG I 221 -27.34 31.45 -33.41
N LYS I 222 -26.85 30.51 -32.61
CA LYS I 222 -25.44 30.38 -32.28
C LYS I 222 -24.96 29.00 -32.68
N ALA I 223 -23.64 28.81 -32.62
CA ALA I 223 -23.04 27.57 -33.09
C ALA I 223 -23.59 26.37 -32.32
N VAL I 224 -23.81 25.28 -33.05
CA VAL I 224 -24.35 24.06 -32.46
C VAL I 224 -23.24 23.37 -31.67
N SER I 225 -23.33 23.43 -30.34
CA SER I 225 -22.28 22.88 -29.50
C SER I 225 -22.36 21.37 -29.42
N TYR I 226 -23.57 20.81 -29.34
CA TYR I 226 -23.73 19.37 -29.20
C TYR I 226 -24.79 18.85 -30.17
N ALA I 227 -24.66 17.57 -30.51
CA ALA I 227 -25.59 16.92 -31.43
C ALA I 227 -25.52 15.42 -31.19
N LYS I 228 -26.55 14.86 -30.56
CA LYS I 228 -26.62 13.45 -30.25
C LYS I 228 -27.83 12.83 -30.95
N PHE I 229 -27.81 11.50 -31.04
CA PHE I 229 -28.90 10.73 -31.61
C PHE I 229 -29.79 10.21 -30.49
N VAL I 230 -31.03 10.69 -30.46
CA VAL I 230 -32.03 10.10 -29.56
C VAL I 230 -32.39 8.70 -30.02
N SER I 231 -32.46 8.50 -31.33
CA SER I 231 -32.70 7.20 -31.95
C SER I 231 -32.20 7.27 -33.38
N GLY I 232 -32.54 6.27 -34.18
CA GLY I 232 -32.24 6.34 -35.60
C GLY I 232 -33.14 7.26 -36.38
N GLU I 233 -34.12 7.90 -35.73
CA GLU I 233 -35.08 8.76 -36.39
C GLU I 233 -35.09 10.19 -35.89
N GLU I 234 -34.45 10.48 -34.75
CA GLU I 234 -34.49 11.81 -34.17
C GLU I 234 -33.10 12.21 -33.70
N ILE I 235 -32.81 13.50 -33.77
CA ILE I 235 -31.53 14.06 -33.33
C ILE I 235 -31.81 15.23 -32.40
N VAL I 236 -31.06 15.31 -31.31
CA VAL I 236 -31.15 16.42 -30.36
C VAL I 236 -29.88 17.25 -30.46
N SER I 237 -30.03 18.56 -30.60
CA SER I 237 -28.89 19.46 -30.71
C SER I 237 -28.95 20.51 -29.61
N ALA I 238 -27.79 21.01 -29.23
CA ALA I 238 -27.65 22.01 -28.17
C ALA I 238 -26.77 23.13 -28.67
N SER I 239 -27.27 24.37 -28.60
CA SER I 239 -26.46 25.50 -29.04
C SER I 239 -26.43 26.57 -27.96
N THR I 240 -25.50 27.52 -28.12
CA THR I 240 -25.33 28.60 -27.16
C THR I 240 -26.34 29.73 -27.33
N ASP I 241 -27.59 29.39 -27.60
CA ASP I 241 -28.71 30.33 -27.53
C ASP I 241 -29.69 29.90 -26.45
N SER I 242 -29.18 29.19 -25.43
CA SER I 242 -30.00 28.63 -24.36
C SER I 242 -31.10 27.74 -24.93
N GLN I 243 -30.77 26.98 -25.97
CA GLN I 243 -31.77 26.19 -26.67
C GLN I 243 -31.25 24.81 -27.02
N LEU I 244 -32.08 23.82 -26.68
CA LEU I 244 -32.03 22.49 -27.27
C LEU I 244 -33.06 22.43 -28.39
N LYS I 245 -32.81 21.57 -29.38
CA LYS I 245 -33.73 21.43 -30.50
C LYS I 245 -33.82 19.96 -30.89
N LEU I 246 -35.05 19.44 -30.92
CA LEU I 246 -35.33 18.08 -31.36
C LEU I 246 -35.80 18.12 -32.81
N TRP I 247 -35.05 17.42 -33.67
CA TRP I 247 -35.28 17.31 -35.09
C TRP I 247 -35.56 15.86 -35.48
N ASN I 248 -36.20 15.69 -36.63
CA ASN I 248 -36.35 14.39 -37.26
C ASN I 248 -35.49 14.34 -38.52
N VAL I 249 -35.14 13.13 -38.94
CA VAL I 249 -34.18 12.96 -40.03
C VAL I 249 -34.71 13.54 -41.34
N GLY I 250 -36.02 13.53 -41.52
CA GLY I 250 -36.61 13.96 -42.79
C GLY I 250 -36.94 15.43 -42.90
N LYS I 251 -37.24 16.08 -41.77
CA LYS I 251 -37.67 17.48 -41.80
C LYS I 251 -36.49 18.40 -41.56
N PRO I 252 -36.33 19.46 -42.38
CA PRO I 252 -35.19 20.37 -42.20
C PRO I 252 -35.35 21.38 -41.08
N TYR I 253 -36.52 21.44 -40.42
CA TYR I 253 -36.73 22.35 -39.30
C TYR I 253 -37.18 21.56 -38.08
N CYS I 254 -36.89 22.14 -36.91
CA CYS I 254 -36.99 21.40 -35.66
C CYS I 254 -38.43 20.98 -35.35
N LEU I 255 -38.55 19.79 -34.75
CA LEU I 255 -39.82 19.34 -34.20
C LEU I 255 -40.15 20.04 -32.88
N ARG I 256 -39.14 20.32 -32.05
CA ARG I 256 -39.47 20.95 -30.78
C ARG I 256 -38.24 21.69 -30.26
N SER I 257 -38.48 22.71 -29.44
CA SER I 257 -37.42 23.48 -28.81
C SER I 257 -37.51 23.32 -27.30
N PHE I 258 -36.42 22.88 -26.68
CA PHE I 258 -36.33 22.71 -25.24
C PHE I 258 -35.65 23.92 -24.64
N LYS I 259 -36.36 24.60 -23.74
CA LYS I 259 -35.90 25.82 -23.09
C LYS I 259 -36.03 25.67 -21.58
N GLY I 260 -35.28 26.50 -20.84
CA GLY I 260 -35.33 26.48 -19.40
C GLY I 260 -33.97 26.61 -18.75
N HIS I 261 -32.94 26.11 -19.44
CA HIS I 261 -31.57 26.19 -18.95
C HIS I 261 -30.88 27.43 -19.51
N ILE I 262 -29.73 27.75 -18.93
CA ILE I 262 -28.92 28.88 -19.34
C ILE I 262 -27.65 28.33 -19.97
N ASN I 263 -27.52 28.50 -21.29
CA ASN I 263 -26.33 28.04 -22.02
C ASN I 263 -26.13 29.01 -23.19
N GLU I 264 -25.36 30.07 -22.93
CA GLU I 264 -25.09 31.09 -23.93
C GLU I 264 -23.62 31.17 -24.33
N LYS I 265 -22.75 30.35 -23.76
CA LYS I 265 -21.32 30.51 -23.98
C LYS I 265 -20.58 29.17 -24.03
N ASN I 266 -20.70 28.37 -22.98
CA ASN I 266 -19.82 27.22 -22.76
C ASN I 266 -20.44 25.92 -23.28
N PHE I 267 -19.56 24.97 -23.60
CA PHE I 267 -19.96 23.58 -23.76
C PHE I 267 -20.45 23.05 -22.43
N VAL I 268 -21.76 22.87 -22.29
CA VAL I 268 -22.34 22.44 -21.02
C VAL I 268 -22.77 20.99 -21.02
N GLY I 269 -22.60 20.28 -22.13
CA GLY I 269 -22.90 18.86 -22.14
C GLY I 269 -24.32 18.57 -22.59
N LEU I 270 -24.47 17.43 -23.27
CA LEU I 270 -25.77 16.98 -23.75
C LEU I 270 -25.75 15.47 -23.83
N ALA I 271 -26.82 14.83 -23.37
CA ALA I 271 -26.91 13.37 -23.41
C ALA I 271 -28.36 12.97 -23.60
N SER I 272 -28.56 11.80 -24.21
CA SER I 272 -29.91 11.31 -24.50
C SER I 272 -29.95 9.80 -24.27
N ASN I 273 -30.98 9.35 -23.56
CA ASN I 273 -31.23 7.93 -23.34
C ASN I 273 -32.70 7.65 -23.64
N GLY I 274 -32.93 6.85 -24.69
CA GLY I 274 -34.29 6.47 -25.05
C GLY I 274 -35.19 7.65 -25.35
N ASP I 275 -35.95 8.08 -24.34
CA ASP I 275 -36.91 9.17 -24.49
C ASP I 275 -36.50 10.42 -23.71
N TYR I 276 -35.33 10.44 -23.08
CA TYR I 276 -34.99 11.51 -22.16
C TYR I 276 -33.72 12.23 -22.59
N ILE I 277 -33.72 13.55 -22.42
CA ILE I 277 -32.63 14.42 -22.83
C ILE I 277 -32.17 15.20 -21.61
N ALA I 278 -30.86 15.29 -21.41
CA ALA I 278 -30.30 15.99 -20.27
C ALA I 278 -29.19 16.91 -20.73
N CYS I 279 -29.11 18.10 -20.12
CA CYS I 279 -28.09 19.05 -20.50
C CYS I 279 -27.68 19.88 -19.29
N GLY I 280 -26.42 20.31 -19.29
CA GLY I 280 -25.92 21.18 -18.24
C GLY I 280 -26.40 22.60 -18.39
N SER I 281 -26.09 23.41 -17.38
CA SER I 281 -26.54 24.79 -17.36
C SER I 281 -25.51 25.64 -16.62
N GLU I 282 -25.57 26.95 -16.86
CA GLU I 282 -24.60 27.88 -16.31
C GLU I 282 -25.01 28.44 -14.96
N ASN I 283 -26.12 27.99 -14.39
CA ASN I 283 -26.40 28.20 -12.98
C ASN I 283 -25.89 27.04 -12.13
N ASN I 284 -24.84 26.36 -12.59
CA ASN I 284 -24.22 25.23 -11.89
C ASN I 284 -25.26 24.14 -11.61
N SER I 285 -26.05 23.81 -12.61
CA SER I 285 -27.16 22.88 -12.44
C SER I 285 -27.34 22.04 -13.70
N LEU I 286 -27.95 20.87 -13.51
CA LEU I 286 -28.28 19.94 -14.57
C LEU I 286 -29.79 19.91 -14.78
N TYR I 287 -30.22 19.94 -16.04
CA TYR I 287 -31.62 20.00 -16.40
C TYR I 287 -32.03 18.78 -17.21
N LEU I 288 -33.22 18.27 -16.91
CA LEU I 288 -33.77 17.09 -17.59
C LEU I 288 -35.04 17.45 -18.35
N TYR I 289 -35.23 16.81 -19.50
CA TYR I 289 -36.37 17.03 -20.37
C TYR I 289 -36.86 15.70 -20.90
N TYR I 290 -38.17 15.60 -21.09
CA TYR I 290 -38.77 14.53 -21.88
C TYR I 290 -38.84 14.99 -23.33
N LYS I 291 -38.34 14.15 -24.25
CA LYS I 291 -38.15 14.56 -25.64
C LYS I 291 -39.45 14.94 -26.34
N GLY I 292 -40.60 14.66 -25.75
CA GLY I 292 -41.86 15.01 -26.37
C GLY I 292 -42.57 16.17 -25.70
N LEU I 293 -41.83 16.94 -24.90
CA LEU I 293 -42.42 18.08 -24.20
C LEU I 293 -41.34 19.15 -24.00
N SER I 294 -41.76 20.41 -24.08
CA SER I 294 -40.83 21.53 -24.12
C SER I 294 -40.36 22.01 -22.75
N LYS I 295 -41.05 21.66 -21.67
CA LYS I 295 -40.73 22.19 -20.36
C LYS I 295 -39.83 21.25 -19.57
N THR I 296 -39.21 21.80 -18.53
CA THR I 296 -38.22 21.07 -17.75
C THR I 296 -38.90 20.00 -16.89
N LEU I 297 -38.34 18.79 -16.91
CA LEU I 297 -38.84 17.74 -16.03
C LEU I 297 -38.38 17.97 -14.60
N LEU I 298 -37.07 17.96 -14.36
CA LEU I 298 -36.52 18.29 -13.05
C LEU I 298 -35.12 18.83 -13.21
N THR I 299 -34.60 19.35 -12.09
CA THR I 299 -33.33 20.06 -12.03
C THR I 299 -32.54 19.58 -10.82
N PHE I 300 -31.23 19.42 -10.99
CA PHE I 300 -30.32 19.13 -9.89
C PHE I 300 -29.32 20.27 -9.76
N LYS I 301 -29.20 20.81 -8.55
CA LYS I 301 -28.32 21.94 -8.29
C LYS I 301 -27.03 21.44 -7.66
N PHE I 302 -25.91 21.63 -8.36
CA PHE I 302 -24.61 21.34 -7.79
C PHE I 302 -24.33 22.25 -6.60
N ASP I 303 -23.65 21.71 -5.60
CA ASP I 303 -23.09 22.56 -4.57
C ASP I 303 -21.86 23.30 -5.11
N THR I 304 -21.35 24.24 -4.31
CA THR I 304 -20.18 25.00 -4.72
C THR I 304 -19.42 25.41 -3.47
N VAL I 305 -18.10 25.47 -3.60
CA VAL I 305 -17.23 25.81 -2.48
C VAL I 305 -16.21 26.86 -2.89
N ASN I 319 -19.99 31.91 -12.04
CA ASN I 319 -19.28 31.60 -13.28
C ASN I 319 -19.07 30.09 -13.42
N GLU I 320 -19.65 29.32 -12.50
CA GLU I 320 -19.57 27.87 -12.54
C GLU I 320 -20.66 27.31 -13.45
N PHE I 321 -20.27 26.41 -14.34
CA PHE I 321 -21.20 25.80 -15.29
C PHE I 321 -20.99 24.30 -15.33
N VAL I 322 -22.09 23.54 -15.43
CA VAL I 322 -21.97 22.13 -15.69
C VAL I 322 -21.32 21.94 -17.06
N SER I 323 -20.45 20.94 -17.17
CA SER I 323 -19.60 20.82 -18.35
C SER I 323 -19.66 19.46 -19.05
N ALA I 324 -20.05 18.39 -18.38
CA ALA I 324 -20.11 17.10 -19.08
C ALA I 324 -21.13 16.19 -18.41
N VAL I 325 -21.92 15.50 -19.24
CA VAL I 325 -22.94 14.59 -18.75
C VAL I 325 -22.97 13.35 -19.64
N CYS I 326 -23.38 12.22 -19.06
CA CYS I 326 -23.46 10.98 -19.82
C CYS I 326 -24.42 10.02 -19.13
N TRP I 327 -25.23 9.33 -19.93
CA TRP I 327 -26.14 8.31 -19.41
C TRP I 327 -25.41 6.99 -19.22
N ARG I 328 -25.77 6.26 -18.16
CA ARG I 328 -25.38 4.86 -18.02
C ARG I 328 -26.42 4.03 -18.78
N ALA I 329 -26.31 4.06 -20.11
CA ALA I 329 -27.27 3.39 -20.98
C ALA I 329 -27.01 1.89 -20.96
N LEU I 330 -27.31 1.29 -19.81
CA LEU I 330 -27.15 -0.14 -19.61
C LEU I 330 -28.07 -0.89 -20.57
N PRO I 331 -27.53 -1.61 -21.55
CA PRO I 331 -28.39 -2.32 -22.50
C PRO I 331 -29.25 -3.35 -21.79
N ASP I 332 -30.54 -3.32 -22.12
CA ASP I 332 -31.55 -4.15 -21.46
C ASP I 332 -31.57 -3.86 -19.95
N GLY I 333 -32.11 -2.69 -19.64
CA GLY I 333 -32.19 -2.25 -18.27
C GLY I 333 -32.88 -0.91 -18.18
N GLU I 334 -32.87 -0.35 -16.98
CA GLU I 334 -33.51 0.93 -16.67
C GLU I 334 -32.44 2.01 -16.58
N SER I 335 -32.41 2.90 -17.56
CA SER I 335 -31.47 4.02 -17.56
C SER I 335 -31.87 5.03 -16.50
N ASN I 336 -31.74 4.66 -15.22
CA ASN I 336 -32.12 5.53 -14.11
C ASN I 336 -30.95 6.32 -13.53
N VAL I 337 -29.75 6.16 -14.08
CA VAL I 337 -28.55 6.72 -13.49
C VAL I 337 -27.71 7.35 -14.59
N LEU I 338 -27.06 8.47 -14.26
CA LEU I 338 -26.17 9.16 -15.18
C LEU I 338 -25.07 9.82 -14.37
N ILE I 339 -24.04 10.33 -15.05
CA ILE I 339 -22.92 10.99 -14.41
C ILE I 339 -22.77 12.38 -14.99
N ALA I 340 -22.61 13.38 -14.11
CA ALA I 340 -22.43 14.76 -14.51
C ALA I 340 -21.17 15.32 -13.86
N ALA I 341 -20.72 16.47 -14.38
CA ALA I 341 -19.51 17.11 -13.87
C ALA I 341 -19.50 18.57 -14.31
N ASN I 342 -19.23 19.46 -13.36
CA ASN I 342 -19.27 20.90 -13.61
C ASN I 342 -17.87 21.45 -13.80
N SER I 343 -17.78 22.78 -13.92
CA SER I 343 -16.50 23.43 -14.20
C SER I 343 -15.55 23.40 -13.01
N GLN I 344 -16.06 23.30 -11.79
CA GLN I 344 -15.22 23.19 -10.61
C GLN I 344 -14.44 21.87 -10.54
N GLY I 345 -14.69 20.95 -11.46
CA GLY I 345 -14.13 19.62 -11.38
C GLY I 345 -14.99 18.63 -10.64
N THR I 346 -16.10 19.09 -10.04
CA THR I 346 -16.97 18.20 -9.29
C THR I 346 -17.68 17.24 -10.24
N ILE I 347 -17.58 15.94 -9.92
CA ILE I 347 -18.22 14.88 -10.67
C ILE I 347 -19.17 14.14 -9.73
N LYS I 348 -20.41 13.97 -10.15
CA LYS I 348 -21.42 13.32 -9.35
C LYS I 348 -22.10 12.22 -10.16
N VAL I 349 -22.26 11.06 -9.54
CA VAL I 349 -23.15 10.02 -10.04
C VAL I 349 -24.53 10.30 -9.49
N LEU I 350 -25.51 10.45 -10.36
CA LEU I 350 -26.86 10.83 -9.99
C LEU I 350 -27.85 9.77 -10.44
N GLU I 351 -28.84 9.50 -9.59
CA GLU I 351 -29.86 8.48 -9.85
C GLU I 351 -31.24 9.11 -9.77
N LEU I 352 -32.09 8.78 -10.73
CA LEU I 352 -33.43 9.38 -10.82
C LEU I 352 -34.41 8.55 -10.01
N VAL I 353 -34.99 9.16 -8.98
CA VAL I 353 -35.98 8.49 -8.14
C VAL I 353 -37.38 9.00 -8.47
N SER J 1 -10.14 31.67 -22.83
CA SER J 1 -10.53 30.60 -21.92
C SER J 1 -10.89 29.33 -22.69
N ASP J 2 -11.13 28.25 -21.97
CA ASP J 2 -11.36 26.94 -22.56
C ASP J 2 -12.83 26.55 -22.51
N GLN J 3 -13.17 25.56 -23.33
CA GLN J 3 -14.53 25.03 -23.42
C GLN J 3 -15.55 26.14 -23.71
N ILE J 4 -15.19 27.02 -24.64
CA ILE J 4 -16.07 28.08 -25.11
C ILE J 4 -16.48 27.75 -26.53
N VAL J 5 -17.79 27.70 -26.77
CA VAL J 5 -18.29 27.34 -28.10
C VAL J 5 -17.93 28.43 -29.10
N PRO J 6 -17.33 28.10 -30.23
CA PRO J 6 -16.97 29.12 -31.22
C PRO J 6 -18.21 29.86 -31.71
N GLU J 7 -17.98 31.05 -32.27
CA GLU J 7 -19.04 31.89 -32.80
C GLU J 7 -18.76 32.24 -34.25
N TYR J 8 -19.80 32.19 -35.07
CA TYR J 8 -19.70 32.61 -36.46
C TYR J 8 -21.07 33.05 -36.97
N GLU K 13 3.08 35.11 9.47
CA GLU K 13 4.50 35.26 9.80
C GLU K 13 4.96 34.17 10.75
N PHE K 14 4.08 33.20 11.02
CA PHE K 14 4.41 32.13 11.94
C PHE K 14 5.39 31.14 11.31
N GLN K 15 5.18 30.79 10.05
CA GLN K 15 6.06 29.85 9.37
C GLN K 15 7.48 30.36 9.30
N GLU K 16 7.65 31.67 9.12
CA GLU K 16 8.99 32.25 9.11
C GLU K 16 9.65 32.16 10.47
N CYS K 17 8.87 32.40 11.53
CA CYS K 17 9.38 32.17 12.89
C CYS K 17 9.85 30.73 13.06
N LEU K 18 9.08 29.78 12.53
CA LEU K 18 9.47 28.37 12.61
C LEU K 18 10.77 28.11 11.88
N SER K 19 10.83 28.47 10.60
CA SER K 19 12.02 28.20 9.81
C SER K 19 13.26 28.89 10.37
N LYS K 20 13.09 30.07 10.96
CA LYS K 20 14.21 30.77 11.57
C LYS K 20 14.63 30.14 12.89
N PHE K 21 13.68 29.56 13.64
CA PHE K 21 14.04 28.94 14.91
C PHE K 21 14.74 27.61 14.72
N THR K 22 14.50 26.92 13.62
CA THR K 22 15.11 25.62 13.35
C THR K 22 16.26 25.71 12.36
N ARG K 23 16.73 26.91 12.04
CA ARG K 23 17.82 27.05 11.08
C ARG K 23 19.09 26.40 11.57
N TYR K 24 19.36 26.49 12.87
CA TYR K 24 20.54 25.89 13.47
C TYR K 24 20.13 24.85 14.50
N ASN K 25 20.89 23.75 14.55
CA ASN K 25 20.61 22.68 15.50
C ASN K 25 21.87 22.09 16.12
N SER K 26 23.06 22.47 15.68
CA SER K 26 24.31 21.94 16.21
C SER K 26 25.33 23.07 16.29
N VAL K 27 26.43 22.80 16.99
CA VAL K 27 27.51 23.77 17.18
C VAL K 27 28.83 23.04 17.02
N ARG K 28 29.73 23.63 16.23
CA ARG K 28 31.03 23.01 15.94
C ARG K 28 32.14 23.96 16.34
N PRO K 29 33.06 23.54 17.21
CA PRO K 29 34.18 24.41 17.59
C PRO K 29 35.24 24.48 16.50
N LEU K 30 35.74 25.68 16.25
CA LEU K 30 36.78 25.93 15.27
C LEU K 30 38.16 26.11 15.88
N ALA K 31 38.24 26.62 17.11
CA ALA K 31 39.52 26.88 17.75
C ALA K 31 39.31 27.01 19.25
N THR K 32 40.42 26.96 19.99
CA THR K 32 40.40 27.07 21.44
C THR K 32 41.65 27.81 21.89
N LEU K 33 41.47 28.86 22.68
CA LEU K 33 42.56 29.69 23.15
C LEU K 33 42.42 29.92 24.66
N SER K 34 43.48 30.45 25.25
CA SER K 34 43.51 30.76 26.67
C SER K 34 43.93 32.21 26.87
N TYR K 35 43.12 32.96 27.62
CA TYR K 35 43.44 34.35 27.93
C TYR K 35 44.61 34.50 28.89
N ALA K 36 45.00 33.43 29.57
CA ALA K 36 46.13 33.47 30.49
C ALA K 36 47.36 32.83 29.87
N LEU K 39 48.15 32.09 34.11
CA LEU K 39 49.22 32.82 34.79
C LEU K 39 49.07 32.77 36.31
N TYR K 40 49.89 31.91 36.93
CA TYR K 40 49.93 31.75 38.39
C TYR K 40 48.55 31.42 38.98
N ASN K 41 47.70 30.75 38.21
CA ASN K 41 46.38 30.32 38.64
C ASN K 41 45.50 31.49 39.06
N GLY K 42 45.80 32.70 38.58
CA GLY K 42 45.03 33.87 38.93
C GLY K 42 43.79 34.00 38.06
N SER K 43 42.99 35.03 38.36
CA SER K 43 41.77 35.27 37.62
C SER K 43 42.10 35.70 36.19
N SER K 44 41.40 35.10 35.23
CA SER K 44 41.58 35.40 33.82
C SER K 44 40.24 35.59 33.13
N ILE K 45 39.28 36.20 33.83
CA ILE K 45 37.96 36.42 33.27
C ILE K 45 38.05 37.35 32.08
N VAL K 46 37.45 36.94 30.96
CA VAL K 46 37.44 37.75 29.74
C VAL K 46 36.22 38.66 29.78
N SER K 47 36.47 39.98 29.78
CA SER K 47 35.39 40.94 29.92
C SER K 47 34.83 41.42 28.59
N SER K 48 35.61 41.36 27.50
CA SER K 48 35.15 41.92 26.25
C SER K 48 35.88 41.25 25.08
N ILE K 49 35.13 41.00 24.00
CA ILE K 49 35.64 40.46 22.75
C ILE K 49 35.02 41.27 21.62
N GLU K 50 35.85 41.83 20.74
CA GLU K 50 35.30 42.65 19.65
C GLU K 50 36.15 42.51 18.41
N PHE K 51 35.50 42.35 17.26
CA PHE K 51 36.16 42.28 15.97
C PHE K 51 36.43 43.68 15.42
N ASP K 52 37.43 43.78 14.55
CA ASP K 52 37.69 45.02 13.86
C ASP K 52 36.64 45.23 12.77
N ARG K 53 36.81 46.31 11.99
CA ARG K 53 35.81 46.67 11.00
C ARG K 53 35.72 45.63 9.88
N ASP K 54 36.83 44.96 9.55
CA ASP K 54 36.86 43.99 8.47
C ASP K 54 36.83 42.55 8.97
N CYS K 55 36.70 42.33 10.29
CA CYS K 55 36.66 41.00 10.89
C CYS K 55 37.93 40.19 10.64
N ASP K 56 39.01 40.85 10.22
CA ASP K 56 40.30 40.15 10.06
C ASP K 56 40.94 39.85 11.41
N TYR K 57 40.72 40.72 12.40
CA TYR K 57 41.30 40.57 13.72
C TYR K 57 40.21 40.72 14.77
N PHE K 58 40.39 40.04 15.90
CA PHE K 58 39.55 40.25 17.05
C PHE K 58 40.41 40.50 18.28
N ALA K 59 39.91 41.37 19.16
CA ALA K 59 40.60 41.78 20.36
C ALA K 59 39.85 41.24 21.58
N ILE K 60 40.63 40.87 22.59
CA ILE K 60 40.14 40.25 23.81
C ILE K 60 40.71 41.02 25.00
N ALA K 61 39.84 41.37 25.95
CA ALA K 61 40.25 42.12 27.12
C ALA K 61 39.54 41.58 28.36
N GLY K 62 40.22 41.67 29.49
CA GLY K 62 39.66 41.15 30.72
C GLY K 62 40.32 41.66 31.99
N VAL K 63 40.50 40.76 32.96
CA VAL K 63 40.99 41.15 34.29
C VAL K 63 42.51 41.05 34.42
N THR K 64 43.21 40.46 33.44
CA THR K 64 44.66 40.37 33.51
C THR K 64 45.35 41.66 33.03
N LYS K 65 44.57 42.72 32.78
CA LYS K 65 45.10 44.02 32.37
C LYS K 65 45.83 43.96 31.03
N LYS K 66 45.37 43.10 30.12
CA LYS K 66 46.01 42.95 28.83
C LYS K 66 44.97 42.87 27.73
N ILE K 67 45.19 43.62 26.64
CA ILE K 67 44.37 43.52 25.44
C ILE K 67 45.16 42.71 24.42
N LYS K 68 44.60 41.59 23.98
CA LYS K 68 45.27 40.69 23.05
C LYS K 68 44.53 40.70 21.71
N VAL K 69 45.24 41.05 20.65
CA VAL K 69 44.68 41.17 19.31
C VAL K 69 45.20 40.01 18.47
N TYR K 70 44.27 39.19 17.97
CA TYR K 70 44.55 37.99 17.21
C TYR K 70 44.05 38.14 15.77
N GLU K 71 44.77 37.50 14.84
CA GLU K 71 44.33 37.41 13.45
C GLU K 71 43.43 36.20 13.29
N TYR K 72 42.23 36.42 12.74
CA TYR K 72 41.21 35.37 12.73
C TYR K 72 41.66 34.14 11.94
N ASP K 73 42.16 34.34 10.72
CA ASP K 73 42.50 33.22 9.86
C ASP K 73 43.62 32.37 10.46
N THR K 74 44.57 32.99 11.15
CA THR K 74 45.65 32.23 11.76
C THR K 74 45.14 31.34 12.91
N VAL K 75 44.08 31.79 13.60
CA VAL K 75 43.62 31.06 14.78
C VAL K 75 42.95 29.75 14.40
N ILE K 76 42.08 29.79 13.39
CA ILE K 76 41.28 28.61 13.03
C ILE K 76 42.10 27.62 12.22
N GLN K 77 43.43 27.74 12.28
CA GLN K 77 44.33 26.85 11.58
C GLN K 77 45.47 26.49 12.52
N ASP K 78 45.63 25.18 12.77
CA ASP K 78 46.59 24.58 13.70
C ASP K 78 46.07 24.63 15.14
N ALA K 79 46.78 23.98 16.06
CA ALA K 79 46.36 23.88 17.45
C ALA K 79 47.40 24.47 18.39
N ILE K 82 48.84 26.18 20.88
CA ILE K 82 49.76 26.98 20.08
C ILE K 82 49.01 28.12 19.41
N HIS K 83 48.84 29.22 20.16
CA HIS K 83 48.16 30.41 19.64
C HIS K 83 48.77 31.63 20.31
N TYR K 84 49.46 32.45 19.53
CA TYR K 84 50.10 33.65 20.05
C TYR K 84 49.51 34.90 19.37
N PRO K 85 49.25 35.96 20.14
CA PRO K 85 48.54 37.11 19.59
C PRO K 85 49.36 37.83 18.53
N GLU K 86 48.64 38.39 17.54
CA GLU K 86 49.28 39.28 16.59
C GLU K 86 49.85 40.51 17.27
N ASN K 87 49.18 41.02 18.30
CA ASN K 87 49.74 42.11 19.08
C ASN K 87 49.12 42.14 20.47
N GLU K 88 49.97 42.26 21.49
CA GLU K 88 49.51 42.25 22.87
C GLU K 88 49.91 43.56 23.54
N MET K 89 48.96 44.17 24.24
CA MET K 89 49.16 45.46 24.89
C MET K 89 48.90 45.31 26.39
N THR K 90 49.87 45.71 27.20
CA THR K 90 49.73 45.69 28.65
C THR K 90 49.15 47.01 29.12
N CYS K 91 48.15 46.95 30.00
CA CYS K 91 47.47 48.13 30.51
C CYS K 91 47.77 48.31 31.99
N ASN K 92 47.36 49.46 32.52
CA ASN K 92 47.60 49.78 33.92
C ASN K 92 46.62 49.08 34.84
N SER K 93 45.37 48.91 34.41
CA SER K 93 44.32 48.39 35.27
C SER K 93 43.51 47.35 34.52
N LYS K 94 42.62 46.69 35.27
CA LYS K 94 41.75 45.67 34.70
C LYS K 94 40.77 46.30 33.71
N ILE K 95 40.55 45.62 32.60
CA ILE K 95 39.75 46.16 31.50
C ILE K 95 38.35 45.58 31.57
N SER K 96 37.35 46.43 31.32
CA SER K 96 35.96 46.00 31.34
C SER K 96 35.31 45.97 29.97
N CYS K 97 35.83 46.71 29.00
CA CYS K 97 35.21 46.78 27.68
C CYS K 97 36.21 47.29 26.66
N ILE K 98 36.01 46.88 25.41
CA ILE K 98 36.76 47.37 24.27
C ILE K 98 35.81 47.55 23.10
N SER K 99 36.26 48.29 22.09
CA SER K 99 35.43 48.56 20.92
C SER K 99 36.31 49.00 19.77
N TRP K 100 36.13 48.38 18.61
CA TRP K 100 36.84 48.77 17.40
C TRP K 100 36.06 49.85 16.66
N SER K 101 36.79 50.71 15.96
CA SER K 101 36.17 51.75 15.16
C SER K 101 35.66 51.17 13.84
N SER K 102 34.46 51.59 13.46
CA SER K 102 33.88 51.19 12.18
C SER K 102 34.42 51.99 11.01
N TYR K 103 35.25 53.00 11.27
CA TYR K 103 35.84 53.83 10.22
C TYR K 103 37.33 53.58 10.04
N HIS K 104 38.10 53.57 11.12
CA HIS K 104 39.54 53.36 11.06
C HIS K 104 39.84 51.95 11.53
N LYS K 105 40.48 51.16 10.65
CA LYS K 105 40.68 49.74 10.91
C LYS K 105 41.61 49.46 12.08
N ASN K 106 42.43 50.44 12.48
CA ASN K 106 43.39 50.25 13.55
C ASN K 106 42.97 50.89 14.86
N LEU K 107 41.83 51.60 14.88
CA LEU K 107 41.42 52.35 16.06
C LEU K 107 40.61 51.43 16.97
N LEU K 108 41.07 51.28 18.22
CA LEU K 108 40.43 50.38 19.18
C LEU K 108 40.45 51.03 20.55
N ALA K 109 39.27 51.27 21.12
CA ALA K 109 39.16 51.90 22.43
C ALA K 109 39.06 50.85 23.53
N SER K 110 39.27 51.30 24.77
CA SER K 110 39.18 50.42 25.92
C SER K 110 38.84 51.22 27.17
N SER K 111 38.08 50.60 28.06
CA SER K 111 37.72 51.16 29.35
C SER K 111 38.21 50.24 30.46
N ASP K 112 38.68 50.83 31.56
CA ASP K 112 39.26 50.08 32.65
C ASP K 112 38.66 50.53 33.98
N TYR K 113 39.12 49.92 35.07
CA TYR K 113 38.54 50.17 36.39
C TYR K 113 38.96 51.52 36.96
N GLU K 114 39.98 52.16 36.40
CA GLU K 114 40.33 53.50 36.84
C GLU K 114 39.33 54.54 36.39
N GLY K 115 38.45 54.20 35.45
CA GLY K 115 37.63 55.17 34.77
C GLY K 115 38.26 55.75 33.53
N THR K 116 39.40 55.21 33.10
CA THR K 116 40.12 55.75 31.96
C THR K 116 39.57 55.17 30.66
N VAL K 117 39.43 56.04 29.66
CA VAL K 117 39.01 55.66 28.33
C VAL K 117 40.20 55.88 27.40
N ILE K 118 40.84 54.80 26.99
CA ILE K 118 42.08 54.87 26.23
C ILE K 118 41.78 54.55 24.77
N LEU K 119 42.31 55.38 23.86
CA LEU K 119 42.24 55.14 22.43
C LEU K 119 43.56 54.55 21.96
N TRP K 120 43.50 53.37 21.37
CA TRP K 120 44.68 52.63 20.93
C TRP K 120 44.72 52.51 19.42
N ASP K 121 45.93 52.47 18.89
CA ASP K 121 46.18 51.83 17.60
C ASP K 121 46.38 50.35 17.90
N GLY K 122 45.33 49.56 17.70
CA GLY K 122 45.31 48.17 18.12
C GLY K 122 46.38 47.28 17.49
N PHE K 123 47.31 47.90 16.77
CA PHE K 123 48.40 47.19 16.11
C PHE K 123 49.77 47.65 16.59
N THR K 124 50.01 48.96 16.62
CA THR K 124 51.26 49.47 17.15
C THR K 124 51.29 49.52 18.66
N GLY K 125 50.13 49.50 19.31
CA GLY K 125 50.05 49.72 20.74
C GLY K 125 50.12 51.17 21.16
N GLN K 126 50.16 52.10 20.20
CA GLN K 126 50.27 53.52 20.53
C GLN K 126 48.97 54.05 21.09
N ARG K 127 49.09 54.94 22.07
CA ARG K 127 47.93 55.63 22.65
C ARG K 127 47.83 57.03 22.05
N SER K 128 46.72 57.30 21.38
CA SER K 128 46.50 58.62 20.81
C SER K 128 45.73 59.55 21.75
N LYS K 129 44.88 58.98 22.61
CA LYS K 129 44.12 59.78 23.56
C LYS K 129 43.94 58.97 24.85
N VAL K 130 44.07 59.65 25.97
CA VAL K 130 43.86 59.06 27.30
C VAL K 130 42.85 59.95 28.01
N TYR K 131 41.60 59.53 28.03
CA TYR K 131 40.51 60.30 28.63
C TYR K 131 40.37 59.91 30.10
N GLN K 132 40.74 60.82 30.99
CA GLN K 132 40.68 60.60 32.44
C GLN K 132 39.74 61.63 33.05
N GLU K 133 38.45 61.34 32.98
CA GLU K 133 37.43 62.18 33.63
C GLU K 133 36.44 61.40 34.48
N HIS K 134 36.33 60.08 34.30
CA HIS K 134 35.40 59.29 35.10
C HIS K 134 35.97 59.10 36.50
N GLU K 135 35.18 59.47 37.51
CA GLU K 135 35.64 59.43 38.89
C GLU K 135 35.68 58.03 39.49
N LYS K 136 35.05 57.05 38.84
CA LYS K 136 35.01 55.69 39.36
C LYS K 136 35.15 54.71 38.20
N ARG K 137 34.90 53.43 38.49
CA ARG K 137 35.13 52.37 37.51
C ARG K 137 34.25 52.54 36.29
N CYS K 138 34.86 52.43 35.11
CA CYS K 138 34.16 52.53 33.83
C CYS K 138 33.80 51.12 33.34
N TRP K 139 32.54 50.93 32.97
CA TRP K 139 32.06 49.61 32.56
C TRP K 139 31.99 49.41 31.05
N SER K 140 31.83 50.48 30.27
CA SER K 140 31.56 50.28 28.85
C SER K 140 31.99 51.48 28.03
N VAL K 141 32.48 51.19 26.81
CA VAL K 141 32.80 52.17 25.79
C VAL K 141 32.19 51.70 24.48
N ASP K 142 31.95 52.64 23.57
CA ASP K 142 31.43 52.29 22.26
C ASP K 142 31.64 53.44 21.29
N PHE K 143 32.09 53.12 20.07
CA PHE K 143 32.26 54.12 19.03
C PHE K 143 30.94 54.41 18.35
N ASN K 144 30.76 55.67 17.95
CA ASN K 144 29.59 56.04 17.17
C ASN K 144 29.65 55.36 15.80
N LEU K 145 28.55 54.73 15.41
CA LEU K 145 28.51 53.99 14.17
C LEU K 145 28.20 54.86 12.95
N MET K 146 27.84 56.13 13.16
CA MET K 146 27.58 57.05 12.06
C MET K 146 28.33 58.38 12.20
N ASP K 147 29.30 58.45 13.11
CA ASP K 147 30.14 59.63 13.25
C ASP K 147 31.56 59.17 13.60
N PRO K 148 32.53 59.38 12.72
CA PRO K 148 33.87 58.81 12.94
C PRO K 148 34.61 59.43 14.12
N LYS K 149 34.20 60.61 14.59
CA LYS K 149 34.91 61.29 15.67
C LYS K 149 34.35 60.98 17.05
N LEU K 150 33.10 60.55 17.14
CA LEU K 150 32.43 60.43 18.43
C LEU K 150 32.54 59.02 18.99
N LEU K 151 32.70 58.95 20.32
CA LEU K 151 32.55 57.71 21.06
C LEU K 151 31.96 58.05 22.42
N ALA K 152 31.64 57.03 23.20
CA ALA K 152 30.99 57.25 24.48
C ALA K 152 31.45 56.20 25.49
N SER K 153 31.34 56.57 26.77
CA SER K 153 31.65 55.67 27.85
C SER K 153 30.67 55.89 29.00
N GLY K 154 30.48 54.85 29.81
CA GLY K 154 29.62 54.96 30.98
C GLY K 154 30.33 54.41 32.20
N SER K 155 30.18 55.12 33.32
CA SER K 155 30.94 54.75 34.51
C SER K 155 30.03 54.64 35.73
N ASP K 156 30.60 54.08 36.80
CA ASP K 156 29.92 53.99 38.10
C ASP K 156 29.67 55.37 38.72
N ASP K 157 30.27 56.42 38.19
CA ASP K 157 30.03 57.78 38.65
C ASP K 157 28.67 58.33 38.22
N ALA K 158 27.77 57.46 37.78
CA ALA K 158 26.46 57.84 37.29
C ALA K 158 26.55 58.83 36.14
N LYS K 159 27.45 58.55 35.20
CA LYS K 159 27.70 59.45 34.08
C LYS K 159 27.94 58.68 32.80
N VAL K 160 27.39 59.22 31.70
CA VAL K 160 27.67 58.77 30.35
C VAL K 160 28.37 59.93 29.64
N LYS K 161 29.67 59.79 29.41
CA LYS K 161 30.48 60.87 28.84
C LYS K 161 30.72 60.63 27.36
N LEU K 162 30.66 61.71 26.58
CA LEU K 162 30.87 61.69 25.15
C LEU K 162 32.26 62.26 24.84
N TRP K 163 32.97 61.60 23.93
CA TRP K 163 34.32 61.99 23.57
C TRP K 163 34.45 62.18 22.06
N SER K 164 35.26 63.15 21.67
CA SER K 164 35.66 63.34 20.29
C SER K 164 37.15 63.08 20.16
N THR K 165 37.53 62.36 19.10
CA THR K 165 38.91 61.94 18.95
C THR K 165 39.86 63.11 18.68
N ASN K 166 39.35 64.25 18.25
CA ASN K 166 40.16 65.42 17.95
C ASN K 166 40.21 66.40 19.12
N LEU K 167 39.72 66.01 20.30
CA LEU K 167 39.70 66.89 21.46
C LEU K 167 40.16 66.11 22.68
N ASP K 168 40.64 66.84 23.68
CA ASP K 168 41.21 66.22 24.88
C ASP K 168 40.21 66.04 26.00
N ASN K 169 39.15 66.84 26.05
CA ASN K 169 38.15 66.77 27.11
C ASN K 169 36.79 66.43 26.52
N SER K 170 35.92 65.90 27.37
CA SER K 170 34.61 65.42 26.94
C SER K 170 33.79 66.55 26.35
N VAL K 171 32.99 66.23 25.32
CA VAL K 171 32.17 67.24 24.66
C VAL K 171 30.77 67.33 25.26
N ALA K 172 30.34 66.34 26.03
CA ALA K 172 29.04 66.34 26.67
C ALA K 172 29.01 65.20 27.68
N SER K 173 28.04 65.27 28.60
CA SER K 173 27.88 64.25 29.62
C SER K 173 26.42 64.20 30.05
N ILE K 174 25.86 62.99 30.09
CA ILE K 174 24.51 62.75 30.57
C ILE K 174 24.61 62.22 31.99
N GLU K 175 23.83 62.82 32.89
CA GLU K 175 23.83 62.47 34.31
C GLU K 175 22.68 61.50 34.57
N ALA K 176 23.01 60.23 34.73
CA ALA K 176 22.00 59.23 35.06
C ALA K 176 21.71 59.25 36.56
N LYS K 177 20.72 58.44 36.97
CA LYS K 177 20.32 58.39 38.37
C LYS K 177 21.20 57.48 39.20
N ALA K 178 21.91 56.54 38.58
CA ALA K 178 22.75 55.59 39.30
C ALA K 178 23.85 55.11 38.35
N ASN K 179 24.49 54.00 38.72
CA ASN K 179 25.62 53.48 37.95
C ASN K 179 25.18 53.12 36.53
N VAL K 180 26.07 53.38 35.58
CA VAL K 180 25.85 53.02 34.18
C VAL K 180 26.74 51.82 33.86
N CYS K 181 26.12 50.72 33.43
CA CYS K 181 26.85 49.47 33.23
C CYS K 181 27.17 49.19 31.77
N CYS K 182 26.42 49.74 30.83
CA CYS K 182 26.65 49.47 29.42
CA CYS K 182 26.63 49.46 29.42
C CYS K 182 26.12 50.62 28.58
N VAL K 183 26.82 50.93 27.50
CA VAL K 183 26.42 51.97 26.56
C VAL K 183 26.51 51.41 25.15
N LYS K 184 25.71 51.97 24.25
CA LYS K 184 25.70 51.50 22.86
C LYS K 184 25.08 52.57 21.98
N PHE K 185 25.75 52.88 20.88
CA PHE K 185 25.23 53.80 19.88
C PHE K 185 24.23 53.08 18.98
N SER K 186 23.30 53.85 18.43
CA SER K 186 22.37 53.29 17.46
C SER K 186 23.09 53.03 16.14
N PRO K 187 22.85 51.89 15.50
CA PRO K 187 23.43 51.65 14.17
C PRO K 187 22.69 52.35 13.04
N SER K 188 21.59 53.04 13.35
CA SER K 188 20.80 53.75 12.35
C SER K 188 20.84 55.26 12.54
N SER K 189 21.60 55.76 13.51
CA SER K 189 21.66 57.20 13.76
C SER K 189 22.91 57.51 14.56
N ARG K 190 23.57 58.61 14.18
CA ARG K 190 24.69 59.13 14.96
C ARG K 190 24.24 59.92 16.17
N TYR K 191 22.94 60.16 16.32
CA TYR K 191 22.41 61.01 17.38
C TYR K 191 21.61 60.24 18.42
N HIS K 192 21.55 58.91 18.33
CA HIS K 192 20.76 58.10 19.25
C HIS K 192 21.69 57.19 20.05
N LEU K 193 21.45 57.09 21.35
CA LEU K 193 22.27 56.26 22.23
C LEU K 193 21.39 55.61 23.27
N ALA K 194 21.77 54.40 23.68
CA ALA K 194 21.06 53.67 24.73
C ALA K 194 22.07 53.15 25.74
N PHE K 195 21.71 53.21 27.03
CA PHE K 195 22.59 52.71 28.07
C PHE K 195 21.77 52.04 29.16
N GLY K 196 22.31 50.95 29.71
CA GLY K 196 21.69 50.28 30.83
C GLY K 196 22.23 50.83 32.13
N CYS K 197 21.32 51.12 33.06
CA CYS K 197 21.66 51.75 34.32
C CYS K 197 21.35 50.81 35.48
N ALA K 198 21.99 51.08 36.62
CA ALA K 198 21.76 50.29 37.83
C ALA K 198 20.35 50.47 38.38
N ASP K 199 19.55 51.37 37.80
CA ASP K 199 18.18 51.60 38.22
C ASP K 199 17.20 50.59 37.63
N HIS K 200 17.70 49.46 37.11
CA HIS K 200 16.90 48.40 36.52
C HIS K 200 16.21 48.81 35.23
N CYS K 201 16.62 49.92 34.62
CA CYS K 201 15.97 50.45 33.44
C CYS K 201 16.97 50.62 32.30
N VAL K 202 16.43 50.75 31.09
CA VAL K 202 17.25 51.02 29.90
C VAL K 202 16.90 52.41 29.40
N HIS K 203 17.87 53.31 29.39
CA HIS K 203 17.62 54.70 29.02
C HIS K 203 18.02 54.93 27.57
N TYR K 204 17.15 55.64 26.84
CA TYR K 204 17.29 55.87 25.41
C TYR K 204 17.23 57.37 25.16
N TYR K 205 18.30 57.92 24.59
CA TYR K 205 18.56 59.34 24.53
C TYR K 205 18.87 59.78 23.11
N ASP K 206 18.54 61.04 22.82
CA ASP K 206 18.93 61.72 21.59
C ASP K 206 19.91 62.83 21.99
N LEU K 207 21.19 62.63 21.69
CA LEU K 207 22.25 63.48 22.24
C LEU K 207 22.09 64.96 21.90
N ARG K 208 21.17 65.32 21.01
CA ARG K 208 20.88 66.74 20.77
C ARG K 208 20.32 67.39 22.04
N ASN K 209 19.49 66.66 22.78
CA ASN K 209 18.94 67.14 24.05
C ASN K 209 19.13 66.03 25.08
N THR K 210 19.80 66.37 26.17
CA THR K 210 20.14 65.40 27.21
C THR K 210 19.52 65.79 28.55
N LYS K 211 18.25 66.19 28.55
CA LYS K 211 17.68 66.75 29.78
C LYS K 211 16.73 65.83 30.58
N GLN K 212 15.69 65.13 30.07
CA GLN K 212 15.15 64.84 28.72
C GLN K 212 15.76 63.59 28.07
N PRO K 213 15.32 62.42 28.51
CA PRO K 213 15.52 61.20 27.73
C PRO K 213 14.36 60.97 26.78
N ILE K 214 14.61 60.19 25.73
CA ILE K 214 13.54 59.83 24.82
C ILE K 214 12.66 58.74 25.43
N MET K 215 13.27 57.66 25.90
CA MET K 215 12.49 56.55 26.44
C MET K 215 13.21 55.92 27.64
N VAL K 216 12.44 55.59 28.67
CA VAL K 216 12.96 54.85 29.83
C VAL K 216 12.23 53.52 29.86
N PHE K 217 12.96 52.44 29.59
CA PHE K 217 12.39 51.10 29.51
C PHE K 217 12.45 50.45 30.88
N LYS K 218 11.29 50.12 31.44
CA LYS K 218 11.14 49.50 32.74
C LYS K 218 10.68 48.06 32.57
N GLY K 219 11.10 47.20 33.50
CA GLY K 219 10.70 45.81 33.49
C GLY K 219 11.63 44.90 34.28
N HIS K 220 12.92 45.16 34.19
CA HIS K 220 13.90 44.32 34.87
C HIS K 220 13.83 44.54 36.38
N ARG K 221 14.23 43.50 37.13
CA ARG K 221 14.26 43.58 38.59
C ARG K 221 15.66 43.82 39.14
N LYS K 222 16.70 43.61 38.34
CA LYS K 222 18.08 43.87 38.73
C LYS K 222 18.71 44.80 37.70
N ALA K 223 19.92 45.26 38.02
CA ALA K 223 20.60 46.23 37.17
C ALA K 223 20.83 45.68 35.77
N VAL K 224 20.68 46.55 34.77
CA VAL K 224 20.84 46.16 33.38
C VAL K 224 22.34 46.03 33.09
N SER K 225 22.81 44.78 32.98
CA SER K 225 24.21 44.54 32.70
C SER K 225 24.56 44.84 31.25
N TYR K 226 23.71 44.43 30.31
CA TYR K 226 24.00 44.59 28.89
C TYR K 226 22.81 45.16 28.15
N ALA K 227 23.10 45.86 27.05
CA ALA K 227 22.07 46.45 26.21
C ALA K 227 22.68 46.68 24.83
N LYS K 228 22.24 45.89 23.85
CA LYS K 228 22.68 46.00 22.47
C LYS K 228 21.51 46.35 21.57
N PHE K 229 21.83 46.73 20.34
CA PHE K 229 20.82 47.03 19.32
C PHE K 229 20.67 45.82 18.40
N VAL K 230 19.51 45.16 18.48
CA VAL K 230 19.17 44.14 17.49
C VAL K 230 19.05 44.79 16.10
N SER K 231 18.49 46.00 16.06
CA SER K 231 18.37 46.79 14.85
C SER K 231 18.13 48.23 15.28
N GLY K 232 17.85 49.11 14.30
CA GLY K 232 17.47 50.47 14.63
C GLY K 232 16.12 50.59 15.29
N GLU K 233 15.35 49.51 15.34
CA GLU K 233 14.01 49.51 15.92
C GLU K 233 13.88 48.68 17.18
N GLU K 234 14.87 47.82 17.50
CA GLU K 234 14.76 46.90 18.61
C GLU K 234 16.04 46.89 19.42
N ILE K 235 15.88 46.81 20.75
CA ILE K 235 17.00 46.79 21.69
C ILE K 235 16.86 45.54 22.55
N VAL K 236 17.95 44.78 22.69
CA VAL K 236 17.98 43.62 23.58
C VAL K 236 18.77 43.98 24.82
N SER K 237 18.27 43.58 25.99
CA SER K 237 18.92 43.87 27.25
C SER K 237 19.09 42.59 28.05
N ALA K 238 20.10 42.58 28.91
CA ALA K 238 20.44 41.43 29.74
C ALA K 238 20.64 41.93 31.16
N SER K 239 19.90 41.37 32.11
CA SER K 239 20.06 41.78 33.49
C SER K 239 20.26 40.56 34.39
N THR K 240 20.69 40.82 35.64
CA THR K 240 20.98 39.77 36.61
C THR K 240 19.73 39.23 37.30
N ASP K 241 18.62 39.13 36.57
CA ASP K 241 17.45 38.39 37.01
C ASP K 241 17.21 37.18 36.12
N SER K 242 18.28 36.64 35.52
CA SER K 242 18.21 35.54 34.58
C SER K 242 17.24 35.86 33.44
N GLN K 243 17.32 37.09 32.94
CA GLN K 243 16.35 37.55 31.96
C GLN K 243 17.02 38.40 30.87
N LEU K 244 16.71 38.04 29.63
CA LEU K 244 16.90 38.92 28.49
C LEU K 244 15.55 39.55 28.15
N LYS K 245 15.56 40.79 27.69
CA LYS K 245 14.32 41.49 27.35
C LYS K 245 14.47 42.18 26.01
N LEU K 246 13.47 42.01 25.16
CA LEU K 246 13.42 42.64 23.85
C LEU K 246 12.48 43.85 23.90
N TRP K 247 12.97 44.98 23.41
CA TRP K 247 12.24 46.24 23.48
C TRP K 247 12.14 46.86 22.08
N ASN K 248 11.05 47.59 21.86
CA ASN K 248 10.94 48.46 20.71
C ASN K 248 11.21 49.89 21.14
N VAL K 249 11.73 50.69 20.20
CA VAL K 249 12.14 52.06 20.53
C VAL K 249 10.96 52.88 21.03
N GLY K 250 9.76 52.61 20.52
CA GLY K 250 8.59 53.39 20.89
C GLY K 250 7.84 52.89 22.11
N LYS K 251 7.86 51.56 22.34
CA LYS K 251 7.05 51.14 23.47
C LYS K 251 7.87 51.14 24.76
N PRO K 252 7.30 51.62 25.87
CA PRO K 252 8.05 51.68 27.13
C PRO K 252 8.20 50.35 27.84
N TYR K 253 7.40 49.34 27.48
CA TYR K 253 7.49 48.03 28.10
C TYR K 253 7.87 46.99 27.05
N CYS K 254 8.54 45.93 27.50
CA CYS K 254 9.21 45.01 26.60
C CYS K 254 8.22 44.26 25.71
N LEU K 255 8.78 43.68 24.64
CA LEU K 255 8.02 42.89 23.68
C LEU K 255 8.06 41.39 23.97
N ARG K 256 9.14 40.90 24.57
CA ARG K 256 9.32 39.48 24.81
C ARG K 256 10.43 39.28 25.81
N SER K 257 10.27 38.28 26.68
CA SER K 257 11.27 37.93 27.69
C SER K 257 11.91 36.60 27.32
N PHE K 258 13.23 36.57 27.27
CA PHE K 258 13.99 35.36 27.00
C PHE K 258 14.52 34.79 28.32
N LYS K 259 14.10 33.58 28.64
CA LYS K 259 14.48 32.86 29.84
C LYS K 259 15.10 31.52 29.46
N GLY K 260 15.80 30.91 30.41
CA GLY K 260 16.39 29.61 30.19
C GLY K 260 17.81 29.50 30.70
N HIS K 261 18.49 30.63 30.79
CA HIS K 261 19.86 30.70 31.28
C HIS K 261 19.88 31.16 32.74
N ILE K 262 21.04 31.00 33.36
CA ILE K 262 21.25 31.39 34.75
C ILE K 262 22.21 32.57 34.74
N ASN K 263 21.68 33.77 35.05
CA ASN K 263 22.47 35.00 35.11
C ASN K 263 21.88 35.84 36.24
N GLU K 264 22.47 35.72 37.43
CA GLU K 264 21.97 36.39 38.61
C GLU K 264 23.00 37.32 39.26
N LYS K 265 24.23 37.36 38.77
CA LYS K 265 25.28 38.08 39.49
C LYS K 265 26.28 38.77 38.57
N ASN K 266 26.85 38.03 37.62
CA ASN K 266 28.01 38.49 36.87
C ASN K 266 27.62 39.09 35.52
N PHE K 267 28.61 39.73 34.89
CA PHE K 267 28.53 40.15 33.50
C PHE K 267 28.83 38.93 32.63
N VAL K 268 27.79 38.34 32.04
CA VAL K 268 27.97 37.12 31.27
C VAL K 268 27.93 37.35 29.76
N GLY K 269 27.81 38.59 29.31
CA GLY K 269 27.92 38.85 27.89
C GLY K 269 26.59 38.78 27.18
N LEU K 270 26.43 39.65 26.18
CA LEU K 270 25.26 39.68 25.33
C LEU K 270 25.69 40.14 23.94
N ALA K 271 25.22 39.43 22.92
CA ALA K 271 25.54 39.78 21.54
C ALA K 271 24.33 39.48 20.65
N SER K 272 24.17 40.29 19.60
CA SER K 272 23.04 40.15 18.68
C SER K 272 23.53 40.26 17.25
N ASN K 273 23.07 39.36 16.39
CA ASN K 273 23.35 39.41 14.96
C ASN K 273 22.04 39.19 14.21
N GLY K 274 21.56 40.23 13.54
CA GLY K 274 20.31 40.16 12.79
C GLY K 274 19.13 39.71 13.63
N ASP K 275 18.79 38.43 13.54
CA ASP K 275 17.63 37.88 14.23
C ASP K 275 18.00 37.00 15.41
N TYR K 276 19.28 36.85 15.73
CA TYR K 276 19.72 35.92 16.76
C TYR K 276 20.40 36.65 17.91
N ILE K 277 20.17 36.13 19.11
CA ILE K 277 20.70 36.70 20.35
C ILE K 277 21.44 35.61 21.10
N ALA K 278 22.63 35.93 21.61
CA ALA K 278 23.45 34.97 22.33
C ALA K 278 23.91 35.57 23.64
N CYS K 279 23.86 34.77 24.71
CA CYS K 279 24.25 35.27 26.02
C CYS K 279 24.85 34.14 26.84
N GLY K 280 25.81 34.50 27.71
CA GLY K 280 26.42 33.53 28.59
C GLY K 280 25.52 33.13 29.73
N SER K 281 25.96 32.12 30.48
CA SER K 281 25.18 31.60 31.59
C SER K 281 26.12 31.08 32.67
N GLU K 282 25.62 31.04 33.90
CA GLU K 282 26.44 30.64 35.04
C GLU K 282 26.54 29.14 35.24
N ASN K 283 25.94 28.35 34.35
CA ASN K 283 26.23 26.92 34.29
C ASN K 283 27.33 26.60 33.29
N ASN K 284 28.25 27.54 33.07
CA ASN K 284 29.40 27.36 32.18
C ASN K 284 28.94 27.01 30.76
N SER K 285 27.97 27.78 30.26
CA SER K 285 27.38 27.48 28.97
C SER K 285 26.93 28.75 28.28
N LEU K 286 26.83 28.68 26.96
CA LEU K 286 26.32 29.75 26.11
C LEU K 286 24.95 29.36 25.58
N TYR K 287 24.03 30.34 25.57
CA TYR K 287 22.67 30.12 25.13
C TYR K 287 22.36 30.99 23.91
N LEU K 288 21.65 30.41 22.95
CA LEU K 288 21.23 31.09 21.74
C LEU K 288 19.70 31.14 21.67
N TYR K 289 19.18 32.27 21.21
CA TYR K 289 17.75 32.51 21.09
C TYR K 289 17.45 33.15 19.74
N TYR K 290 16.28 32.83 19.20
CA TYR K 290 15.70 33.57 18.09
C TYR K 290 14.87 34.70 18.65
N LYS K 291 15.09 35.92 18.15
CA LYS K 291 14.53 37.12 18.77
C LYS K 291 13.00 37.15 18.74
N GLY K 292 12.36 36.26 17.98
CA GLY K 292 10.92 36.18 17.94
C GLY K 292 10.30 35.05 18.73
N LEU K 293 11.08 34.36 19.57
CA LEU K 293 10.55 33.26 20.37
C LEU K 293 11.32 33.19 21.68
N SER K 294 10.59 32.97 22.77
CA SER K 294 11.14 33.08 24.11
C SER K 294 12.04 31.90 24.50
N LYS K 295 11.89 30.75 23.85
CA LYS K 295 12.56 29.55 24.31
C LYS K 295 13.95 29.43 23.70
N THR K 296 14.77 28.58 24.32
CA THR K 296 16.15 28.40 23.90
C THR K 296 16.21 27.68 22.56
N LEU K 297 17.05 28.20 21.66
CA LEU K 297 17.26 27.53 20.38
C LEU K 297 18.29 26.42 20.52
N LEU K 298 19.46 26.73 21.07
CA LEU K 298 20.47 25.73 21.35
C LEU K 298 21.43 26.26 22.41
N THR K 299 22.19 25.34 22.99
CA THR K 299 23.10 25.63 24.10
C THR K 299 24.41 24.91 23.87
N PHE K 300 25.52 25.58 24.20
CA PHE K 300 26.85 24.99 24.13
C PHE K 300 27.45 24.99 25.53
N LYS K 301 27.83 23.80 26.01
CA LYS K 301 28.40 23.63 27.34
C LYS K 301 29.92 23.63 27.24
N PHE K 302 30.56 24.61 27.89
CA PHE K 302 32.01 24.62 27.97
C PHE K 302 32.50 23.45 28.83
N ASP K 303 33.65 22.90 28.45
CA ASP K 303 34.32 21.95 29.32
C ASP K 303 34.94 22.70 30.51
N THR K 304 35.43 21.93 31.48
CA THR K 304 36.04 22.53 32.65
C THR K 304 37.14 21.62 33.17
N VAL K 305 38.16 22.24 33.75
CA VAL K 305 39.31 21.51 34.27
C VAL K 305 39.74 22.05 35.63
N ASN K 319 31.28 27.68 40.00
CA ASN K 319 31.54 29.11 40.11
C ASN K 319 32.04 29.68 38.78
N GLU K 320 32.18 28.81 37.79
CA GLU K 320 32.61 29.24 36.47
C GLU K 320 31.42 29.75 35.67
N PHE K 321 31.63 30.86 34.96
CA PHE K 321 30.57 31.49 34.19
C PHE K 321 31.12 32.03 32.88
N VAL K 322 30.35 31.85 31.81
CA VAL K 322 30.69 32.50 30.54
C VAL K 322 30.69 34.00 30.75
N SER K 323 31.69 34.68 30.19
CA SER K 323 31.92 36.08 30.53
C SER K 323 31.93 37.04 29.34
N ALA K 324 32.06 36.56 28.10
CA ALA K 324 32.04 37.48 26.97
C ALA K 324 31.67 36.74 25.71
N VAL K 325 30.91 37.41 24.82
CA VAL K 325 30.51 36.86 23.54
C VAL K 325 30.55 37.97 22.49
N CYS K 326 30.73 37.56 21.24
CA CYS K 326 30.78 38.52 20.13
C CYS K 326 30.51 37.79 18.82
N TRP K 327 29.57 38.31 18.03
CA TRP K 327 29.32 37.78 16.70
C TRP K 327 30.40 38.24 15.73
N ARG K 328 30.75 37.36 14.80
CA ARG K 328 31.55 37.75 13.63
C ARG K 328 30.62 38.21 12.52
N ALA K 329 30.04 39.38 12.74
CA ALA K 329 29.03 39.93 11.84
C ALA K 329 29.67 40.36 10.52
N LEU K 330 30.06 39.38 9.72
CA LEU K 330 30.67 39.65 8.42
C LEU K 330 29.65 40.35 7.52
N PRO K 331 29.92 41.60 7.11
CA PRO K 331 28.97 42.28 6.22
C PRO K 331 28.82 41.56 4.91
N ASP K 332 27.57 41.38 4.48
CA ASP K 332 27.23 40.59 3.31
C ASP K 332 27.77 39.17 3.44
N GLY K 333 27.12 38.36 4.25
CA GLY K 333 27.56 37.00 4.47
C GLY K 333 26.64 36.30 5.44
N GLU K 334 27.01 35.05 5.76
CA GLU K 334 26.24 34.22 6.68
C GLU K 334 26.90 34.28 8.05
N SER K 335 26.28 35.00 8.98
CA SER K 335 26.80 35.11 10.34
C SER K 335 26.61 33.79 11.09
N ASN K 336 27.36 32.77 10.69
CA ASN K 336 27.25 31.43 11.28
C ASN K 336 28.25 31.20 12.40
N VAL K 337 29.09 32.18 12.72
CA VAL K 337 30.21 31.99 13.63
C VAL K 337 30.25 33.13 14.63
N LEU K 338 30.62 32.82 15.87
CA LEU K 338 30.84 33.82 16.91
C LEU K 338 32.00 33.35 17.78
N ILE K 339 32.39 34.18 18.73
CA ILE K 339 33.46 33.87 19.67
C ILE K 339 32.96 34.12 21.08
N ALA K 340 33.19 33.15 21.98
CA ALA K 340 32.78 33.26 23.37
C ALA K 340 33.97 32.98 24.27
N ALA K 341 33.82 33.32 25.55
CA ALA K 341 34.89 33.16 26.53
C ALA K 341 34.29 33.16 27.93
N ASN K 342 34.78 32.25 28.78
CA ASN K 342 34.23 32.06 30.12
C ASN K 342 35.19 32.62 31.17
N SER K 343 34.86 32.39 32.44
CA SER K 343 35.61 32.96 33.54
C SER K 343 36.92 32.22 33.84
N GLN K 344 37.10 31.03 33.29
CA GLN K 344 38.39 30.34 33.40
C GLN K 344 39.42 30.86 32.40
N GLY K 345 39.06 31.85 31.59
CA GLY K 345 39.94 32.33 30.54
C GLY K 345 39.83 31.58 29.24
N THR K 346 38.98 30.56 29.16
CA THR K 346 38.86 29.79 27.94
C THR K 346 38.07 30.58 26.90
N ILE K 347 38.61 30.62 25.68
CA ILE K 347 38.01 31.31 24.55
C ILE K 347 37.81 30.29 23.43
N LYS K 348 36.62 30.32 22.82
CA LYS K 348 36.29 29.37 21.76
C LYS K 348 35.58 30.10 20.63
N VAL K 349 36.05 29.85 19.41
CA VAL K 349 35.35 30.26 18.20
C VAL K 349 34.38 29.13 17.83
N LEU K 350 33.10 29.47 17.72
CA LEU K 350 32.06 28.47 17.53
C LEU K 350 31.29 28.77 16.24
N GLU K 351 30.91 27.71 15.53
CA GLU K 351 30.17 27.83 14.29
C GLU K 351 28.82 27.14 14.45
N LEU K 352 27.75 27.83 14.04
CA LEU K 352 26.41 27.31 14.14
C LEU K 352 26.10 26.45 12.92
N VAL K 353 25.92 25.15 13.13
CA VAL K 353 25.58 24.25 12.04
C VAL K 353 24.07 23.97 12.05
N SER L 1 35.08 40.74 44.33
CA SER L 1 35.37 40.05 43.09
C SER L 1 35.10 40.95 41.89
N ASP L 2 35.45 40.48 40.70
CA ASP L 2 35.42 41.30 39.49
C ASP L 2 34.28 40.88 38.57
N GLN L 3 33.88 41.81 37.70
CA GLN L 3 32.84 41.57 36.70
C GLN L 3 31.52 41.15 37.34
N ILE L 4 31.16 41.83 38.42
CA ILE L 4 29.86 41.65 39.08
C ILE L 4 29.02 42.88 38.78
N VAL L 5 27.79 42.65 38.34
CA VAL L 5 26.90 43.76 37.98
C VAL L 5 26.48 44.49 39.25
N PRO L 6 26.54 45.82 39.28
CA PRO L 6 26.11 46.57 40.47
C PRO L 6 24.64 46.30 40.78
N GLU L 7 24.23 46.77 41.96
CA GLU L 7 22.86 46.59 42.43
C GLU L 7 22.37 47.87 43.09
N TYR L 8 21.10 48.19 42.87
CA TYR L 8 20.47 49.32 43.51
C TYR L 8 18.95 49.16 43.53
#